data_1FZF
#
_entry.id   1FZF
#
_cell.length_a   54.800
_cell.length_b   149.400
_cell.length_c   234.700
_cell.angle_alpha   90.00
_cell.angle_beta   90.00
_cell.angle_gamma   90.00
#
_symmetry.space_group_name_H-M   'P 21 21 21'
#
loop_
_entity.id
_entity.type
_entity.pdbx_description
1 polymer FIBRINOGEN
2 polymer FIBRINOGEN
3 polymer FIBRINOGEN
4 polymer FIBRINOGEN
5 non-polymer 2-acetamido-2-deoxy-beta-D-glucopyranose
6 non-polymer 'CALCIUM ION'
#
loop_
_entity_poly.entity_id
_entity_poly.type
_entity_poly.pdbx_seq_one_letter_code
_entity_poly.pdbx_strand_id
1 'polypeptide(L)'
;VSEDLRSRIEVLKRKVIEKVQHIQLLQKNVRAQLVDMKRLEVDIDIKIRSCRGSCSRALAREVDLKDYEDQQKQLEQVIA
KDLLPSR
;
A,D
2 'polypeptide(L)'
;DNENVVNEYSSELEKHQLYIDETVNSNIPTNLRVLRSILENLRSKIQKLESDVSAQMEYCRTPCTVSCNIPVVSGKECEE
IIRKGGETSEMYLIQPDSSVKPYRVYCDMNTENGGWTVIQNRQDGSVDFGRKWDPYKQGFGNVATNTDGKNYCGLPGEYW
LGNDKISQLTRMGPTELLIEMEDWKGDKVKAHYGGFTVQNEANKYQISVNKYRGTAGNALMDGASQLMGENRTMTIHNGM
FFSTYDRDNDGWLTSDPRKQCSKEDGGGWWYNRCHAANPNGRYYWGGQYTWDMAKHGTDDGVVWMNWKGSWYSMRKMSMK
IRPFFPQQ
;
B,E
3 'polypeptide(L)'
;KMLEEIMKYEASILTHDSSIRYLQEIYNSNNQKIVNLKEKVAQLEAQCQEPCKDTVQIHDITGKDCQDIANKGAKQSGLY
FIKPLKANQQFLVYCEIDGSGNGWTVFQKRLDGSVDFKKNWIQYKEGFGHLSPTGTTEFWLGNEKIHLISTQSAIPYALR
VELEDWNGRTSTADYAMFKVGPEADKYRLTYAYFAGGDAGDAFDGFDFGDDPSDKFFTSHNGMQFSTWDNDNDKFEGNCA
EQDGSGWWMNKCHAGHLNGVYYQGGTYSKASTPNGYDNGIIWATWKTRWYSMKKTTMKIIPFNRLTIGEGQQHHLGGAK
;
C,F
4 'polypeptide(L)' GHRP S,T,M,N
#
loop_
_chem_comp.id
_chem_comp.type
_chem_comp.name
_chem_comp.formula
CA non-polymer 'CALCIUM ION' 'Ca 2'
NAG D-saccharide, beta linking 2-acetamido-2-deoxy-beta-D-glucopyranose 'C8 H15 N O6'
#
# COMPACT_ATOMS: atom_id res chain seq x y z
N VAL A 16 -17.04 -84.53 -71.96
CA VAL A 16 -15.60 -84.53 -71.55
C VAL A 16 -15.03 -83.12 -71.36
N ILE A 17 -15.88 -82.10 -71.51
CA ILE A 17 -15.47 -80.71 -71.37
C ILE A 17 -15.60 -80.14 -69.95
N GLU A 18 -15.14 -80.91 -68.97
CA GLU A 18 -15.22 -80.49 -67.56
C GLU A 18 -14.45 -79.21 -67.27
N LYS A 19 -13.58 -78.83 -68.20
CA LYS A 19 -12.77 -77.63 -68.06
C LYS A 19 -13.17 -76.52 -69.02
N VAL A 20 -14.44 -76.13 -68.96
CA VAL A 20 -14.97 -75.06 -69.82
C VAL A 20 -15.82 -74.18 -68.90
N GLN A 21 -16.86 -74.79 -68.35
CA GLN A 21 -17.75 -74.10 -67.42
C GLN A 21 -17.07 -74.03 -66.06
N HIS A 22 -16.06 -74.88 -65.88
CA HIS A 22 -15.30 -74.91 -64.64
C HIS A 22 -14.41 -73.69 -64.58
N ILE A 23 -14.01 -73.20 -65.75
CA ILE A 23 -13.15 -72.03 -65.86
C ILE A 23 -13.91 -70.74 -66.08
N GLN A 24 -14.87 -70.74 -67.00
CA GLN A 24 -15.66 -69.54 -67.27
C GLN A 24 -16.29 -68.97 -66.00
N LEU A 25 -16.32 -69.80 -64.96
CA LEU A 25 -16.87 -69.39 -63.68
C LEU A 25 -15.72 -68.89 -62.81
N LEU A 26 -14.66 -69.70 -62.71
CA LEU A 26 -13.47 -69.37 -61.91
C LEU A 26 -13.03 -67.96 -62.25
N GLN A 27 -12.92 -67.68 -63.54
CA GLN A 27 -12.50 -66.37 -64.01
C GLN A 27 -13.50 -65.29 -63.58
N LYS A 28 -14.79 -65.62 -63.62
CA LYS A 28 -15.81 -64.67 -63.22
C LYS A 28 -15.66 -64.45 -61.71
N ASN A 29 -15.19 -65.47 -61.01
CA ASN A 29 -15.00 -65.39 -59.56
C ASN A 29 -13.79 -64.58 -59.10
N VAL A 30 -12.75 -64.52 -59.92
CA VAL A 30 -11.56 -63.75 -59.58
C VAL A 30 -11.80 -62.27 -59.86
N ARG A 31 -12.63 -62.01 -60.88
CA ARG A 31 -13.01 -60.65 -61.24
C ARG A 31 -13.64 -60.06 -60.00
N ALA A 32 -14.47 -60.87 -59.34
CA ALA A 32 -15.16 -60.49 -58.12
C ALA A 32 -14.12 -60.31 -57.01
N GLN A 33 -13.19 -61.25 -56.96
CA GLN A 33 -12.12 -61.24 -55.96
C GLN A 33 -11.37 -59.91 -55.98
N LEU A 34 -11.05 -59.46 -57.19
CA LEU A 34 -10.33 -58.21 -57.38
C LEU A 34 -11.06 -57.02 -56.79
N VAL A 35 -12.36 -56.93 -57.07
CA VAL A 35 -13.15 -55.83 -56.55
C VAL A 35 -13.10 -55.81 -55.04
N ASP A 36 -13.52 -56.92 -54.42
CA ASP A 36 -13.52 -57.04 -52.97
C ASP A 36 -12.14 -56.72 -52.44
N MET A 37 -11.15 -56.98 -53.26
CA MET A 37 -9.76 -56.75 -52.92
C MET A 37 -9.36 -55.27 -53.05
N LYS A 38 -9.67 -54.69 -54.20
CA LYS A 38 -9.37 -53.29 -54.50
C LYS A 38 -9.97 -52.40 -53.44
N ARG A 39 -11.27 -52.59 -53.20
CA ARG A 39 -11.99 -51.81 -52.21
C ARG A 39 -11.37 -52.02 -50.83
N LEU A 40 -10.88 -53.22 -50.59
CA LEU A 40 -10.28 -53.54 -49.32
C LEU A 40 -8.99 -52.77 -49.11
N GLU A 41 -8.11 -52.77 -50.10
CA GLU A 41 -6.86 -52.04 -49.98
C GLU A 41 -7.17 -50.56 -49.68
N VAL A 42 -8.16 -50.02 -50.39
CA VAL A 42 -8.56 -48.63 -50.21
C VAL A 42 -9.10 -48.41 -48.81
N ASP A 43 -10.03 -49.26 -48.40
CA ASP A 43 -10.62 -49.15 -47.07
C ASP A 43 -9.49 -49.10 -46.07
N ILE A 44 -8.53 -50.01 -46.22
CA ILE A 44 -7.40 -50.10 -45.33
C ILE A 44 -6.53 -48.84 -45.41
N ASP A 45 -6.21 -48.44 -46.64
CA ASP A 45 -5.41 -47.26 -46.89
C ASP A 45 -6.00 -46.07 -46.13
N ILE A 46 -7.32 -46.00 -46.15
CA ILE A 46 -8.06 -44.96 -45.48
C ILE A 46 -8.07 -45.14 -43.96
N LYS A 47 -8.41 -46.34 -43.50
CA LYS A 47 -8.47 -46.61 -42.07
C LYS A 47 -7.14 -46.39 -41.39
N ILE A 48 -6.06 -46.70 -42.11
CA ILE A 48 -4.74 -46.52 -41.54
C ILE A 48 -4.45 -45.05 -41.36
N ARG A 49 -4.72 -44.27 -42.41
CA ARG A 49 -4.49 -42.85 -42.36
C ARG A 49 -5.30 -42.20 -41.25
N SER A 50 -6.50 -42.71 -41.00
CA SER A 50 -7.34 -42.15 -39.95
C SER A 50 -6.77 -42.35 -38.56
N CYS A 51 -5.66 -43.09 -38.44
CA CYS A 51 -5.03 -43.32 -37.14
C CYS A 51 -3.93 -42.32 -36.80
N ARG A 52 -3.50 -41.56 -37.82
CA ARG A 52 -2.46 -40.54 -37.66
C ARG A 52 -2.92 -39.57 -36.57
N GLY A 53 -4.22 -39.32 -36.54
CA GLY A 53 -4.79 -38.42 -35.54
C GLY A 53 -5.20 -39.09 -34.26
N SER A 54 -4.76 -40.33 -34.03
CA SER A 54 -5.10 -41.05 -32.81
C SER A 54 -3.91 -41.75 -32.14
N CYS A 55 -3.09 -42.40 -32.96
CA CYS A 55 -1.92 -43.14 -32.46
C CYS A 55 -0.62 -42.35 -32.50
N SER A 56 0.39 -42.83 -31.77
CA SER A 56 1.72 -42.20 -31.69
C SER A 56 2.28 -41.79 -33.05
N ARG A 57 1.91 -42.54 -34.09
CA ARG A 57 2.33 -42.25 -35.45
C ARG A 57 1.64 -43.19 -36.45
N ALA A 58 1.63 -42.82 -37.71
CA ALA A 58 0.97 -43.65 -38.70
C ALA A 58 1.90 -44.10 -39.80
N LEU A 59 1.78 -45.37 -40.13
CA LEU A 59 2.56 -46.01 -41.17
C LEU A 59 2.35 -45.31 -42.50
N ALA A 60 3.45 -44.93 -43.16
CA ALA A 60 3.35 -44.28 -44.46
C ALA A 60 3.22 -45.35 -45.54
N ARG A 61 2.28 -45.14 -46.46
CA ARG A 61 2.08 -46.10 -47.53
C ARG A 61 1.29 -45.56 -48.72
N GLU A 62 1.72 -45.96 -49.91
CA GLU A 62 1.09 -45.54 -51.16
C GLU A 62 0.39 -46.74 -51.76
N VAL A 63 -0.84 -46.54 -52.24
CA VAL A 63 -1.61 -47.62 -52.85
C VAL A 63 -1.25 -47.80 -54.32
N ASP A 64 -0.75 -48.98 -54.67
CA ASP A 64 -0.39 -49.26 -56.05
C ASP A 64 -1.62 -49.80 -56.74
N LEU A 65 -2.56 -48.90 -56.99
CA LEU A 65 -3.82 -49.24 -57.64
C LEU A 65 -3.61 -49.51 -59.13
N LYS A 66 -2.44 -49.14 -59.63
CA LYS A 66 -2.12 -49.38 -61.03
C LYS A 66 -1.85 -50.86 -61.23
N ASP A 67 -1.18 -51.44 -60.24
CA ASP A 67 -0.87 -52.87 -60.25
C ASP A 67 -2.20 -53.57 -60.44
N TYR A 68 -3.25 -52.99 -59.84
CA TYR A 68 -4.60 -53.51 -59.93
C TYR A 68 -5.16 -53.29 -61.32
N GLU A 69 -5.11 -52.05 -61.79
CA GLU A 69 -5.60 -51.72 -63.12
C GLU A 69 -5.00 -52.61 -64.20
N ASP A 70 -3.69 -52.69 -64.25
CA ASP A 70 -3.02 -53.52 -65.25
C ASP A 70 -3.42 -54.98 -65.13
N GLN A 71 -3.57 -55.46 -63.90
CA GLN A 71 -3.96 -56.84 -63.67
C GLN A 71 -5.41 -57.11 -64.02
N GLN A 72 -6.26 -56.08 -63.94
CA GLN A 72 -7.67 -56.25 -64.27
C GLN A 72 -7.93 -56.07 -65.77
N LYS A 73 -6.98 -55.43 -66.45
CA LYS A 73 -7.07 -55.21 -67.90
C LYS A 73 -6.63 -56.47 -68.63
N GLN A 74 -5.71 -57.20 -68.01
CA GLN A 74 -5.18 -58.45 -68.56
C GLN A 74 -6.24 -59.55 -68.47
N LEU A 75 -7.24 -59.32 -67.63
CA LEU A 75 -8.33 -60.27 -67.43
C LEU A 75 -9.42 -60.14 -68.47
N GLU A 76 -9.82 -58.91 -68.77
CA GLU A 76 -10.86 -58.68 -69.77
C GLU A 76 -10.34 -59.06 -71.16
N GLN A 77 -9.02 -59.08 -71.30
CA GLN A 77 -8.37 -59.44 -72.56
C GLN A 77 -8.73 -60.89 -72.87
N VAL A 78 -9.01 -61.66 -71.82
CA VAL A 78 -9.37 -63.06 -71.92
C VAL A 78 -10.83 -63.28 -72.34
N ILE A 79 -11.74 -62.56 -71.71
CA ILE A 79 -13.16 -62.67 -71.99
C ILE A 79 -13.51 -62.31 -73.44
N ALA A 80 -13.63 -63.35 -74.26
CA ALA A 80 -13.95 -63.19 -75.68
C ALA A 80 -14.26 -64.54 -76.33
N LYS A 81 -13.67 -65.60 -75.77
CA LYS A 81 -13.85 -66.96 -76.29
C LYS A 81 -15.32 -67.45 -76.23
N ASP A 82 -15.65 -68.24 -75.21
CA ASP A 82 -17.01 -68.75 -75.06
C ASP A 82 -17.90 -67.75 -74.34
N VAL B 24 -6.87 -77.56 -83.47
CA VAL B 24 -8.12 -78.30 -83.14
C VAL B 24 -9.30 -78.45 -82.18
N ASN B 25 -9.02 -78.38 -80.88
CA ASN B 25 -10.00 -78.51 -79.80
C ASN B 25 -9.33 -77.47 -78.89
N SER B 26 -8.61 -77.92 -77.86
CA SER B 26 -7.94 -77.01 -76.94
C SER B 26 -6.74 -76.33 -77.60
N ASN B 27 -6.98 -75.14 -78.12
CA ASN B 27 -5.94 -74.37 -78.80
C ASN B 27 -4.82 -73.97 -77.84
N ILE B 28 -5.11 -73.00 -76.96
CA ILE B 28 -4.11 -72.53 -76.00
C ILE B 28 -4.65 -72.26 -74.59
N PRO B 29 -5.08 -73.32 -73.87
CA PRO B 29 -5.61 -73.19 -72.52
C PRO B 29 -4.49 -72.94 -71.49
N THR B 30 -3.28 -73.35 -71.85
CA THR B 30 -2.12 -73.19 -70.99
C THR B 30 -1.68 -71.73 -70.96
N ASN B 31 -1.81 -71.04 -72.09
CA ASN B 31 -1.43 -69.64 -72.17
C ASN B 31 -2.49 -68.79 -71.46
N LEU B 32 -3.28 -69.46 -70.62
CA LEU B 32 -4.30 -68.80 -69.83
C LEU B 32 -3.79 -68.74 -68.40
N ARG B 33 -2.47 -68.74 -68.26
CA ARG B 33 -1.82 -68.64 -66.97
C ARG B 33 -1.68 -67.16 -66.67
N VAL B 34 -2.32 -66.35 -67.52
CA VAL B 34 -2.37 -64.91 -67.38
C VAL B 34 -3.52 -64.70 -66.38
N LEU B 35 -3.60 -65.66 -65.47
CA LEU B 35 -4.58 -65.74 -64.41
C LEU B 35 -3.84 -66.21 -63.16
N ARG B 36 -2.77 -66.97 -63.38
CA ARG B 36 -1.92 -67.46 -62.31
C ARG B 36 -1.07 -66.26 -61.84
N SER B 37 -0.50 -65.54 -62.81
CA SER B 37 0.31 -64.34 -62.57
C SER B 37 -0.47 -63.35 -61.70
N ILE B 38 -1.80 -63.50 -61.73
CA ILE B 38 -2.71 -62.65 -60.97
C ILE B 38 -2.73 -63.06 -59.51
N LEU B 39 -3.15 -64.30 -59.26
CA LEU B 39 -3.26 -64.84 -57.91
C LEU B 39 -1.96 -64.81 -57.12
N GLU B 40 -0.83 -64.93 -57.82
CA GLU B 40 0.47 -64.89 -57.16
C GLU B 40 0.61 -63.53 -56.48
N ASN B 41 0.20 -62.49 -57.22
CA ASN B 41 0.25 -61.12 -56.72
C ASN B 41 -0.72 -60.92 -55.57
N LEU B 42 -1.91 -61.50 -55.68
CA LEU B 42 -2.90 -61.35 -54.63
C LEU B 42 -2.44 -62.00 -53.34
N ARG B 43 -1.88 -63.19 -53.47
CA ARG B 43 -1.38 -63.93 -52.32
C ARG B 43 -0.34 -63.11 -51.58
N SER B 44 0.46 -62.38 -52.34
CA SER B 44 1.50 -61.53 -51.76
C SER B 44 0.90 -60.25 -51.19
N LYS B 45 -0.11 -59.72 -51.87
CA LYS B 45 -0.78 -58.50 -51.44
C LYS B 45 -1.28 -58.65 -50.02
N ILE B 46 -1.99 -59.75 -49.75
CA ILE B 46 -2.53 -60.02 -48.43
C ILE B 46 -1.46 -59.95 -47.37
N GLN B 47 -0.30 -60.52 -47.67
CA GLN B 47 0.82 -60.51 -46.75
C GLN B 47 1.12 -59.07 -46.41
N LYS B 48 1.40 -58.29 -47.46
CA LYS B 48 1.75 -56.87 -47.30
C LYS B 48 0.74 -56.18 -46.40
N LEU B 49 -0.54 -56.33 -46.73
CA LEU B 49 -1.61 -55.72 -45.97
C LEU B 49 -1.63 -56.14 -44.53
N GLU B 50 -1.81 -57.43 -44.28
CA GLU B 50 -1.85 -57.94 -42.92
C GLU B 50 -0.67 -57.44 -42.10
N SER B 51 0.47 -57.23 -42.77
CA SER B 51 1.67 -56.73 -42.09
C SER B 51 1.45 -55.28 -41.69
N ASP B 52 1.05 -54.47 -42.66
CA ASP B 52 0.82 -53.05 -42.43
C ASP B 52 -0.11 -52.79 -41.24
N VAL B 53 -1.20 -53.54 -41.18
CA VAL B 53 -2.14 -53.39 -40.10
C VAL B 53 -1.50 -53.68 -38.75
N SER B 54 -0.93 -54.87 -38.60
CA SER B 54 -0.28 -55.26 -37.36
C SER B 54 0.76 -54.24 -36.95
N ALA B 55 1.35 -53.60 -37.95
CA ALA B 55 2.37 -52.59 -37.71
C ALA B 55 1.67 -51.40 -37.10
N GLN B 56 0.53 -51.01 -37.68
CA GLN B 56 -0.23 -49.89 -37.19
C GLN B 56 -0.81 -50.20 -35.81
N MET B 57 -1.20 -51.46 -35.63
CA MET B 57 -1.74 -51.93 -34.37
C MET B 57 -0.74 -51.58 -33.27
N GLU B 58 0.52 -51.85 -33.56
CA GLU B 58 1.63 -51.59 -32.65
C GLU B 58 1.81 -50.11 -32.39
N TYR B 59 1.83 -49.30 -33.45
CA TYR B 59 2.00 -47.85 -33.30
C TYR B 59 0.92 -47.30 -32.40
N CYS B 60 -0.19 -48.01 -32.33
CA CYS B 60 -1.32 -47.62 -31.51
C CYS B 60 -1.26 -48.03 -30.04
N ARG B 61 -0.13 -48.56 -29.60
CA ARG B 61 0.04 -48.94 -28.19
C ARG B 61 0.08 -47.60 -27.49
N THR B 62 0.90 -46.72 -28.04
CA THR B 62 1.09 -45.36 -27.55
C THR B 62 0.31 -44.38 -28.42
N PRO B 63 -0.33 -43.39 -27.79
CA PRO B 63 -1.13 -42.34 -28.43
C PRO B 63 -0.35 -41.10 -28.85
N CYS B 64 -1.00 -40.26 -29.65
CA CYS B 64 -0.41 -39.00 -30.10
C CYS B 64 -0.74 -37.99 -29.01
N THR B 65 0.10 -36.98 -28.87
CA THR B 65 -0.13 -35.96 -27.86
C THR B 65 0.10 -34.55 -28.36
N VAL B 66 -0.51 -33.61 -27.66
CA VAL B 66 -0.39 -32.20 -27.97
C VAL B 66 -0.33 -31.46 -26.63
N SER B 67 0.01 -30.18 -26.69
CA SER B 67 0.09 -29.36 -25.50
C SER B 67 -0.39 -28.01 -25.94
N CYS B 68 -1.70 -27.84 -25.93
CA CYS B 68 -2.31 -26.59 -26.35
C CYS B 68 -2.54 -25.61 -25.22
N ASN B 69 -1.54 -24.77 -25.00
CA ASN B 69 -1.60 -23.77 -23.95
C ASN B 69 -2.65 -22.76 -24.35
N ILE B 70 -3.52 -22.47 -23.40
CA ILE B 70 -4.64 -21.59 -23.61
C ILE B 70 -4.38 -20.09 -23.63
N PRO B 71 -4.76 -19.42 -24.73
CA PRO B 71 -4.61 -17.99 -24.92
C PRO B 71 -5.34 -17.26 -23.79
N VAL B 72 -4.77 -16.15 -23.31
CA VAL B 72 -5.39 -15.41 -22.22
C VAL B 72 -6.81 -14.96 -22.57
N VAL B 73 -6.98 -14.48 -23.79
CA VAL B 73 -8.28 -13.98 -24.23
C VAL B 73 -9.35 -15.02 -24.60
N SER B 74 -10.58 -14.73 -24.21
CA SER B 74 -11.72 -15.60 -24.47
C SER B 74 -12.93 -14.73 -24.80
N GLY B 75 -14.00 -15.36 -25.26
CA GLY B 75 -15.21 -14.63 -25.59
C GLY B 75 -16.36 -15.57 -25.86
N LYS B 76 -17.49 -15.02 -26.30
CA LYS B 76 -18.66 -15.84 -26.60
C LYS B 76 -18.30 -16.71 -27.77
N GLU B 77 -17.50 -16.14 -28.67
CA GLU B 77 -17.05 -16.83 -29.85
C GLU B 77 -15.90 -16.08 -30.52
N CYS B 78 -15.43 -16.61 -31.65
CA CYS B 78 -14.29 -16.01 -32.35
C CYS B 78 -14.38 -14.55 -32.74
N GLU B 79 -15.55 -14.11 -33.21
CA GLU B 79 -15.75 -12.72 -33.59
C GLU B 79 -15.50 -11.83 -32.37
N GLU B 80 -16.14 -12.18 -31.26
CA GLU B 80 -15.96 -11.40 -30.05
C GLU B 80 -14.48 -11.35 -29.74
N ILE B 81 -13.84 -12.51 -29.77
CA ILE B 81 -12.41 -12.64 -29.49
C ILE B 81 -11.55 -11.70 -30.33
N ILE B 82 -11.74 -11.71 -31.64
CA ILE B 82 -10.94 -10.84 -32.49
C ILE B 82 -11.23 -9.37 -32.17
N ARG B 83 -12.43 -9.10 -31.68
CA ARG B 83 -12.80 -7.73 -31.29
C ARG B 83 -12.03 -7.37 -30.03
N LYS B 84 -11.80 -8.38 -29.18
CA LYS B 84 -11.07 -8.17 -27.94
C LYS B 84 -9.56 -8.18 -28.17
N GLY B 85 -9.14 -8.14 -29.43
CA GLY B 85 -7.72 -8.11 -29.74
C GLY B 85 -7.05 -9.40 -30.20
N GLY B 86 -7.83 -10.47 -30.34
CA GLY B 86 -7.28 -11.74 -30.78
C GLY B 86 -7.00 -11.73 -32.27
N GLU B 87 -5.79 -11.37 -32.65
CA GLU B 87 -5.41 -11.28 -34.05
C GLU B 87 -4.90 -12.55 -34.73
N THR B 88 -4.42 -13.50 -33.94
CA THR B 88 -3.88 -14.73 -34.52
C THR B 88 -4.86 -15.91 -34.60
N SER B 89 -4.78 -16.64 -35.71
CA SER B 89 -5.62 -17.82 -35.91
C SER B 89 -5.02 -18.96 -35.09
N GLU B 90 -5.80 -19.47 -34.13
CA GLU B 90 -5.35 -20.56 -33.27
C GLU B 90 -6.48 -21.08 -32.40
N MET B 91 -6.17 -21.95 -31.45
CA MET B 91 -7.19 -22.50 -30.57
C MET B 91 -7.50 -21.56 -29.41
N TYR B 92 -8.78 -21.23 -29.29
CA TYR B 92 -9.26 -20.37 -28.21
C TYR B 92 -10.32 -21.08 -27.40
N LEU B 93 -10.52 -20.56 -26.20
CA LEU B 93 -11.51 -21.12 -25.33
C LEU B 93 -12.70 -20.20 -25.42
N ILE B 94 -13.84 -20.74 -25.82
CA ILE B 94 -15.00 -19.90 -25.93
C ILE B 94 -16.12 -20.42 -25.06
N GLN B 95 -16.91 -19.49 -24.55
CA GLN B 95 -18.04 -19.83 -23.73
C GLN B 95 -19.21 -19.02 -24.26
N PRO B 96 -20.00 -19.60 -25.18
CA PRO B 96 -21.16 -18.99 -25.81
C PRO B 96 -22.29 -18.65 -24.84
N ASP B 97 -22.33 -19.36 -23.72
CA ASP B 97 -23.35 -19.13 -22.71
C ASP B 97 -22.82 -19.52 -21.34
N SER B 98 -23.10 -18.69 -20.34
CA SER B 98 -22.66 -18.96 -18.99
C SER B 98 -23.23 -20.28 -18.51
N SER B 99 -24.35 -20.69 -19.09
CA SER B 99 -24.97 -21.95 -18.71
C SER B 99 -24.00 -23.08 -19.02
N VAL B 100 -23.48 -23.07 -20.24
CA VAL B 100 -22.55 -24.09 -20.70
C VAL B 100 -21.11 -23.86 -20.20
N LYS B 101 -20.30 -24.91 -20.32
CA LYS B 101 -18.90 -24.89 -19.90
C LYS B 101 -18.02 -24.50 -21.10
N PRO B 102 -17.05 -23.59 -20.88
CA PRO B 102 -16.12 -23.10 -21.90
C PRO B 102 -15.46 -24.26 -22.64
N TYR B 103 -15.40 -24.16 -23.96
CA TYR B 103 -14.77 -25.21 -24.71
C TYR B 103 -13.79 -24.68 -25.72
N ARG B 104 -12.91 -25.58 -26.14
CA ARG B 104 -11.86 -25.28 -27.11
C ARG B 104 -12.43 -25.25 -28.50
N VAL B 105 -11.89 -24.37 -29.32
CA VAL B 105 -12.33 -24.24 -30.69
C VAL B 105 -11.23 -23.54 -31.48
N TYR B 106 -11.20 -23.77 -32.78
CA TYR B 106 -10.20 -23.14 -33.61
C TYR B 106 -10.80 -21.92 -34.29
N CYS B 107 -10.13 -20.78 -34.14
CA CYS B 107 -10.57 -19.53 -34.74
C CYS B 107 -9.76 -19.12 -35.96
N ASP B 108 -10.44 -18.66 -37.02
CA ASP B 108 -9.77 -18.18 -38.24
C ASP B 108 -9.84 -16.66 -38.25
N MET B 109 -8.74 -16.00 -37.89
CA MET B 109 -8.74 -14.55 -37.86
C MET B 109 -8.10 -13.92 -39.09
N ASN B 110 -7.94 -14.67 -40.17
CA ASN B 110 -7.31 -14.13 -41.37
C ASN B 110 -8.22 -14.09 -42.58
N THR B 111 -9.01 -15.14 -42.75
CA THR B 111 -9.91 -15.24 -43.88
C THR B 111 -11.08 -14.27 -43.81
N GLU B 112 -11.35 -13.61 -44.93
CA GLU B 112 -12.46 -12.65 -45.05
C GLU B 112 -12.73 -11.87 -43.78
N ASN B 113 -11.77 -11.03 -43.39
CA ASN B 113 -11.89 -10.21 -42.20
C ASN B 113 -11.78 -10.94 -40.87
N GLY B 114 -11.51 -12.24 -40.91
CA GLY B 114 -11.36 -13.01 -39.68
C GLY B 114 -12.60 -13.08 -38.79
N GLY B 115 -12.47 -13.72 -37.62
CA GLY B 115 -13.59 -13.84 -36.70
C GLY B 115 -14.43 -15.10 -36.88
N TRP B 116 -13.89 -16.06 -37.62
CA TRP B 116 -14.58 -17.33 -37.90
C TRP B 116 -14.34 -18.43 -36.87
N THR B 117 -15.39 -19.18 -36.60
CA THR B 117 -15.34 -20.29 -35.66
C THR B 117 -15.41 -21.55 -36.51
N VAL B 118 -14.33 -22.31 -36.56
CA VAL B 118 -14.30 -23.54 -37.35
C VAL B 118 -15.19 -24.61 -36.75
N ILE B 119 -16.10 -25.11 -37.58
CA ILE B 119 -17.08 -26.11 -37.19
C ILE B 119 -16.68 -27.52 -37.65
N GLN B 120 -16.10 -27.57 -38.84
CA GLN B 120 -15.67 -28.82 -39.45
C GLN B 120 -14.42 -28.53 -40.25
N ASN B 121 -13.49 -29.47 -40.23
CA ASN B 121 -12.26 -29.28 -40.96
C ASN B 121 -11.75 -30.63 -41.44
N ARG B 122 -11.40 -30.68 -42.73
CA ARG B 122 -10.87 -31.87 -43.38
C ARG B 122 -9.63 -31.34 -44.09
N GLN B 123 -8.53 -32.08 -44.04
CA GLN B 123 -7.30 -31.59 -44.66
C GLN B 123 -6.19 -32.61 -44.86
N ASP B 124 -6.25 -33.74 -44.17
CA ASP B 124 -5.21 -34.76 -44.29
C ASP B 124 -5.69 -36.18 -44.05
N GLY B 125 -7.00 -36.34 -43.82
CA GLY B 125 -7.59 -37.65 -43.60
C GLY B 125 -7.17 -38.32 -42.30
N SER B 126 -6.70 -37.51 -41.36
CA SER B 126 -6.24 -37.99 -40.06
C SER B 126 -7.33 -38.34 -39.05
N VAL B 127 -8.60 -38.09 -39.39
CA VAL B 127 -9.71 -38.40 -38.49
C VAL B 127 -10.84 -39.08 -39.23
N ASP B 128 -11.42 -40.11 -38.59
CA ASP B 128 -12.52 -40.88 -39.16
C ASP B 128 -13.83 -40.13 -38.99
N PHE B 129 -14.43 -39.74 -40.10
CA PHE B 129 -15.68 -39.03 -40.03
C PHE B 129 -16.87 -39.95 -40.14
N GLY B 130 -16.60 -41.23 -40.38
CA GLY B 130 -17.66 -42.21 -40.46
C GLY B 130 -17.98 -42.63 -39.04
N ARG B 131 -18.79 -41.84 -38.36
CA ARG B 131 -19.15 -42.13 -36.97
C ARG B 131 -20.63 -42.19 -36.65
N LYS B 132 -20.93 -42.59 -35.43
CA LYS B 132 -22.30 -42.72 -34.96
C LYS B 132 -22.94 -41.42 -34.49
N TRP B 133 -24.20 -41.50 -34.08
CA TRP B 133 -24.99 -40.37 -33.61
C TRP B 133 -24.35 -39.52 -32.51
N ASP B 134 -24.02 -40.16 -31.40
CA ASP B 134 -23.45 -39.48 -30.25
C ASP B 134 -22.14 -38.75 -30.53
N PRO B 135 -21.18 -39.40 -31.18
CA PRO B 135 -19.91 -38.73 -31.47
C PRO B 135 -20.13 -37.45 -32.26
N TYR B 136 -21.05 -37.49 -33.22
CA TYR B 136 -21.35 -36.32 -34.03
C TYR B 136 -22.09 -35.25 -33.20
N LYS B 137 -22.79 -35.69 -32.16
CA LYS B 137 -23.53 -34.81 -31.26
C LYS B 137 -22.57 -34.16 -30.25
N GLN B 138 -21.67 -34.97 -29.72
CA GLN B 138 -20.69 -34.53 -28.75
C GLN B 138 -19.54 -33.77 -29.39
N GLY B 139 -19.24 -34.11 -30.63
CA GLY B 139 -18.13 -33.50 -31.35
C GLY B 139 -16.99 -34.51 -31.33
N PHE B 140 -16.09 -34.43 -32.30
CA PHE B 140 -14.96 -35.36 -32.33
C PHE B 140 -13.78 -34.85 -33.12
N GLY B 141 -12.65 -35.54 -33.01
CA GLY B 141 -11.45 -35.15 -33.72
C GLY B 141 -10.49 -34.27 -32.95
N ASN B 142 -9.55 -33.66 -33.67
CA ASN B 142 -8.57 -32.79 -33.06
C ASN B 142 -8.78 -31.34 -33.45
N VAL B 143 -9.16 -30.52 -32.48
CA VAL B 143 -9.40 -29.10 -32.72
C VAL B 143 -8.17 -28.44 -33.28
N ALA B 144 -7.03 -28.65 -32.62
CA ALA B 144 -5.77 -28.04 -33.06
C ALA B 144 -4.52 -28.79 -32.63
N THR B 145 -3.39 -28.46 -33.26
CA THR B 145 -2.10 -29.08 -32.97
C THR B 145 -0.97 -28.06 -32.94
N ASN B 146 0.10 -28.39 -32.22
CA ASN B 146 1.27 -27.53 -32.07
C ASN B 146 2.03 -27.29 -33.38
N THR B 147 2.58 -26.09 -33.51
CA THR B 147 3.34 -25.68 -34.68
C THR B 147 4.80 -26.12 -34.56
N ASP B 148 5.49 -26.23 -35.70
CA ASP B 148 6.89 -26.65 -35.81
C ASP B 148 7.68 -26.71 -34.51
N GLY B 149 7.97 -25.55 -33.96
CA GLY B 149 8.70 -25.46 -32.71
C GLY B 149 8.07 -24.42 -31.82
N LYS B 150 6.75 -24.43 -31.73
CA LYS B 150 6.01 -23.47 -30.91
C LYS B 150 5.26 -24.11 -29.76
N ASN B 151 5.02 -23.32 -28.72
CA ASN B 151 4.31 -23.77 -27.52
C ASN B 151 2.79 -23.54 -27.54
N TYR B 152 2.25 -23.33 -28.72
CA TYR B 152 0.82 -23.13 -28.87
C TYR B 152 0.30 -23.84 -30.13
N CYS B 153 -0.96 -24.30 -30.04
CA CYS B 153 -1.60 -25.01 -31.15
C CYS B 153 -2.20 -24.04 -32.18
N GLY B 154 -1.36 -23.61 -33.12
CA GLY B 154 -1.78 -22.68 -34.14
C GLY B 154 -2.21 -23.32 -35.44
N LEU B 155 -2.25 -24.64 -35.46
CA LEU B 155 -2.66 -25.38 -36.64
C LEU B 155 -3.93 -26.13 -36.37
N PRO B 156 -4.92 -25.98 -37.25
CA PRO B 156 -6.20 -26.67 -37.06
C PRO B 156 -6.05 -28.14 -37.32
N GLY B 157 -6.95 -28.93 -36.73
CA GLY B 157 -6.93 -30.37 -36.93
C GLY B 157 -8.24 -30.75 -37.60
N GLU B 158 -8.32 -31.98 -38.08
CA GLU B 158 -9.55 -32.45 -38.70
C GLU B 158 -10.48 -32.68 -37.55
N TYR B 159 -11.64 -32.04 -37.59
CA TYR B 159 -12.58 -32.21 -36.52
C TYR B 159 -13.97 -31.81 -36.88
N TRP B 160 -14.87 -32.11 -35.96
CA TRP B 160 -16.28 -31.80 -36.11
C TRP B 160 -16.75 -31.34 -34.75
N LEU B 161 -17.02 -30.06 -34.63
CA LEU B 161 -17.50 -29.51 -33.36
C LEU B 161 -18.84 -30.19 -33.12
N GLY B 162 -19.14 -30.54 -31.88
CA GLY B 162 -20.41 -31.21 -31.62
C GLY B 162 -21.66 -30.58 -32.25
N ASN B 163 -22.67 -31.40 -32.54
CA ASN B 163 -23.93 -30.89 -33.12
C ASN B 163 -24.69 -29.99 -32.16
N ASP B 164 -24.66 -30.34 -30.88
CA ASP B 164 -25.33 -29.52 -29.87
C ASP B 164 -24.67 -28.14 -29.83
N LYS B 165 -23.34 -28.14 -29.84
CA LYS B 165 -22.57 -26.90 -29.81
C LYS B 165 -22.91 -26.06 -31.04
N ILE B 166 -22.82 -26.69 -32.21
CA ILE B 166 -23.12 -26.02 -33.47
C ILE B 166 -24.51 -25.42 -33.43
N SER B 167 -25.48 -26.24 -33.04
CA SER B 167 -26.87 -25.81 -32.97
C SER B 167 -27.03 -24.58 -32.08
N GLN B 168 -26.68 -24.75 -30.81
CA GLN B 168 -26.77 -23.69 -29.83
C GLN B 168 -26.14 -22.38 -30.34
N LEU B 169 -25.09 -22.49 -31.15
CA LEU B 169 -24.43 -21.32 -31.69
C LEU B 169 -25.26 -20.60 -32.75
N THR B 170 -25.78 -21.34 -33.71
CA THR B 170 -26.59 -20.73 -34.78
C THR B 170 -27.92 -20.15 -34.27
N ARG B 171 -28.23 -20.44 -33.01
CA ARG B 171 -29.47 -19.96 -32.40
C ARG B 171 -29.33 -18.78 -31.45
N MET B 172 -28.10 -18.29 -31.26
CA MET B 172 -27.89 -17.13 -30.41
C MET B 172 -28.46 -15.93 -31.17
N GLY B 173 -28.22 -15.94 -32.48
CA GLY B 173 -28.69 -14.88 -33.34
C GLY B 173 -28.40 -15.25 -34.78
N PRO B 174 -28.64 -14.33 -35.73
CA PRO B 174 -28.39 -14.59 -37.16
C PRO B 174 -26.93 -15.02 -37.33
N THR B 175 -26.72 -16.04 -38.18
CA THR B 175 -25.38 -16.57 -38.39
C THR B 175 -25.10 -16.89 -39.85
N GLU B 176 -23.90 -16.59 -40.31
CA GLU B 176 -23.52 -16.86 -41.69
C GLU B 176 -22.55 -18.04 -41.75
N LEU B 177 -22.53 -18.72 -42.89
CA LEU B 177 -21.68 -19.88 -43.05
C LEU B 177 -20.74 -19.77 -44.21
N LEU B 178 -19.51 -20.17 -43.96
CA LEU B 178 -18.50 -20.16 -44.98
C LEU B 178 -17.92 -21.55 -45.17
N ILE B 179 -17.97 -22.03 -46.40
CA ILE B 179 -17.47 -23.34 -46.72
C ILE B 179 -16.40 -23.24 -47.78
N GLU B 180 -15.19 -23.67 -47.44
CA GLU B 180 -14.08 -23.63 -48.37
C GLU B 180 -13.60 -25.03 -48.71
N MET B 181 -13.18 -25.21 -49.95
CA MET B 181 -12.69 -26.48 -50.41
C MET B 181 -11.51 -26.28 -51.34
N GLU B 182 -10.64 -27.27 -51.41
CA GLU B 182 -9.47 -27.18 -52.24
C GLU B 182 -9.23 -28.53 -52.87
N ASP B 183 -8.99 -28.53 -54.17
CA ASP B 183 -8.73 -29.78 -54.88
C ASP B 183 -7.27 -30.13 -54.70
N TRP B 184 -6.86 -31.25 -55.27
CA TRP B 184 -5.50 -31.70 -55.13
C TRP B 184 -4.54 -30.98 -56.09
N LYS B 185 -5.09 -30.17 -56.99
CA LYS B 185 -4.28 -29.43 -57.96
C LYS B 185 -3.91 -28.06 -57.40
N GLY B 186 -4.54 -27.68 -56.30
CA GLY B 186 -4.24 -26.38 -55.69
C GLY B 186 -5.35 -25.36 -55.84
N ASP B 187 -6.26 -25.61 -56.77
CA ASP B 187 -7.39 -24.71 -56.98
C ASP B 187 -8.32 -24.75 -55.79
N LYS B 188 -9.07 -23.67 -55.59
CA LYS B 188 -9.99 -23.61 -54.47
C LYS B 188 -11.17 -22.71 -54.76
N VAL B 189 -12.33 -23.04 -54.19
CA VAL B 189 -13.54 -22.27 -54.36
C VAL B 189 -14.27 -22.23 -53.02
N LYS B 190 -15.32 -21.42 -52.95
CA LYS B 190 -16.08 -21.27 -51.71
C LYS B 190 -17.56 -21.15 -51.97
N ALA B 191 -18.33 -21.26 -50.89
CA ALA B 191 -19.77 -21.14 -50.94
C ALA B 191 -20.14 -20.42 -49.67
N HIS B 192 -20.81 -19.28 -49.84
CA HIS B 192 -21.19 -18.49 -48.69
C HIS B 192 -22.70 -18.37 -48.54
N TYR B 193 -23.21 -18.82 -47.39
CA TYR B 193 -24.64 -18.75 -47.11
C TYR B 193 -24.79 -17.75 -45.98
N GLY B 194 -25.48 -16.64 -46.27
CA GLY B 194 -25.69 -15.61 -45.27
C GLY B 194 -26.63 -15.99 -44.15
N GLY B 195 -27.38 -17.06 -44.36
CA GLY B 195 -28.29 -17.53 -43.35
C GLY B 195 -27.96 -18.99 -43.13
N PHE B 196 -27.80 -19.37 -41.86
CA PHE B 196 -27.47 -20.74 -41.50
C PHE B 196 -28.01 -21.03 -40.11
N THR B 197 -28.84 -22.05 -40.01
CA THR B 197 -29.41 -22.39 -38.72
C THR B 197 -29.62 -23.88 -38.56
N VAL B 198 -29.17 -24.40 -37.43
CA VAL B 198 -29.30 -25.82 -37.12
C VAL B 198 -30.12 -26.00 -35.87
N GLN B 199 -31.19 -26.78 -36.00
CA GLN B 199 -32.08 -27.03 -34.88
C GLN B 199 -31.44 -27.92 -33.82
N ASN B 200 -32.21 -28.23 -32.79
CA ASN B 200 -31.74 -29.07 -31.69
C ASN B 200 -31.91 -30.56 -31.99
N GLU B 201 -31.48 -31.38 -31.04
CA GLU B 201 -31.56 -32.82 -31.19
C GLU B 201 -32.99 -33.26 -31.46
N ALA B 202 -33.93 -32.69 -30.70
CA ALA B 202 -35.33 -33.02 -30.85
C ALA B 202 -35.81 -32.84 -32.30
N ASN B 203 -35.33 -31.79 -32.95
CA ASN B 203 -35.70 -31.52 -34.34
C ASN B 203 -34.73 -32.16 -35.30
N LYS B 204 -34.03 -33.19 -34.81
CA LYS B 204 -33.07 -33.93 -35.62
C LYS B 204 -32.04 -33.03 -36.31
N TYR B 205 -31.74 -31.91 -35.66
CA TYR B 205 -30.77 -30.94 -36.17
C TYR B 205 -31.07 -30.51 -37.60
N GLN B 206 -32.35 -30.23 -37.86
CA GLN B 206 -32.77 -29.81 -39.18
C GLN B 206 -31.99 -28.58 -39.62
N ILE B 207 -31.47 -28.64 -40.84
CA ILE B 207 -30.68 -27.54 -41.36
C ILE B 207 -31.49 -26.59 -42.23
N SER B 208 -31.10 -25.31 -42.19
CA SER B 208 -31.73 -24.26 -42.96
C SER B 208 -30.66 -23.24 -43.37
N VAL B 209 -30.53 -23.06 -44.67
CA VAL B 209 -29.56 -22.13 -45.23
C VAL B 209 -30.25 -21.23 -46.24
N ASN B 210 -29.59 -20.11 -46.56
CA ASN B 210 -30.13 -19.16 -47.53
C ASN B 210 -29.12 -18.07 -47.77
N LYS B 211 -29.38 -17.29 -48.81
CA LYS B 211 -28.53 -16.19 -49.19
C LYS B 211 -27.15 -16.70 -49.58
N TYR B 212 -27.14 -17.50 -50.63
CA TYR B 212 -25.90 -18.06 -51.15
C TYR B 212 -25.18 -17.06 -52.06
N ARG B 213 -23.87 -17.27 -52.21
CA ARG B 213 -23.00 -16.47 -53.05
C ARG B 213 -21.65 -17.17 -52.99
N GLY B 214 -21.02 -17.35 -54.14
CA GLY B 214 -19.73 -18.01 -54.14
C GLY B 214 -19.25 -18.47 -55.51
N THR B 215 -18.18 -19.25 -55.48
CA THR B 215 -17.58 -19.79 -56.70
C THR B 215 -17.83 -21.28 -56.88
N ALA B 216 -18.29 -21.93 -55.83
CA ALA B 216 -18.64 -23.35 -55.90
C ALA B 216 -20.12 -23.28 -56.28
N GLY B 217 -20.83 -24.39 -56.21
CA GLY B 217 -22.24 -24.30 -56.57
C GLY B 217 -23.10 -24.28 -55.33
N ASN B 218 -24.36 -23.85 -55.46
CA ASN B 218 -25.26 -23.85 -54.32
C ASN B 218 -25.79 -25.27 -54.14
N ALA B 219 -24.90 -26.18 -53.80
CA ALA B 219 -25.25 -27.58 -53.60
C ALA B 219 -26.29 -27.76 -52.50
N LEU B 220 -26.16 -26.98 -51.44
CA LEU B 220 -27.06 -27.12 -50.32
C LEU B 220 -28.50 -26.73 -50.59
N MET B 221 -28.69 -25.71 -51.41
CA MET B 221 -30.04 -25.26 -51.71
C MET B 221 -30.61 -25.73 -53.03
N ASP B 222 -29.77 -25.81 -54.05
CA ASP B 222 -30.20 -26.23 -55.37
C ASP B 222 -29.91 -27.68 -55.76
N GLY B 223 -29.18 -28.39 -54.92
CA GLY B 223 -28.84 -29.77 -55.27
C GLY B 223 -27.86 -29.78 -56.44
N ALA B 224 -27.44 -30.96 -56.86
CA ALA B 224 -26.48 -31.10 -57.96
C ALA B 224 -26.93 -30.50 -59.29
N SER B 225 -26.06 -29.73 -59.92
CA SER B 225 -26.37 -29.10 -61.20
C SER B 225 -26.33 -30.08 -62.38
N GLN B 226 -25.68 -31.22 -62.18
CA GLN B 226 -25.57 -32.24 -63.23
C GLN B 226 -26.87 -33.00 -63.44
N LEU B 227 -27.68 -33.07 -62.39
CA LEU B 227 -28.93 -33.80 -62.45
C LEU B 227 -30.09 -32.91 -62.85
N MET B 228 -31.16 -33.53 -63.34
CA MET B 228 -32.36 -32.80 -63.76
C MET B 228 -33.61 -33.36 -63.10
N GLY B 229 -34.68 -32.58 -63.17
CA GLY B 229 -35.96 -32.98 -62.61
C GLY B 229 -35.90 -33.42 -61.16
N GLU B 230 -36.77 -34.35 -60.80
CA GLU B 230 -36.83 -34.86 -59.44
C GLU B 230 -35.50 -35.44 -59.03
N ASN B 231 -34.69 -35.82 -60.01
CA ASN B 231 -33.38 -36.38 -59.73
C ASN B 231 -32.51 -35.33 -59.06
N ARG B 232 -32.66 -34.07 -59.48
CA ARG B 232 -31.90 -32.98 -58.88
C ARG B 232 -32.44 -32.64 -57.50
N THR B 233 -33.75 -32.38 -57.44
CA THR B 233 -34.40 -31.98 -56.20
C THR B 233 -34.13 -32.89 -55.01
N MET B 234 -33.93 -34.19 -55.26
CA MET B 234 -33.67 -35.11 -54.16
C MET B 234 -32.26 -35.03 -53.58
N THR B 235 -31.46 -34.09 -54.08
CA THR B 235 -30.10 -33.90 -53.59
C THR B 235 -29.94 -32.55 -52.88
N ILE B 236 -31.07 -31.89 -52.62
CA ILE B 236 -31.05 -30.61 -51.92
C ILE B 236 -30.94 -30.91 -50.43
N HIS B 237 -29.98 -30.27 -49.77
CA HIS B 237 -29.74 -30.50 -48.34
C HIS B 237 -30.54 -29.55 -47.45
N ASN B 238 -30.87 -28.40 -48.01
CA ASN B 238 -31.61 -27.39 -47.28
C ASN B 238 -32.89 -28.01 -46.73
N GLY B 239 -33.07 -27.85 -45.43
CA GLY B 239 -34.24 -28.37 -44.77
C GLY B 239 -34.17 -29.82 -44.36
N MET B 240 -33.05 -30.47 -44.67
CA MET B 240 -32.89 -31.88 -44.31
C MET B 240 -32.58 -32.10 -42.84
N PHE B 241 -32.66 -33.36 -42.44
CA PHE B 241 -32.35 -33.77 -41.08
C PHE B 241 -31.00 -34.46 -41.07
N PHE B 242 -30.32 -34.39 -39.93
CA PHE B 242 -29.03 -35.04 -39.83
C PHE B 242 -29.25 -36.53 -39.62
N SER B 243 -28.42 -37.32 -40.28
CA SER B 243 -28.51 -38.76 -40.20
C SER B 243 -27.14 -39.45 -40.17
N THR B 244 -26.93 -40.32 -39.17
CA THR B 244 -25.71 -41.11 -39.03
C THR B 244 -26.04 -42.55 -39.43
N TYR B 245 -25.05 -43.43 -39.48
CA TYR B 245 -25.35 -44.81 -39.88
C TYR B 245 -26.14 -45.63 -38.87
N ASP B 246 -26.39 -45.03 -37.70
CA ASP B 246 -27.17 -45.69 -36.66
C ASP B 246 -28.40 -44.84 -36.33
N ARG B 247 -28.79 -43.98 -37.29
CA ARG B 247 -29.94 -43.11 -37.10
C ARG B 247 -30.42 -42.57 -38.47
N ASP B 248 -31.32 -43.31 -39.11
CA ASP B 248 -31.87 -42.95 -40.42
C ASP B 248 -32.88 -41.81 -40.36
N ASN B 249 -32.55 -40.68 -40.97
CA ASN B 249 -33.43 -39.52 -41.02
C ASN B 249 -33.33 -38.87 -42.39
N ASP B 250 -32.94 -39.66 -43.38
CA ASP B 250 -32.80 -39.14 -44.72
C ASP B 250 -34.12 -39.12 -45.51
N GLY B 251 -34.11 -38.42 -46.62
CA GLY B 251 -35.29 -38.32 -47.46
C GLY B 251 -35.39 -39.50 -48.39
N TRP B 252 -34.89 -40.65 -47.93
CA TRP B 252 -34.92 -41.86 -48.71
C TRP B 252 -35.88 -42.84 -48.06
N LEU B 253 -37.17 -42.61 -48.26
CA LEU B 253 -38.22 -43.45 -47.70
C LEU B 253 -38.18 -44.83 -48.34
N THR B 254 -37.76 -45.82 -47.55
CA THR B 254 -37.65 -47.20 -48.03
C THR B 254 -37.73 -48.19 -46.85
N SER B 255 -37.44 -49.47 -47.12
CA SER B 255 -37.49 -50.52 -46.11
C SER B 255 -36.19 -51.32 -45.99
N ASP B 256 -35.43 -51.39 -47.08
CA ASP B 256 -34.16 -52.13 -47.12
C ASP B 256 -33.17 -51.48 -46.14
N PRO B 257 -32.75 -52.22 -45.10
CA PRO B 257 -31.82 -51.74 -44.08
C PRO B 257 -30.42 -51.37 -44.58
N ARG B 258 -29.84 -52.19 -45.45
CA ARG B 258 -28.51 -51.93 -46.00
C ARG B 258 -28.50 -50.72 -46.95
N LYS B 259 -29.66 -50.38 -47.49
CA LYS B 259 -29.80 -49.27 -48.43
C LYS B 259 -30.16 -47.93 -47.77
N GLN B 260 -29.17 -47.29 -47.17
CA GLN B 260 -29.34 -45.98 -46.52
C GLN B 260 -28.25 -45.02 -47.00
N CYS B 261 -28.50 -43.71 -46.89
CA CYS B 261 -27.54 -42.70 -47.33
C CYS B 261 -26.21 -42.65 -46.58
N SER B 262 -26.26 -42.64 -45.24
CA SER B 262 -25.07 -42.54 -44.42
C SER B 262 -24.12 -43.73 -44.50
N LYS B 263 -24.62 -44.92 -44.20
CA LYS B 263 -23.81 -46.14 -44.21
C LYS B 263 -23.11 -46.38 -45.54
N GLU B 264 -23.63 -45.75 -46.59
CA GLU B 264 -23.03 -45.89 -47.91
C GLU B 264 -22.13 -44.74 -48.31
N ASP B 265 -22.46 -43.53 -47.85
CA ASP B 265 -21.69 -42.35 -48.22
C ASP B 265 -20.75 -41.74 -47.18
N GLY B 266 -20.21 -42.56 -46.29
CA GLY B 266 -19.27 -42.03 -45.31
C GLY B 266 -19.77 -41.69 -43.94
N GLY B 267 -19.75 -40.41 -43.60
CA GLY B 267 -20.17 -40.01 -42.27
C GLY B 267 -21.56 -39.42 -42.12
N GLY B 268 -21.72 -38.66 -41.04
CA GLY B 268 -22.98 -38.01 -40.75
C GLY B 268 -23.13 -36.74 -41.57
N TRP B 269 -24.36 -36.48 -41.99
CA TRP B 269 -24.63 -35.31 -42.81
C TRP B 269 -26.13 -35.14 -42.96
N TRP B 270 -26.55 -33.97 -43.43
CA TRP B 270 -27.97 -33.74 -43.65
C TRP B 270 -28.30 -34.31 -45.01
N TYR B 271 -28.45 -35.63 -45.06
CA TYR B 271 -28.78 -36.32 -46.30
C TYR B 271 -30.26 -36.25 -46.64
N ASN B 272 -30.53 -36.09 -47.93
CA ASN B 272 -31.89 -36.03 -48.48
C ASN B 272 -32.03 -37.43 -49.06
N ARG B 273 -32.31 -37.54 -50.36
CA ARG B 273 -32.37 -38.86 -51.00
C ARG B 273 -30.91 -39.01 -51.40
N CYS B 274 -30.12 -38.71 -50.38
CA CYS B 274 -28.67 -38.71 -50.31
C CYS B 274 -27.93 -37.37 -50.44
N HIS B 275 -27.14 -37.13 -51.49
CA HIS B 275 -26.41 -35.87 -51.48
C HIS B 275 -25.93 -35.20 -52.76
N ALA B 276 -25.56 -33.94 -52.59
CA ALA B 276 -25.00 -33.10 -53.63
C ALA B 276 -23.67 -32.61 -53.04
N ALA B 277 -23.58 -32.62 -51.71
CA ALA B 277 -22.40 -32.20 -50.97
C ALA B 277 -22.19 -33.17 -49.80
N ASN B 278 -20.97 -33.70 -49.69
CA ASN B 278 -20.63 -34.65 -48.65
C ASN B 278 -19.25 -34.35 -48.02
N PRO B 279 -19.18 -33.29 -47.22
CA PRO B 279 -17.96 -32.83 -46.53
C PRO B 279 -17.42 -33.83 -45.52
N ASN B 280 -18.33 -34.56 -44.89
CA ASN B 280 -17.96 -35.56 -43.90
C ASN B 280 -17.86 -36.92 -44.51
N GLY B 281 -17.45 -36.93 -45.78
CA GLY B 281 -17.31 -38.17 -46.51
C GLY B 281 -16.07 -38.91 -46.09
N ARG B 282 -15.51 -39.67 -47.02
CA ARG B 282 -14.31 -40.45 -46.77
C ARG B 282 -13.16 -39.78 -47.50
N TYR B 283 -12.05 -39.63 -46.80
CA TYR B 283 -10.89 -38.97 -47.37
C TYR B 283 -10.10 -39.80 -48.37
N TYR B 284 -10.52 -39.74 -49.62
CA TYR B 284 -9.84 -40.45 -50.69
C TYR B 284 -8.58 -39.68 -51.08
N TRP B 285 -7.43 -40.32 -50.91
CA TRP B 285 -6.17 -39.68 -51.25
C TRP B 285 -6.07 -39.55 -52.76
N GLY B 286 -5.51 -38.43 -53.23
CA GLY B 286 -5.39 -38.21 -54.65
C GLY B 286 -6.58 -37.50 -55.26
N GLY B 287 -7.74 -37.62 -54.62
CA GLY B 287 -8.94 -36.97 -55.11
C GLY B 287 -9.80 -37.80 -56.05
N GLN B 288 -9.25 -38.14 -57.21
CA GLN B 288 -9.98 -38.92 -58.19
C GLN B 288 -10.14 -40.35 -57.69
N TYR B 289 -11.39 -40.81 -57.62
CA TYR B 289 -11.68 -42.17 -57.19
C TYR B 289 -12.83 -42.77 -57.99
N THR B 290 -12.98 -44.10 -57.90
CA THR B 290 -14.03 -44.78 -58.64
C THR B 290 -14.91 -45.69 -57.81
N TRP B 291 -16.03 -46.08 -58.41
CA TRP B 291 -17.02 -46.93 -57.76
C TRP B 291 -16.45 -48.26 -57.24
N ASP B 292 -15.43 -48.77 -57.92
CA ASP B 292 -14.82 -50.02 -57.53
C ASP B 292 -13.84 -49.82 -56.39
N MET B 293 -13.80 -48.60 -55.88
CA MET B 293 -12.93 -48.26 -54.75
C MET B 293 -13.81 -48.01 -53.54
N ALA B 294 -14.99 -47.44 -53.80
CA ALA B 294 -15.94 -47.12 -52.74
C ALA B 294 -16.43 -48.39 -52.04
N LYS B 295 -16.42 -48.37 -50.71
CA LYS B 295 -16.84 -49.52 -49.90
C LYS B 295 -18.22 -50.08 -50.26
N HIS B 296 -19.09 -49.23 -50.77
CA HIS B 296 -20.43 -49.67 -51.14
C HIS B 296 -20.78 -49.33 -52.59
N GLY B 297 -19.78 -48.88 -53.34
CA GLY B 297 -19.96 -48.51 -54.74
C GLY B 297 -20.70 -47.21 -54.96
N THR B 298 -20.62 -46.30 -53.98
CA THR B 298 -21.28 -45.00 -54.05
C THR B 298 -20.24 -43.91 -53.83
N ASP B 299 -20.50 -42.72 -54.36
CA ASP B 299 -19.59 -41.60 -54.18
C ASP B 299 -19.60 -41.13 -52.73
N ASP B 300 -18.81 -41.80 -51.90
CA ASP B 300 -18.74 -41.49 -50.48
C ASP B 300 -17.58 -40.59 -50.04
N GLY B 301 -16.92 -39.96 -50.99
CA GLY B 301 -15.80 -39.10 -50.63
C GLY B 301 -16.22 -37.74 -50.13
N VAL B 302 -15.22 -36.89 -49.90
CA VAL B 302 -15.45 -35.53 -49.46
C VAL B 302 -15.79 -34.82 -50.77
N VAL B 303 -17.05 -34.95 -51.15
CA VAL B 303 -17.56 -34.41 -52.40
C VAL B 303 -18.43 -33.16 -52.37
N TRP B 304 -18.31 -32.38 -53.45
CA TRP B 304 -19.10 -31.17 -53.70
C TRP B 304 -19.36 -31.25 -55.19
N MET B 305 -20.39 -32.02 -55.54
CA MET B 305 -20.76 -32.28 -56.91
C MET B 305 -20.78 -31.06 -57.83
N ASN B 306 -21.48 -30.01 -57.40
CA ASN B 306 -21.61 -28.78 -58.19
C ASN B 306 -20.33 -28.19 -58.75
N TRP B 307 -19.19 -28.60 -58.19
CA TRP B 307 -17.92 -28.09 -58.67
C TRP B 307 -17.09 -29.08 -59.49
N LYS B 308 -16.83 -30.25 -58.95
CA LYS B 308 -16.03 -31.23 -59.66
C LYS B 308 -16.63 -32.63 -59.78
N GLY B 309 -17.96 -32.72 -59.77
CA GLY B 309 -18.60 -34.01 -59.90
C GLY B 309 -18.60 -34.82 -58.62
N SER B 310 -19.01 -36.09 -58.73
CA SER B 310 -19.09 -36.97 -57.57
C SER B 310 -17.94 -37.96 -57.38
N TRP B 311 -17.05 -38.03 -58.36
CA TRP B 311 -15.92 -38.96 -58.27
C TRP B 311 -14.61 -38.25 -57.99
N TYR B 312 -14.72 -37.17 -57.22
CA TYR B 312 -13.58 -36.37 -56.81
C TYR B 312 -13.75 -35.92 -55.35
N SER B 313 -12.79 -36.34 -54.52
CA SER B 313 -12.77 -36.02 -53.10
C SER B 313 -11.80 -34.86 -52.89
N MET B 314 -12.28 -33.78 -52.29
CA MET B 314 -11.42 -32.61 -52.05
C MET B 314 -10.24 -32.92 -51.15
N ARG B 315 -9.19 -32.13 -51.27
CA ARG B 315 -8.01 -32.30 -50.44
C ARG B 315 -8.23 -31.58 -49.12
N LYS B 316 -8.93 -30.46 -49.21
CA LYS B 316 -9.25 -29.65 -48.03
C LYS B 316 -10.70 -29.20 -48.11
N MET B 317 -11.40 -29.27 -46.98
CA MET B 317 -12.80 -28.91 -46.90
C MET B 317 -13.02 -28.40 -45.49
N SER B 318 -13.71 -27.27 -45.37
CA SER B 318 -13.96 -26.69 -44.05
C SER B 318 -15.27 -25.94 -44.01
N MET B 319 -15.83 -25.83 -42.81
CA MET B 319 -17.07 -25.13 -42.57
C MET B 319 -16.84 -24.16 -41.43
N LYS B 320 -17.09 -22.88 -41.69
CA LYS B 320 -16.90 -21.84 -40.68
C LYS B 320 -18.16 -21.03 -40.51
N ILE B 321 -18.35 -20.51 -39.31
CA ILE B 321 -19.52 -19.71 -39.04
C ILE B 321 -19.17 -18.43 -38.31
N ARG B 322 -19.96 -17.40 -38.55
CA ARG B 322 -19.77 -16.10 -37.92
C ARG B 322 -21.11 -15.37 -37.89
N PRO B 323 -21.35 -14.55 -36.86
CA PRO B 323 -22.59 -13.81 -36.74
C PRO B 323 -22.79 -12.87 -37.93
N PHE B 324 -24.05 -12.70 -38.35
CA PHE B 324 -24.38 -11.87 -39.50
C PHE B 324 -24.18 -10.37 -39.23
N PHE B 325 -24.90 -9.53 -39.98
CA PHE B 325 -24.80 -8.08 -39.84
C PHE B 325 -24.87 -7.56 -38.39
N PRO B 326 -25.94 -7.90 -37.64
CA PRO B 326 -26.06 -7.44 -36.24
C PRO B 326 -25.09 -8.14 -35.27
N THR C 15 -4.14 -84.55 -69.88
CA THR C 15 -4.78 -83.29 -69.42
C THR C 15 -3.98 -82.60 -68.33
N HIS C 16 -4.57 -81.57 -67.73
CA HIS C 16 -3.93 -80.81 -66.66
C HIS C 16 -5.01 -80.25 -65.74
N ASP C 17 -5.92 -81.12 -65.32
CA ASP C 17 -7.03 -80.73 -64.45
C ASP C 17 -6.55 -80.47 -63.03
N SER C 18 -5.38 -81.01 -62.70
CA SER C 18 -4.78 -80.84 -61.39
C SER C 18 -4.68 -79.36 -61.06
N SER C 19 -4.41 -78.56 -62.08
CA SER C 19 -4.28 -77.11 -61.93
C SER C 19 -5.53 -76.48 -61.34
N ILE C 20 -6.66 -76.67 -62.03
CA ILE C 20 -7.93 -76.12 -61.60
C ILE C 20 -8.16 -76.40 -60.12
N ARG C 21 -7.83 -77.62 -59.70
CA ARG C 21 -7.98 -78.02 -58.31
C ARG C 21 -7.30 -76.99 -57.43
N TYR C 22 -6.04 -76.69 -57.74
CA TYR C 22 -5.25 -75.72 -56.98
C TYR C 22 -5.89 -74.34 -56.95
N LEU C 23 -6.26 -73.83 -58.12
CA LEU C 23 -6.88 -72.52 -58.23
C LEU C 23 -8.14 -72.42 -57.37
N GLN C 24 -9.07 -73.35 -57.58
CA GLN C 24 -10.30 -73.38 -56.80
C GLN C 24 -9.95 -73.37 -55.31
N GLU C 25 -8.91 -74.13 -54.95
CA GLU C 25 -8.43 -74.21 -53.58
C GLU C 25 -7.93 -72.84 -53.10
N ILE C 26 -6.98 -72.27 -53.83
CA ILE C 26 -6.41 -70.97 -53.51
C ILE C 26 -7.47 -69.87 -53.47
N TYR C 27 -8.49 -70.01 -54.29
CA TYR C 27 -9.59 -69.04 -54.32
C TYR C 27 -10.16 -68.92 -52.93
N ASN C 28 -10.55 -70.05 -52.34
CA ASN C 28 -11.12 -70.07 -51.00
C ASN C 28 -10.05 -69.81 -49.93
N SER C 29 -8.78 -69.98 -50.29
CA SER C 29 -7.69 -69.75 -49.36
C SER C 29 -7.76 -68.33 -48.84
N ASN C 30 -7.50 -67.38 -49.73
CA ASN C 30 -7.53 -65.97 -49.38
C ASN C 30 -8.94 -65.48 -49.06
N ASN C 31 -9.93 -66.13 -49.64
CA ASN C 31 -11.31 -65.77 -49.41
C ASN C 31 -11.69 -65.98 -47.94
N GLN C 32 -11.14 -67.03 -47.33
CA GLN C 32 -11.43 -67.33 -45.94
C GLN C 32 -10.63 -66.37 -45.07
N LYS C 33 -9.53 -65.87 -45.62
CA LYS C 33 -8.65 -64.91 -44.94
C LYS C 33 -9.31 -63.53 -44.84
N ILE C 34 -10.13 -63.21 -45.83
CA ILE C 34 -10.81 -61.93 -45.88
C ILE C 34 -11.77 -61.69 -44.72
N VAL C 35 -12.74 -62.58 -44.53
CA VAL C 35 -13.72 -62.42 -43.46
C VAL C 35 -13.06 -62.10 -42.13
N ASN C 36 -11.98 -62.82 -41.80
CA ASN C 36 -11.25 -62.61 -40.55
C ASN C 36 -10.51 -61.27 -40.57
N LEU C 37 -10.08 -60.85 -41.75
CA LEU C 37 -9.39 -59.59 -41.90
C LEU C 37 -10.35 -58.43 -41.65
N LYS C 38 -11.55 -58.54 -42.21
CA LYS C 38 -12.57 -57.52 -42.01
C LYS C 38 -12.85 -57.40 -40.51
N GLU C 39 -12.55 -58.47 -39.76
CA GLU C 39 -12.77 -58.49 -38.33
C GLU C 39 -11.66 -57.72 -37.64
N LYS C 40 -10.45 -57.81 -38.19
CA LYS C 40 -9.28 -57.11 -37.63
C LYS C 40 -9.49 -55.60 -37.77
N VAL C 41 -9.98 -55.23 -38.95
CA VAL C 41 -10.28 -53.84 -39.26
C VAL C 41 -11.22 -53.27 -38.22
N ALA C 42 -12.33 -53.97 -37.98
CA ALA C 42 -13.30 -53.53 -37.00
C ALA C 42 -12.60 -53.25 -35.70
N GLN C 43 -11.77 -54.20 -35.26
CA GLN C 43 -11.03 -54.07 -34.02
C GLN C 43 -10.10 -52.87 -34.09
N LEU C 44 -9.57 -52.62 -35.29
CA LEU C 44 -8.68 -51.48 -35.48
C LEU C 44 -9.48 -50.18 -35.38
N GLU C 45 -10.57 -50.15 -36.14
CA GLU C 45 -11.45 -49.00 -36.17
C GLU C 45 -11.76 -48.55 -34.74
N ALA C 46 -11.96 -49.51 -33.85
CA ALA C 46 -12.28 -49.23 -32.45
C ALA C 46 -11.14 -48.53 -31.74
N GLN C 47 -9.91 -48.87 -32.13
CA GLN C 47 -8.72 -48.27 -31.53
C GLN C 47 -8.42 -46.84 -32.02
N CYS C 48 -9.07 -46.43 -33.10
CA CYS C 48 -8.87 -45.09 -33.64
C CYS C 48 -10.15 -44.25 -33.64
N GLN C 49 -10.59 -43.85 -32.44
CA GLN C 49 -11.79 -43.05 -32.26
C GLN C 49 -11.51 -41.86 -31.35
N GLU C 50 -10.69 -42.10 -30.33
CA GLU C 50 -10.32 -41.07 -29.38
C GLU C 50 -9.27 -40.13 -29.97
N PRO C 51 -9.40 -38.82 -29.71
CA PRO C 51 -8.45 -37.82 -30.21
C PRO C 51 -7.14 -37.86 -29.44
N CYS C 52 -6.13 -37.11 -29.91
CA CYS C 52 -4.83 -37.06 -29.24
C CYS C 52 -5.02 -36.47 -27.86
N LYS C 53 -4.23 -36.93 -26.90
CA LYS C 53 -4.35 -36.42 -25.54
C LYS C 53 -3.67 -35.06 -25.39
N ASP C 54 -4.42 -34.11 -24.85
CA ASP C 54 -3.90 -32.79 -24.64
C ASP C 54 -3.35 -32.76 -23.24
N THR C 55 -2.06 -32.43 -23.13
CA THR C 55 -1.41 -32.37 -21.84
C THR C 55 -1.97 -31.24 -20.97
N VAL C 56 -2.43 -30.15 -21.60
CA VAL C 56 -2.98 -29.05 -20.83
C VAL C 56 -4.34 -29.40 -20.26
N GLN C 57 -4.49 -29.17 -18.95
CA GLN C 57 -5.73 -29.46 -18.23
C GLN C 57 -6.06 -28.35 -17.26
N ILE C 58 -7.36 -28.12 -17.11
CA ILE C 58 -7.89 -27.08 -16.22
C ILE C 58 -8.55 -27.75 -15.00
N HIS C 59 -8.07 -27.42 -13.81
CA HIS C 59 -8.59 -27.99 -12.58
C HIS C 59 -10.05 -27.58 -12.34
N ASP C 60 -10.75 -28.37 -11.52
CA ASP C 60 -12.16 -28.15 -11.22
C ASP C 60 -12.51 -27.02 -10.24
N ILE C 61 -11.59 -26.68 -9.35
CA ILE C 61 -11.84 -25.64 -8.36
C ILE C 61 -11.90 -24.22 -8.92
N THR C 62 -12.73 -23.39 -8.29
CA THR C 62 -12.91 -21.99 -8.67
C THR C 62 -12.76 -21.12 -7.42
N GLY C 63 -12.86 -19.80 -7.58
CA GLY C 63 -12.74 -18.90 -6.45
C GLY C 63 -12.65 -17.42 -6.79
N LYS C 64 -12.55 -16.60 -5.75
CA LYS C 64 -12.44 -15.16 -5.91
C LYS C 64 -11.09 -14.84 -6.52
N ASP C 65 -10.09 -15.61 -6.08
CA ASP C 65 -8.71 -15.48 -6.55
C ASP C 65 -7.96 -16.77 -6.24
N CYS C 66 -6.69 -16.82 -6.62
CA CYS C 66 -5.87 -17.99 -6.39
C CYS C 66 -5.75 -18.37 -4.94
N GLN C 67 -5.69 -17.38 -4.05
CA GLN C 67 -5.57 -17.66 -2.63
C GLN C 67 -6.80 -18.39 -2.15
N ASP C 68 -7.94 -17.86 -2.53
CA ASP C 68 -9.23 -18.43 -2.17
C ASP C 68 -9.25 -19.90 -2.55
N ILE C 69 -8.69 -20.21 -3.72
CA ILE C 69 -8.65 -21.58 -4.21
C ILE C 69 -7.79 -22.46 -3.30
N ALA C 70 -6.62 -21.98 -2.93
CA ALA C 70 -5.72 -22.76 -2.08
C ALA C 70 -6.40 -23.06 -0.74
N ASN C 71 -7.29 -22.16 -0.32
CA ASN C 71 -8.03 -22.33 0.92
C ASN C 71 -8.97 -23.50 0.77
N LYS C 72 -9.44 -23.70 -0.45
CA LYS C 72 -10.35 -24.79 -0.73
C LYS C 72 -9.63 -26.12 -0.95
N GLY C 73 -8.32 -26.14 -0.69
CA GLY C 73 -7.54 -27.36 -0.83
C GLY C 73 -6.75 -27.61 -2.10
N ALA C 74 -6.55 -26.58 -2.91
CA ALA C 74 -5.79 -26.74 -4.15
C ALA C 74 -4.33 -26.95 -3.80
N LYS C 75 -3.72 -28.01 -4.32
CA LYS C 75 -2.33 -28.31 -4.00
C LYS C 75 -1.35 -28.37 -5.18
N GLN C 76 -1.61 -27.59 -6.22
CA GLN C 76 -0.72 -27.59 -7.39
C GLN C 76 -0.86 -26.34 -8.25
N SER C 77 0.28 -25.81 -8.68
CA SER C 77 0.30 -24.63 -9.52
C SER C 77 -0.17 -24.97 -10.92
N GLY C 78 -1.27 -24.33 -11.33
CA GLY C 78 -1.79 -24.59 -12.65
C GLY C 78 -2.85 -23.60 -13.09
N LEU C 79 -3.60 -23.99 -14.11
CA LEU C 79 -4.66 -23.15 -14.65
C LEU C 79 -5.98 -23.36 -13.92
N TYR C 80 -6.62 -22.26 -13.55
CA TYR C 80 -7.91 -22.28 -12.86
C TYR C 80 -8.75 -21.13 -13.33
N PHE C 81 -10.06 -21.29 -13.24
CA PHE C 81 -10.99 -20.23 -13.63
C PHE C 81 -11.31 -19.48 -12.36
N ILE C 82 -11.47 -18.16 -12.48
CA ILE C 82 -11.86 -17.36 -11.32
C ILE C 82 -12.87 -16.34 -11.77
N LYS C 83 -13.55 -15.75 -10.78
CA LYS C 83 -14.57 -14.73 -11.04
C LYS C 83 -14.66 -13.83 -9.81
N PRO C 84 -13.90 -12.72 -9.82
CA PRO C 84 -13.88 -11.76 -8.71
C PRO C 84 -15.29 -11.30 -8.39
N LEU C 85 -15.52 -10.87 -7.15
CA LEU C 85 -16.84 -10.40 -6.74
C LEU C 85 -17.39 -9.39 -7.73
N LYS C 86 -16.49 -8.64 -8.36
CA LYS C 86 -16.84 -7.63 -9.34
C LYS C 86 -17.16 -8.18 -10.73
N ALA C 87 -16.48 -9.26 -11.10
CA ALA C 87 -16.69 -9.88 -12.42
C ALA C 87 -18.03 -10.55 -12.54
N ASN C 88 -18.58 -10.49 -13.75
CA ASN C 88 -19.87 -11.10 -14.04
C ASN C 88 -19.64 -12.20 -15.07
N GLN C 89 -18.38 -12.58 -15.23
CA GLN C 89 -17.96 -13.62 -16.16
C GLN C 89 -16.63 -14.14 -15.65
N GLN C 90 -16.52 -15.45 -15.49
CA GLN C 90 -15.29 -16.05 -15.02
C GLN C 90 -14.24 -16.01 -16.10
N PHE C 91 -12.98 -16.21 -15.70
CA PHE C 91 -11.90 -16.23 -16.67
C PHE C 91 -10.74 -17.05 -16.16
N LEU C 92 -9.98 -17.60 -17.08
CA LEU C 92 -8.85 -18.45 -16.72
C LEU C 92 -7.63 -17.68 -16.24
N VAL C 93 -6.94 -18.24 -15.26
CA VAL C 93 -5.72 -17.65 -14.72
C VAL C 93 -4.74 -18.75 -14.32
N TYR C 94 -3.48 -18.36 -14.12
CA TYR C 94 -2.46 -19.30 -13.69
C TYR C 94 -2.18 -19.02 -12.23
N CYS C 95 -2.38 -20.04 -11.39
CA CYS C 95 -2.13 -19.88 -9.96
C CYS C 95 -0.85 -20.59 -9.51
N GLU C 96 0.02 -19.85 -8.83
CA GLU C 96 1.25 -20.41 -8.29
C GLU C 96 0.98 -20.75 -6.85
N ILE C 97 1.02 -22.04 -6.54
CA ILE C 97 0.77 -22.49 -5.19
C ILE C 97 1.99 -23.16 -4.56
N ASP C 98 2.46 -22.59 -3.45
CA ASP C 98 3.62 -23.13 -2.74
C ASP C 98 3.22 -24.13 -1.68
N GLY C 99 4.22 -24.78 -1.08
CA GLY C 99 3.98 -25.77 -0.04
C GLY C 99 3.40 -25.20 1.25
N SER C 100 3.67 -23.92 1.50
CA SER C 100 3.18 -23.27 2.69
C SER C 100 1.66 -23.14 2.61
N GLY C 101 1.14 -23.02 1.39
CA GLY C 101 -0.30 -22.90 1.22
C GLY C 101 -0.73 -21.54 0.72
N ASN C 102 0.15 -20.88 0.00
CA ASN C 102 -0.15 -19.55 -0.54
C ASN C 102 -0.52 -19.60 -2.02
N GLY C 103 -1.64 -18.96 -2.34
CA GLY C 103 -2.14 -18.93 -3.70
C GLY C 103 -1.87 -17.60 -4.41
N TRP C 104 -0.80 -17.56 -5.20
CA TRP C 104 -0.42 -16.38 -5.95
C TRP C 104 -1.16 -16.34 -7.27
N THR C 105 -1.68 -15.18 -7.62
CA THR C 105 -2.38 -15.01 -8.88
C THR C 105 -1.40 -14.24 -9.77
N VAL C 106 -0.80 -14.95 -10.72
CA VAL C 106 0.17 -14.34 -11.62
C VAL C 106 -0.50 -13.60 -12.76
N PHE C 107 -0.12 -12.34 -12.97
CA PHE C 107 -0.71 -11.57 -14.05
C PHE C 107 0.25 -11.19 -15.15
N GLN C 108 1.52 -11.46 -14.95
CA GLN C 108 2.53 -11.15 -15.94
C GLN C 108 3.69 -12.12 -15.79
N LYS C 109 4.24 -12.55 -16.91
CA LYS C 109 5.36 -13.49 -16.89
C LYS C 109 6.21 -13.37 -18.17
N ARG C 110 7.54 -13.38 -18.01
CA ARG C 110 8.47 -13.29 -19.15
C ARG C 110 9.51 -14.42 -19.00
N LEU C 111 9.91 -15.04 -20.13
CA LEU C 111 10.88 -16.15 -20.10
C LEU C 111 11.85 -16.11 -21.26
N ASP C 112 11.29 -15.96 -22.45
CA ASP C 112 12.07 -15.90 -23.69
C ASP C 112 11.46 -14.78 -24.52
N GLY C 113 11.92 -14.58 -25.74
CA GLY C 113 11.32 -13.49 -26.50
C GLY C 113 10.11 -13.92 -27.29
N SER C 114 9.40 -14.95 -26.81
CA SER C 114 8.25 -15.47 -27.55
C SER C 114 7.10 -14.54 -27.87
N VAL C 115 6.66 -13.75 -26.90
CA VAL C 115 5.55 -12.83 -27.12
C VAL C 115 6.02 -11.39 -27.32
N ASP C 116 5.37 -10.69 -28.25
CA ASP C 116 5.70 -9.29 -28.53
C ASP C 116 4.81 -8.46 -27.64
N PHE C 117 5.40 -7.80 -26.65
CA PHE C 117 4.62 -6.98 -25.76
C PHE C 117 4.28 -5.63 -26.35
N LYS C 118 4.63 -5.42 -27.62
CA LYS C 118 4.31 -4.16 -28.29
C LYS C 118 2.87 -4.29 -28.79
N LYS C 119 1.93 -4.34 -27.86
CA LYS C 119 0.52 -4.47 -28.18
C LYS C 119 -0.22 -3.16 -27.92
N ASN C 120 -1.41 -3.05 -28.47
CA ASN C 120 -2.21 -1.83 -28.31
C ASN C 120 -3.05 -1.87 -27.04
N TRP C 121 -3.72 -0.75 -26.78
CA TRP C 121 -4.56 -0.59 -25.60
C TRP C 121 -5.50 -1.76 -25.32
N ILE C 122 -6.29 -2.12 -26.33
CA ILE C 122 -7.26 -3.20 -26.22
C ILE C 122 -6.62 -4.50 -25.78
N GLN C 123 -5.52 -4.84 -26.45
CA GLN C 123 -4.81 -6.07 -26.14
C GLN C 123 -4.28 -6.07 -24.71
N TYR C 124 -3.86 -4.91 -24.23
CA TYR C 124 -3.36 -4.81 -22.86
C TYR C 124 -4.52 -4.85 -21.87
N LYS C 125 -5.68 -4.41 -22.33
CA LYS C 125 -6.88 -4.42 -21.51
C LYS C 125 -7.42 -5.84 -21.31
N GLU C 126 -7.62 -6.55 -22.41
CA GLU C 126 -8.14 -7.91 -22.38
C GLU C 126 -7.06 -8.95 -22.12
N GLY C 127 -5.81 -8.56 -22.28
CA GLY C 127 -4.72 -9.50 -22.06
C GLY C 127 -4.30 -10.20 -23.33
N PHE C 128 -3.08 -10.73 -23.30
CA PHE C 128 -2.51 -11.43 -24.45
C PHE C 128 -1.43 -12.38 -23.97
N GLY C 129 -1.14 -13.37 -24.80
CA GLY C 129 -0.15 -14.37 -24.46
C GLY C 129 -0.87 -15.68 -24.25
N HIS C 130 -0.20 -16.63 -23.60
CA HIS C 130 -0.79 -17.93 -23.35
C HIS C 130 -0.61 -18.35 -21.91
N LEU C 131 -1.57 -19.15 -21.43
CA LEU C 131 -1.54 -19.67 -20.08
C LEU C 131 -1.11 -21.13 -20.16
N SER C 132 -0.24 -21.55 -19.25
CA SER C 132 0.25 -22.92 -19.23
C SER C 132 0.26 -23.47 -17.83
N PRO C 133 -0.13 -24.73 -17.67
CA PRO C 133 -0.18 -25.37 -16.35
C PRO C 133 1.20 -25.50 -15.75
N THR C 134 2.20 -25.51 -16.62
CA THR C 134 3.59 -25.62 -16.23
C THR C 134 4.19 -24.25 -15.91
N GLY C 135 3.44 -23.20 -16.22
CA GLY C 135 3.93 -21.86 -15.98
C GLY C 135 5.17 -21.56 -16.82
N THR C 136 5.30 -22.24 -17.95
CA THR C 136 6.44 -22.04 -18.82
C THR C 136 6.08 -21.30 -20.09
N THR C 137 5.26 -20.26 -19.93
CA THR C 137 4.82 -19.45 -21.05
C THR C 137 4.67 -17.96 -20.68
N GLU C 138 4.88 -17.08 -21.65
CA GLU C 138 4.77 -15.63 -21.43
C GLU C 138 3.35 -15.11 -21.59
N PHE C 139 3.00 -14.10 -20.82
CA PHE C 139 1.65 -13.54 -20.93
C PHE C 139 1.43 -12.27 -20.13
N TRP C 140 0.29 -11.67 -20.42
CA TRP C 140 -0.16 -10.47 -19.75
C TRP C 140 -1.64 -10.70 -19.58
N LEU C 141 -2.04 -11.02 -18.37
CA LEU C 141 -3.45 -11.19 -18.09
C LEU C 141 -4.01 -9.82 -18.40
N GLY C 142 -5.25 -9.74 -18.83
CA GLY C 142 -5.77 -8.40 -19.11
C GLY C 142 -5.71 -7.41 -17.96
N ASN C 143 -5.56 -6.12 -18.29
CA ASN C 143 -5.53 -5.08 -17.27
C ASN C 143 -6.88 -5.07 -16.53
N GLU C 144 -7.94 -5.24 -17.30
CA GLU C 144 -9.30 -5.27 -16.77
C GLU C 144 -9.46 -6.37 -15.73
N LYS C 145 -8.81 -7.51 -15.98
CA LYS C 145 -8.86 -8.64 -15.07
C LYS C 145 -8.06 -8.28 -13.83
N ILE C 146 -6.87 -7.75 -14.04
CA ILE C 146 -6.03 -7.36 -12.91
C ILE C 146 -6.82 -6.42 -12.02
N HIS C 147 -7.54 -5.49 -12.66
CA HIS C 147 -8.37 -4.52 -11.94
C HIS C 147 -9.42 -5.21 -11.08
N LEU C 148 -10.30 -5.96 -11.74
CA LEU C 148 -11.36 -6.69 -11.06
C LEU C 148 -10.88 -7.50 -9.89
N ILE C 149 -9.68 -8.04 -9.99
CA ILE C 149 -9.13 -8.84 -8.91
C ILE C 149 -8.66 -7.99 -7.75
N SER C 150 -7.64 -7.17 -8.00
CA SER C 150 -7.04 -6.31 -6.99
C SER C 150 -8.02 -5.44 -6.21
N THR C 151 -9.10 -5.02 -6.85
CA THR C 151 -10.08 -4.16 -6.20
C THR C 151 -11.39 -4.86 -5.84
N GLN C 152 -11.51 -6.15 -6.16
CA GLN C 152 -12.73 -6.90 -5.90
C GLN C 152 -13.27 -6.80 -4.49
N SER C 153 -12.38 -6.61 -3.53
CA SER C 153 -12.80 -6.52 -2.15
C SER C 153 -11.95 -5.57 -1.34
N ALA C 154 -12.38 -5.37 -0.11
CA ALA C 154 -11.70 -4.48 0.83
C ALA C 154 -10.34 -5.05 1.24
N ILE C 155 -10.21 -6.37 1.17
CA ILE C 155 -8.96 -7.03 1.53
C ILE C 155 -7.83 -6.51 0.65
N PRO C 156 -6.77 -5.94 1.27
CA PRO C 156 -5.64 -5.41 0.53
C PRO C 156 -4.76 -6.51 -0.05
N TYR C 157 -4.27 -6.27 -1.26
CA TYR C 157 -3.42 -7.22 -1.94
C TYR C 157 -2.00 -6.71 -1.94
N ALA C 158 -1.07 -7.64 -2.14
CA ALA C 158 0.33 -7.31 -2.19
C ALA C 158 0.83 -7.77 -3.56
N LEU C 159 1.63 -6.93 -4.20
CA LEU C 159 2.19 -7.26 -5.50
C LEU C 159 3.62 -7.69 -5.31
N ARG C 160 3.96 -8.87 -5.80
CA ARG C 160 5.34 -9.29 -5.72
C ARG C 160 5.90 -9.32 -7.12
N VAL C 161 7.12 -8.82 -7.27
CA VAL C 161 7.80 -8.79 -8.55
C VAL C 161 9.03 -9.67 -8.42
N GLU C 162 9.06 -10.77 -9.17
CA GLU C 162 10.21 -11.68 -9.14
C GLU C 162 11.04 -11.45 -10.37
N LEU C 163 12.34 -11.24 -10.16
CA LEU C 163 13.29 -11.00 -11.24
C LEU C 163 14.43 -12.01 -11.23
N GLU C 164 14.88 -12.39 -12.42
CA GLU C 164 15.97 -13.32 -12.54
C GLU C 164 16.90 -12.86 -13.65
N ASP C 165 18.17 -12.68 -13.32
CA ASP C 165 19.16 -12.25 -14.29
C ASP C 165 19.62 -13.40 -15.19
N TRP C 166 20.63 -13.16 -16.00
CA TRP C 166 21.12 -14.17 -16.91
C TRP C 166 22.19 -15.05 -16.28
N ASN C 167 22.33 -14.96 -14.97
CA ASN C 167 23.31 -15.75 -14.22
C ASN C 167 22.63 -16.62 -13.17
N GLY C 168 21.33 -16.79 -13.31
CA GLY C 168 20.57 -17.60 -12.37
C GLY C 168 20.19 -16.91 -11.07
N ARG C 169 20.76 -15.73 -10.80
CA ARG C 169 20.44 -15.01 -9.58
C ARG C 169 19.07 -14.38 -9.64
N THR C 170 18.36 -14.41 -8.51
CA THR C 170 17.02 -13.86 -8.44
C THR C 170 16.84 -12.90 -7.27
N SER C 171 15.82 -12.05 -7.38
CA SER C 171 15.50 -11.07 -6.34
C SER C 171 14.00 -10.80 -6.40
N THR C 172 13.48 -10.10 -5.40
CA THR C 172 12.06 -9.77 -5.37
C THR C 172 11.82 -8.35 -4.87
N ALA C 173 10.56 -7.92 -4.95
CA ALA C 173 10.15 -6.59 -4.50
C ALA C 173 8.65 -6.62 -4.20
N ASP C 174 8.29 -6.38 -2.95
CA ASP C 174 6.89 -6.39 -2.55
C ASP C 174 6.34 -4.98 -2.37
N TYR C 175 5.08 -4.80 -2.72
CA TYR C 175 4.43 -3.52 -2.61
C TYR C 175 3.06 -3.71 -1.97
N ALA C 176 2.87 -3.11 -0.80
CA ALA C 176 1.62 -3.20 -0.06
C ALA C 176 0.51 -2.38 -0.68
N MET C 177 -0.74 -2.84 -0.48
CA MET C 177 -1.92 -2.18 -1.02
C MET C 177 -1.84 -1.91 -2.52
N PHE C 178 -1.42 -2.94 -3.26
CA PHE C 178 -1.30 -2.84 -4.70
C PHE C 178 -2.70 -2.86 -5.28
N LYS C 179 -3.01 -1.87 -6.10
CA LYS C 179 -4.31 -1.80 -6.73
C LYS C 179 -4.19 -1.17 -8.10
N VAL C 180 -5.03 -1.64 -9.01
CA VAL C 180 -5.05 -1.11 -10.36
C VAL C 180 -6.43 -0.48 -10.56
N GLY C 181 -6.43 0.80 -10.93
CA GLY C 181 -7.69 1.50 -11.12
C GLY C 181 -8.50 1.02 -12.30
N PRO C 182 -9.75 1.48 -12.44
CA PRO C 182 -10.66 1.11 -13.53
C PRO C 182 -10.25 1.80 -14.83
N GLU C 183 -10.79 1.30 -15.93
CA GLU C 183 -10.49 1.85 -17.24
C GLU C 183 -10.81 3.34 -17.25
N ALA C 184 -11.87 3.72 -16.54
CA ALA C 184 -12.27 5.11 -16.47
C ALA C 184 -11.12 5.96 -15.95
N ASP C 185 -10.24 5.37 -15.15
CA ASP C 185 -9.08 6.09 -14.63
C ASP C 185 -7.81 5.56 -15.28
N LYS C 186 -7.95 4.99 -16.47
CA LYS C 186 -6.84 4.44 -17.23
C LYS C 186 -5.96 3.47 -16.46
N TYR C 187 -6.60 2.58 -15.71
CA TYR C 187 -5.92 1.54 -14.92
C TYR C 187 -4.66 2.04 -14.21
N ARG C 188 -4.85 3.06 -13.39
CA ARG C 188 -3.76 3.65 -12.65
C ARG C 188 -3.18 2.67 -11.62
N LEU C 189 -1.87 2.61 -11.58
CA LEU C 189 -1.17 1.75 -10.64
C LEU C 189 -1.05 2.47 -9.30
N THR C 190 -1.54 1.84 -8.24
CA THR C 190 -1.44 2.42 -6.92
C THR C 190 -0.96 1.37 -5.95
N TYR C 191 -0.36 1.83 -4.87
CA TYR C 191 0.13 0.97 -3.82
C TYR C 191 0.51 1.88 -2.68
N ALA C 192 0.22 1.43 -1.46
CA ALA C 192 0.54 2.22 -0.29
C ALA C 192 2.05 2.41 -0.11
N TYR C 193 2.79 1.31 -0.04
CA TYR C 193 4.23 1.40 0.18
C TYR C 193 5.01 0.18 -0.28
N PHE C 194 6.33 0.37 -0.38
CA PHE C 194 7.26 -0.68 -0.77
C PHE C 194 7.44 -1.59 0.42
N ALA C 195 6.91 -2.80 0.33
CA ALA C 195 7.01 -3.75 1.42
C ALA C 195 8.38 -4.42 1.57
N GLY C 196 9.37 -3.97 0.81
CA GLY C 196 10.69 -4.57 0.93
C GLY C 196 11.08 -5.60 -0.12
N GLY C 197 12.38 -5.83 -0.23
CA GLY C 197 12.92 -6.78 -1.20
C GLY C 197 14.33 -6.43 -1.65
N ASP C 198 15.13 -7.45 -1.98
CA ASP C 198 16.51 -7.25 -2.41
C ASP C 198 16.71 -6.67 -3.81
N ALA C 199 15.61 -6.54 -4.56
CA ALA C 199 15.67 -5.99 -5.91
C ALA C 199 15.63 -4.47 -5.89
N GLY C 200 15.20 -3.90 -4.78
CA GLY C 200 15.13 -2.46 -4.65
C GLY C 200 13.81 -1.90 -5.16
N ASP C 201 13.46 -0.70 -4.69
CA ASP C 201 12.21 -0.05 -5.09
C ASP C 201 12.31 0.82 -6.34
N ALA C 202 12.18 0.19 -7.51
CA ALA C 202 12.25 0.93 -8.76
C ALA C 202 10.97 1.72 -9.00
N PHE C 203 9.86 1.27 -8.43
CA PHE C 203 8.58 1.97 -8.59
C PHE C 203 8.59 3.35 -7.97
N ASP C 204 9.67 3.67 -7.27
CA ASP C 204 9.78 4.95 -6.61
C ASP C 204 10.63 5.92 -7.43
N GLY C 205 11.10 5.45 -8.58
CA GLY C 205 11.93 6.29 -9.41
C GLY C 205 13.39 6.04 -9.10
N PHE C 206 14.28 6.55 -9.97
CA PHE C 206 15.71 6.38 -9.80
C PHE C 206 16.51 7.63 -10.12
N ASP C 207 17.52 7.90 -9.29
CA ASP C 207 18.39 9.06 -9.45
C ASP C 207 19.42 8.66 -10.49
N PHE C 208 19.09 8.91 -11.77
CA PHE C 208 19.99 8.57 -12.86
C PHE C 208 21.15 9.57 -13.06
N GLY C 209 21.27 10.50 -12.12
CA GLY C 209 22.34 11.51 -12.16
C GLY C 209 21.82 12.81 -12.79
N ASP C 210 22.76 13.66 -13.16
CA ASP C 210 22.45 14.97 -13.77
C ASP C 210 21.17 15.55 -13.13
N ASP C 211 20.33 16.07 -14.01
CA ASP C 211 19.03 16.70 -13.64
C ASP C 211 18.40 16.12 -12.36
N PRO C 212 18.01 16.99 -11.40
CA PRO C 212 17.39 16.58 -10.13
C PRO C 212 16.01 15.92 -10.30
N SER C 213 15.29 16.30 -11.37
CA SER C 213 13.91 15.82 -11.63
C SER C 213 13.85 14.33 -11.97
N ASP C 214 15.01 13.75 -12.21
CA ASP C 214 15.17 12.33 -12.55
C ASP C 214 14.33 11.35 -11.76
N LYS C 215 14.68 11.19 -10.48
CA LYS C 215 13.96 10.26 -9.62
C LYS C 215 12.47 10.54 -9.62
N PHE C 216 12.08 11.81 -9.61
CA PHE C 216 10.67 12.17 -9.62
C PHE C 216 10.02 11.71 -10.91
N PHE C 217 10.68 12.00 -12.02
CA PHE C 217 10.15 11.65 -13.32
C PHE C 217 10.35 10.21 -13.77
N THR C 218 10.73 9.33 -12.85
CA THR C 218 10.88 7.91 -13.19
C THR C 218 10.19 7.01 -12.16
N SER C 219 9.38 7.61 -11.29
CA SER C 219 8.64 6.88 -10.26
C SER C 219 7.34 6.43 -10.91
N HIS C 220 6.81 5.30 -10.47
CA HIS C 220 5.58 4.78 -11.07
C HIS C 220 4.30 4.85 -10.26
N ASN C 221 4.39 5.09 -8.95
CA ASN C 221 3.19 5.14 -8.14
C ASN C 221 2.21 6.22 -8.63
N GLY C 222 0.94 5.87 -8.73
CA GLY C 222 -0.05 6.83 -9.16
C GLY C 222 -0.04 7.12 -10.64
N MET C 223 0.65 6.28 -11.41
CA MET C 223 0.71 6.47 -12.85
C MET C 223 -0.36 5.69 -13.59
N GLN C 224 -0.88 6.29 -14.65
CA GLN C 224 -1.88 5.66 -15.50
C GLN C 224 -1.15 4.83 -16.55
N PHE C 225 -1.82 3.82 -17.10
CA PHE C 225 -1.23 2.94 -18.10
C PHE C 225 -1.19 3.63 -19.47
N SER C 226 -0.16 3.34 -20.24
CA SER C 226 -0.01 3.93 -21.57
C SER C 226 0.39 2.92 -22.65
N THR C 227 -0.17 3.09 -23.83
CA THR C 227 0.12 2.26 -25.01
C THR C 227 0.45 3.21 -26.17
N TRP C 228 1.02 2.69 -27.25
CA TRP C 228 1.37 3.56 -28.37
C TRP C 228 0.16 4.32 -28.86
N ASP C 229 -0.98 3.65 -28.86
CA ASP C 229 -2.23 4.23 -29.32
C ASP C 229 -3.03 4.93 -28.23
N ASN C 230 -2.46 5.03 -27.02
CA ASN C 230 -3.13 5.68 -25.91
C ASN C 230 -2.13 6.27 -24.91
N ASP C 231 -1.59 7.45 -25.26
CA ASP C 231 -0.59 8.19 -24.48
C ASP C 231 -1.17 8.86 -23.24
N ASN C 232 -0.75 8.39 -22.07
CA ASN C 232 -1.21 8.94 -20.79
C ASN C 232 -0.04 9.22 -19.86
N ASP C 233 1.16 9.36 -20.42
CA ASP C 233 2.34 9.64 -19.61
C ASP C 233 2.49 11.12 -19.32
N LYS C 234 3.46 11.44 -18.46
CA LYS C 234 3.74 12.83 -18.09
C LYS C 234 4.92 13.32 -18.93
N PHE C 235 4.89 12.95 -20.21
CA PHE C 235 5.93 13.31 -21.15
C PHE C 235 5.27 13.91 -22.37
N GLU C 236 5.83 15.02 -22.87
CA GLU C 236 5.29 15.70 -24.06
C GLU C 236 5.26 14.76 -25.25
N GLY C 237 6.14 13.76 -25.20
CA GLY C 237 6.19 12.78 -26.27
C GLY C 237 5.41 11.53 -25.85
N ASN C 238 5.69 10.43 -26.53
CA ASN C 238 5.01 9.18 -26.26
C ASN C 238 5.98 8.09 -25.79
N CYS C 239 6.12 7.95 -24.47
CA CYS C 239 7.02 6.96 -23.85
C CYS C 239 6.79 5.55 -24.41
N ALA C 240 5.53 5.15 -24.46
CA ALA C 240 5.14 3.82 -24.96
C ALA C 240 5.52 3.57 -26.41
N GLU C 241 5.25 4.51 -27.31
CA GLU C 241 5.62 4.34 -28.71
C GLU C 241 7.14 4.31 -28.81
N GLN C 242 7.82 5.16 -28.04
CA GLN C 242 9.27 5.23 -28.08
C GLN C 242 10.01 4.04 -27.52
N ASP C 243 9.41 3.35 -26.56
CA ASP C 243 10.06 2.18 -25.97
C ASP C 243 9.36 0.89 -26.35
N GLY C 244 8.31 1.02 -27.18
CA GLY C 244 7.56 -0.12 -27.66
C GLY C 244 7.01 -1.08 -26.61
N SER C 245 6.13 -0.59 -25.75
CA SER C 245 5.57 -1.45 -24.70
C SER C 245 4.28 -0.86 -24.19
N GLY C 246 3.78 -1.48 -23.12
CA GLY C 246 2.58 -1.04 -22.45
C GLY C 246 2.97 -1.08 -21.00
N TRP C 247 2.99 0.07 -20.35
CA TRP C 247 3.38 0.12 -18.95
C TRP C 247 2.88 1.41 -18.32
N TRP C 248 2.99 1.53 -17.01
CA TRP C 248 2.57 2.72 -16.28
C TRP C 248 3.71 3.74 -16.37
N MET C 249 3.76 4.47 -17.48
CA MET C 249 4.82 5.45 -17.76
C MET C 249 4.61 6.82 -17.14
N ASN C 250 5.72 7.48 -16.82
CA ASN C 250 5.76 8.82 -16.21
C ASN C 250 7.04 9.46 -16.71
N LYS C 251 6.95 10.24 -17.80
CA LYS C 251 8.14 10.84 -18.43
C LYS C 251 9.18 9.72 -18.48
N CYS C 252 8.57 8.57 -18.73
CA CYS C 252 9.12 7.25 -18.90
C CYS C 252 9.29 6.28 -17.73
N HIS C 253 10.48 5.75 -17.46
CA HIS C 253 10.55 4.75 -16.38
C HIS C 253 11.86 4.40 -15.69
N ALA C 254 11.74 3.60 -14.65
CA ALA C 254 12.87 3.09 -13.87
C ALA C 254 12.62 1.58 -13.73
N GLY C 255 11.34 1.21 -13.83
CA GLY C 255 10.92 -0.17 -13.76
C GLY C 255 10.16 -0.35 -15.06
N HIS C 256 10.58 -1.31 -15.88
CA HIS C 256 9.94 -1.51 -17.17
C HIS C 256 9.88 -2.99 -17.54
N LEU C 257 8.98 -3.73 -16.89
CA LEU C 257 8.86 -5.16 -17.11
C LEU C 257 8.23 -5.66 -18.41
N ASN C 258 7.44 -4.83 -19.08
CA ASN C 258 6.83 -5.25 -20.35
C ASN C 258 7.69 -4.77 -21.52
N GLY C 259 8.97 -4.55 -21.22
CA GLY C 259 9.91 -4.06 -22.22
C GLY C 259 10.37 -5.08 -23.25
N VAL C 260 11.23 -4.62 -24.15
CA VAL C 260 11.77 -5.47 -25.22
C VAL C 260 12.72 -6.51 -24.66
N TYR C 261 12.54 -7.75 -25.08
CA TYR C 261 13.39 -8.83 -24.63
C TYR C 261 14.71 -8.90 -25.37
N TYR C 262 15.78 -8.55 -24.67
CA TYR C 262 17.13 -8.59 -25.24
C TYR C 262 17.81 -9.87 -24.78
N GLN C 263 18.32 -10.63 -25.72
CA GLN C 263 18.99 -11.88 -25.42
C GLN C 263 20.33 -11.53 -24.76
N GLY C 264 20.71 -12.29 -23.75
CA GLY C 264 21.97 -12.05 -23.07
C GLY C 264 21.90 -11.05 -21.92
N GLY C 265 20.90 -10.18 -21.93
CA GLY C 265 20.76 -9.20 -20.87
C GLY C 265 21.32 -7.85 -21.25
N THR C 266 22.63 -7.77 -21.42
CA THR C 266 23.29 -6.52 -21.75
C THR C 266 22.98 -6.04 -23.16
N TYR C 267 22.88 -4.71 -23.30
CA TYR C 267 22.60 -4.07 -24.58
C TYR C 267 22.99 -2.59 -24.52
N SER C 268 23.28 -2.02 -25.68
CA SER C 268 23.67 -0.62 -25.79
C SER C 268 22.56 0.16 -26.47
N LYS C 269 22.63 1.48 -26.40
CA LYS C 269 21.61 2.32 -27.04
C LYS C 269 21.63 2.14 -28.56
N ALA C 270 22.71 1.56 -29.05
CA ALA C 270 22.84 1.32 -30.48
C ALA C 270 21.80 0.29 -30.88
N SER C 271 21.73 -0.79 -30.10
CA SER C 271 20.78 -1.87 -30.33
C SER C 271 19.38 -1.29 -30.34
N THR C 272 19.11 -0.38 -29.40
CA THR C 272 17.80 0.25 -29.27
C THR C 272 17.47 1.09 -30.50
N PRO C 273 16.18 1.17 -30.84
CA PRO C 273 15.63 1.91 -31.98
C PRO C 273 15.69 3.43 -31.78
N ASN C 274 14.88 3.92 -30.85
CA ASN C 274 14.80 5.34 -30.56
C ASN C 274 15.99 5.86 -29.74
N GLY C 275 16.93 4.97 -29.41
CA GLY C 275 18.10 5.38 -28.65
C GLY C 275 17.95 5.48 -27.15
N TYR C 276 16.92 4.82 -26.62
CA TYR C 276 16.65 4.82 -25.17
C TYR C 276 16.56 3.39 -24.66
N ASP C 277 16.70 3.24 -23.35
CA ASP C 277 16.63 1.93 -22.70
C ASP C 277 15.17 1.52 -22.74
N ASN C 278 14.90 0.38 -23.36
CA ASN C 278 13.52 -0.11 -23.50
C ASN C 278 13.42 -1.57 -23.17
N GLY C 279 14.48 -2.12 -22.60
CA GLY C 279 14.47 -3.51 -22.23
C GLY C 279 13.69 -3.70 -20.94
N ILE C 280 13.68 -4.93 -20.45
CA ILE C 280 13.01 -5.25 -19.19
C ILE C 280 13.97 -4.79 -18.11
N ILE C 281 13.76 -3.58 -17.60
CA ILE C 281 14.65 -3.01 -16.58
C ILE C 281 14.07 -2.77 -15.19
N TRP C 282 14.97 -2.76 -14.21
CA TRP C 282 14.66 -2.51 -12.81
C TRP C 282 15.94 -1.83 -12.28
N ALA C 283 16.05 -0.53 -12.55
CA ALA C 283 17.18 0.30 -12.18
C ALA C 283 17.80 0.09 -10.81
N THR C 284 16.97 -0.20 -9.80
CA THR C 284 17.47 -0.42 -8.44
C THR C 284 18.21 -1.74 -8.30
N TRP C 285 18.01 -2.65 -9.24
CA TRP C 285 18.69 -3.94 -9.18
C TRP C 285 19.81 -4.09 -10.20
N LYS C 286 19.61 -3.51 -11.38
CA LYS C 286 20.60 -3.57 -12.45
C LYS C 286 20.59 -2.28 -13.27
N THR C 287 21.62 -2.09 -14.08
CA THR C 287 21.75 -0.93 -14.94
C THR C 287 20.65 -1.02 -15.99
N ARG C 288 20.19 0.13 -16.47
CA ARG C 288 19.13 0.16 -17.47
C ARG C 288 19.57 -0.50 -18.76
N TRP C 289 20.87 -0.73 -18.90
CA TRP C 289 21.41 -1.36 -20.10
C TRP C 289 21.55 -2.86 -19.91
N TYR C 290 20.77 -3.38 -18.98
CA TYR C 290 20.76 -4.79 -18.68
C TYR C 290 19.31 -5.23 -18.59
N SER C 291 18.94 -6.15 -19.46
CA SER C 291 17.58 -6.66 -19.52
C SER C 291 17.51 -8.03 -18.84
N MET C 292 16.50 -8.22 -17.99
CA MET C 292 16.30 -9.47 -17.24
C MET C 292 16.07 -10.69 -18.12
N LYS C 293 16.28 -11.88 -17.55
CA LYS C 293 16.08 -13.14 -18.26
C LYS C 293 14.65 -13.63 -18.06
N LYS C 294 14.18 -13.58 -16.81
CA LYS C 294 12.82 -14.00 -16.48
C LYS C 294 12.16 -12.91 -15.65
N THR C 295 10.83 -12.87 -15.66
CA THR C 295 10.07 -11.86 -14.92
C THR C 295 8.74 -12.41 -14.48
N THR C 296 8.25 -11.94 -13.33
CA THR C 296 6.98 -12.39 -12.81
C THR C 296 6.27 -11.38 -11.92
N MET C 297 5.04 -11.02 -12.31
CA MET C 297 4.23 -10.09 -11.52
C MET C 297 3.04 -10.89 -11.05
N LYS C 298 2.90 -11.00 -9.73
CA LYS C 298 1.82 -11.75 -9.14
C LYS C 298 1.36 -11.11 -7.86
N ILE C 299 0.11 -11.39 -7.51
CA ILE C 299 -0.46 -10.83 -6.31
C ILE C 299 -1.06 -11.88 -5.40
N ILE C 300 -1.22 -11.48 -4.15
CA ILE C 300 -1.78 -12.34 -3.13
C ILE C 300 -2.28 -11.41 -2.03
N PRO C 301 -3.35 -11.81 -1.32
CA PRO C 301 -3.88 -10.97 -0.25
C PRO C 301 -2.78 -10.72 0.79
N PHE C 302 -2.65 -9.46 1.18
CA PHE C 302 -1.64 -9.00 2.12
C PHE C 302 -1.39 -9.90 3.34
N ASN C 303 -2.47 -10.20 4.05
CA ASN C 303 -2.42 -11.03 5.25
C ASN C 303 -1.53 -12.25 5.16
N ARG C 304 -1.43 -12.83 3.97
CA ARG C 304 -0.61 -14.02 3.78
C ARG C 304 0.88 -13.77 4.00
N LEU C 305 1.22 -12.55 4.38
CA LEU C 305 2.60 -12.19 4.61
C LEU C 305 2.85 -11.73 6.05
N THR C 306 1.81 -11.15 6.66
CA THR C 306 1.88 -10.65 8.02
C THR C 306 2.29 -11.70 9.05
N LEU D 25 17.38 60.76 79.22
CA LEU D 25 16.59 60.30 80.41
C LEU D 25 15.71 59.13 80.00
N LEU D 26 14.41 59.27 80.24
CA LEU D 26 13.44 58.25 79.87
C LEU D 26 13.12 58.52 78.40
N GLN D 27 13.24 59.79 78.02
CA GLN D 27 13.02 60.24 76.64
C GLN D 27 13.98 59.45 75.75
N LYS D 28 14.99 58.87 76.39
CA LYS D 28 16.01 58.10 75.72
C LYS D 28 15.50 56.68 75.47
N ASN D 29 14.72 56.15 76.40
CA ASN D 29 14.18 54.80 76.27
C ASN D 29 13.06 54.64 75.24
N VAL D 30 12.31 55.71 74.99
CA VAL D 30 11.24 55.66 74.00
C VAL D 30 11.84 55.80 72.61
N ARG D 31 12.92 56.58 72.53
CA ARG D 31 13.63 56.79 71.27
C ARG D 31 14.03 55.39 70.79
N ALA D 32 14.50 54.58 71.75
CA ALA D 32 14.91 53.20 71.50
C ALA D 32 13.68 52.38 71.10
N GLN D 33 12.59 52.58 71.83
CA GLN D 33 11.32 51.90 71.60
C GLN D 33 10.87 52.06 70.15
N LEU D 34 10.96 53.29 69.66
CA LEU D 34 10.57 53.61 68.30
C LEU D 34 11.32 52.82 67.26
N VAL D 35 12.64 52.74 67.44
CA VAL D 35 13.49 52.00 66.51
C VAL D 35 13.04 50.55 66.47
N ASP D 36 13.08 49.89 67.63
CA ASP D 36 12.68 48.48 67.74
C ASP D 36 11.29 48.31 67.16
N MET D 37 10.51 49.39 67.20
CA MET D 37 9.15 49.40 66.70
C MET D 37 9.10 49.57 65.19
N LYS D 38 9.81 50.59 64.69
CA LYS D 38 9.85 50.89 63.27
C LYS D 38 10.32 49.66 62.49
N ARG D 39 11.46 49.11 62.91
CA ARG D 39 12.04 47.93 62.27
C ARG D 39 11.07 46.78 62.33
N LEU D 40 10.31 46.70 63.41
CA LEU D 40 9.35 45.61 63.57
C LEU D 40 8.21 45.72 62.58
N GLU D 41 7.63 46.92 62.44
CA GLU D 41 6.53 47.07 61.51
C GLU D 41 7.04 46.65 60.14
N VAL D 42 8.25 47.10 59.82
CA VAL D 42 8.86 46.77 58.54
C VAL D 42 9.07 45.28 58.41
N ASP D 43 9.66 44.66 59.44
CA ASP D 43 9.92 43.23 59.40
C ASP D 43 8.61 42.51 59.09
N ILE D 44 7.57 42.91 59.81
CA ILE D 44 6.24 42.35 59.64
C ILE D 44 5.69 42.61 58.25
N ASP D 45 5.72 43.87 57.83
CA ASP D 45 5.27 44.27 56.50
C ASP D 45 5.88 43.33 55.47
N ILE D 46 7.16 43.04 55.65
CA ILE D 46 7.91 42.16 54.78
C ILE D 46 7.52 40.70 54.93
N LYS D 47 7.49 40.22 56.18
CA LYS D 47 7.14 38.82 56.45
C LYS D 47 5.74 38.50 55.95
N ILE D 48 4.85 39.49 56.04
CA ILE D 48 3.49 39.27 55.58
C ILE D 48 3.47 39.10 54.07
N ARG D 49 4.12 40.02 53.37
CA ARG D 49 4.17 39.97 51.92
C ARG D 49 4.78 38.66 51.43
N SER D 50 5.74 38.12 52.18
CA SER D 50 6.38 36.89 51.78
C SER D 50 5.43 35.69 51.87
N CYS D 51 4.22 35.93 52.35
CA CYS D 51 3.23 34.87 52.49
C CYS D 51 2.35 34.74 51.24
N ARG D 52 2.34 35.79 50.43
CA ARG D 52 1.53 35.82 49.20
C ARG D 52 1.85 34.60 48.36
N GLY D 53 3.14 34.24 48.37
CA GLY D 53 3.61 33.10 47.62
C GLY D 53 3.54 31.79 48.34
N SER D 54 2.80 31.74 49.45
CA SER D 54 2.68 30.50 50.19
C SER D 54 1.27 30.17 50.63
N CYS D 55 0.56 31.18 51.14
CA CYS D 55 -0.81 30.99 51.64
C CYS D 55 -1.92 31.36 50.64
N SER D 56 -3.15 30.89 50.92
CA SER D 56 -4.30 31.14 50.05
C SER D 56 -4.38 32.58 49.53
N ARG D 57 -3.94 33.53 50.35
CA ARG D 57 -3.90 34.95 49.97
C ARG D 57 -3.17 35.75 51.04
N ALA D 58 -2.75 36.96 50.69
CA ALA D 58 -2.04 37.81 51.63
C ALA D 58 -2.72 39.14 51.92
N LEU D 59 -2.82 39.44 53.20
CA LEU D 59 -3.43 40.68 53.66
C LEU D 59 -2.73 41.87 53.02
N ALA D 60 -3.53 42.78 52.47
CA ALA D 60 -3.00 43.99 51.84
C ALA D 60 -2.81 45.05 52.92
N ARG D 61 -1.65 45.70 52.92
CA ARG D 61 -1.37 46.72 53.92
C ARG D 61 -0.23 47.64 53.55
N GLU D 62 -0.42 48.92 53.86
CA GLU D 62 0.56 49.96 53.59
C GLU D 62 1.16 50.40 54.93
N VAL D 63 2.47 50.56 54.97
CA VAL D 63 3.16 50.99 56.19
C VAL D 63 3.17 52.51 56.31
N ASP D 64 2.53 53.02 57.36
CA ASP D 64 2.49 54.45 57.58
C ASP D 64 3.72 54.81 58.37
N LEU D 65 4.85 54.80 57.67
CA LEU D 65 6.14 55.12 58.25
C LEU D 65 6.27 56.62 58.53
N LYS D 66 5.38 57.41 57.91
CA LYS D 66 5.38 58.86 58.09
C LYS D 66 4.88 59.16 59.49
N ASP D 67 3.88 58.39 59.92
CA ASP D 67 3.32 58.53 61.25
C ASP D 67 4.51 58.39 62.20
N TYR D 68 5.45 57.54 61.82
CA TYR D 68 6.67 57.30 62.60
C TYR D 68 7.59 58.51 62.53
N GLU D 69 7.88 58.95 61.32
CA GLU D 69 8.75 60.11 61.11
C GLU D 69 8.29 61.34 61.86
N ASP D 70 7.04 61.74 61.66
CA ASP D 70 6.51 62.90 62.34
C ASP D 70 6.59 62.74 63.86
N GLN D 71 6.32 61.52 64.34
CA GLN D 71 6.37 61.23 65.77
C GLN D 71 7.79 61.22 66.32
N GLN D 72 8.78 60.91 65.49
CA GLN D 72 10.16 60.88 65.93
C GLN D 72 10.81 62.26 65.83
N LYS D 73 10.22 63.13 65.00
CA LYS D 73 10.72 64.50 64.82
C LYS D 73 10.25 65.37 65.99
N GLN D 74 9.07 65.03 66.50
CA GLN D 74 8.48 65.75 67.63
C GLN D 74 9.24 65.41 68.92
N LEU D 75 10.02 64.33 68.87
CA LEU D 75 10.80 63.89 70.02
C LEU D 75 12.14 64.60 70.05
N GLU D 76 12.74 64.74 68.86
CA GLU D 76 14.04 65.37 68.67
C GLU D 76 14.18 66.73 69.37
N GLN D 77 13.13 67.55 69.33
CA GLN D 77 13.13 68.86 69.96
C GLN D 77 13.49 68.78 71.44
N VAL D 78 13.12 67.67 72.07
CA VAL D 78 13.40 67.43 73.48
C VAL D 78 14.77 66.78 73.64
N ASN E 31 5.21 69.94 81.29
CA ASN E 31 5.38 70.72 80.02
C ASN E 31 5.49 69.76 78.83
N LEU E 32 6.72 69.40 78.48
CA LEU E 32 6.97 68.50 77.38
C LEU E 32 6.78 67.04 77.77
N ARG E 33 5.63 66.75 78.36
CA ARG E 33 5.30 65.38 78.74
C ARG E 33 4.27 64.93 77.70
N VAL E 34 4.44 65.45 76.48
CA VAL E 34 3.58 65.14 75.34
C VAL E 34 3.91 63.75 74.83
N LEU E 35 4.80 63.07 75.55
CA LEU E 35 5.22 61.72 75.21
C LEU E 35 4.04 60.76 75.34
N ARG E 36 3.03 61.18 76.10
CA ARG E 36 1.82 60.39 76.27
C ARG E 36 1.30 60.13 74.87
N SER E 37 1.21 61.21 74.09
CA SER E 37 0.74 61.16 72.72
C SER E 37 1.47 60.09 71.90
N ILE E 38 2.72 59.83 72.27
CA ILE E 38 3.54 58.84 71.59
C ILE E 38 3.14 57.42 71.99
N LEU E 39 3.26 57.11 73.27
CA LEU E 39 2.94 55.78 73.80
C LEU E 39 1.51 55.33 73.54
N GLU E 40 0.58 56.29 73.48
CA GLU E 40 -0.81 55.95 73.22
C GLU E 40 -0.87 55.31 71.85
N ASN E 41 -0.12 55.89 70.91
CA ASN E 41 -0.06 55.39 69.53
C ASN E 41 0.61 54.04 69.49
N LEU E 42 1.68 53.88 70.24
CA LEU E 42 2.40 52.61 70.27
C LEU E 42 1.52 51.51 70.82
N ARG E 43 0.79 51.82 71.88
CA ARG E 43 -0.10 50.85 72.51
C ARG E 43 -1.12 50.34 71.52
N SER E 44 -1.55 51.22 70.63
CA SER E 44 -2.54 50.89 69.62
C SER E 44 -1.89 50.15 68.45
N LYS E 45 -0.68 50.58 68.10
CA LYS E 45 0.07 49.96 67.01
C LYS E 45 0.17 48.45 67.24
N ILE E 46 0.58 48.06 68.44
CA ILE E 46 0.75 46.65 68.79
C ILE E 46 -0.51 45.86 68.51
N GLN E 47 -1.64 46.45 68.88
CA GLN E 47 -2.94 45.82 68.66
C GLN E 47 -3.06 45.54 67.18
N LYS E 48 -2.95 46.61 66.39
CA LYS E 48 -3.04 46.52 64.95
C LYS E 48 -2.19 45.38 64.43
N LEU E 49 -0.90 45.43 64.75
CA LEU E 49 0.03 44.42 64.31
C LEU E 49 -0.37 43.03 64.73
N GLU E 50 -0.49 42.79 66.04
CA GLU E 50 -0.85 41.47 66.53
C GLU E 50 -2.08 40.94 65.84
N SER E 51 -2.94 41.84 65.41
CA SER E 51 -4.16 41.47 64.71
C SER E 51 -3.83 41.00 63.31
N ASP E 52 -3.08 41.83 62.58
CA ASP E 52 -2.68 41.50 61.22
C ASP E 52 -2.02 40.12 61.13
N VAL E 53 -1.16 39.83 62.10
CA VAL E 53 -0.48 38.55 62.11
C VAL E 53 -1.46 37.39 62.25
N SER E 54 -2.27 37.42 63.31
CA SER E 54 -3.25 36.36 63.56
C SER E 54 -4.15 36.17 62.37
N ALA E 55 -4.37 37.25 61.62
CA ALA E 55 -5.22 37.21 60.43
C ALA E 55 -4.49 36.37 59.38
N GLN E 56 -3.22 36.70 59.17
CA GLN E 56 -2.40 36.00 58.19
C GLN E 56 -2.22 34.55 58.62
N MET E 57 -2.15 34.33 59.92
CA MET E 57 -1.98 33.00 60.49
C MET E 57 -3.14 32.17 59.94
N GLU E 58 -4.31 32.78 59.93
CA GLU E 58 -5.54 32.16 59.45
C GLU E 58 -5.49 31.88 57.97
N TYR E 59 -5.16 32.91 57.20
CA TYR E 59 -5.08 32.76 55.76
C TYR E 59 -4.18 31.60 55.38
N CYS E 60 -3.25 31.30 56.28
CA CYS E 60 -2.30 30.22 56.07
C CYS E 60 -2.80 28.84 56.44
N ARG E 61 -4.07 28.74 56.81
CA ARG E 61 -4.64 27.43 57.11
C ARG E 61 -4.59 26.70 55.78
N THR E 62 -5.10 27.40 54.78
CA THR E 62 -5.15 26.90 53.42
C THR E 62 -4.03 27.51 52.58
N PRO E 63 -3.42 26.71 51.70
CA PRO E 63 -2.32 27.11 50.82
C PRO E 63 -2.75 27.68 49.47
N CYS E 64 -1.80 28.31 48.77
CA CYS E 64 -2.06 28.85 47.45
C CYS E 64 -1.85 27.70 46.49
N THR E 65 -2.52 27.74 45.34
CA THR E 65 -2.37 26.67 44.37
C THR E 65 -2.21 27.15 42.94
N VAL E 66 -1.57 26.31 42.13
CA VAL E 66 -1.34 26.59 40.72
C VAL E 66 -1.56 25.30 39.93
N SER E 67 -1.72 25.43 38.63
CA SER E 67 -1.92 24.27 37.78
C SER E 67 -1.12 24.55 36.55
N CYS E 68 0.15 24.18 36.60
CA CYS E 68 1.03 24.41 35.50
C CYS E 68 1.13 23.22 34.56
N ASN E 69 0.28 23.23 33.52
CA ASN E 69 0.27 22.17 32.53
C ASN E 69 1.55 22.28 31.72
N ILE E 70 2.22 21.15 31.59
CA ILE E 70 3.49 21.07 30.90
C ILE E 70 3.50 21.11 29.37
N PRO E 71 4.24 22.06 28.80
CA PRO E 71 4.35 22.23 27.35
C PRO E 71 4.96 20.94 26.78
N VAL E 72 4.45 20.52 25.63
CA VAL E 72 4.94 19.31 24.99
C VAL E 72 6.46 19.35 24.79
N VAL E 73 6.97 20.48 24.32
CA VAL E 73 8.40 20.62 24.05
C VAL E 73 9.33 20.76 25.26
N SER E 74 10.45 20.05 25.18
CA SER E 74 11.48 20.06 26.21
C SER E 74 12.87 20.07 25.56
N GLY E 75 13.90 20.25 26.38
CA GLY E 75 15.24 20.27 25.86
C GLY E 75 16.25 20.26 26.99
N LYS E 76 17.52 20.42 26.66
CA LYS E 76 18.55 20.44 27.68
C LYS E 76 18.34 21.69 28.51
N GLU E 77 17.90 22.75 27.85
CA GLU E 77 17.64 24.05 28.47
C GLU E 77 16.82 24.95 27.53
N CYS E 78 16.53 26.18 27.96
CA CYS E 78 15.72 27.08 27.17
C CYS E 78 16.17 27.42 25.76
N GLU E 79 17.47 27.58 25.56
CA GLU E 79 17.99 27.87 24.24
C GLU E 79 17.61 26.74 23.29
N GLU E 80 17.86 25.50 23.71
CA GLU E 80 17.53 24.35 22.90
C GLU E 80 16.05 24.40 22.58
N ILE E 81 15.25 24.60 23.61
CA ILE E 81 13.80 24.67 23.49
C ILE E 81 13.36 25.68 22.45
N ILE E 82 13.91 26.89 22.50
CA ILE E 82 13.51 27.90 21.52
C ILE E 82 13.93 27.49 20.12
N ARG E 83 15.00 26.71 20.05
CA ARG E 83 15.49 26.23 18.76
C ARG E 83 14.54 25.17 18.26
N LYS E 84 13.94 24.44 19.21
CA LYS E 84 12.98 23.40 18.88
C LYS E 84 11.58 23.96 18.61
N GLY E 85 11.48 25.29 18.55
CA GLY E 85 10.20 25.90 18.26
C GLY E 85 9.44 26.49 19.44
N GLY E 86 10.06 26.55 20.62
CA GLY E 86 9.42 27.12 21.80
C GLY E 86 9.48 28.64 21.75
N GLU E 87 8.47 29.28 21.19
CA GLU E 87 8.45 30.74 21.05
C GLU E 87 7.91 31.55 22.21
N THR E 88 7.10 30.94 23.07
CA THR E 88 6.51 31.67 24.18
C THR E 88 7.25 31.55 25.50
N SER E 89 7.29 32.65 26.24
CA SER E 89 7.94 32.66 27.54
C SER E 89 6.98 32.04 28.55
N GLU E 90 7.41 30.95 29.18
CA GLU E 90 6.60 30.26 30.18
C GLU E 90 7.40 29.15 30.85
N MET E 91 6.72 28.34 31.66
CA MET E 91 7.38 27.25 32.37
C MET E 91 7.59 26.05 31.46
N TYR E 92 8.84 25.59 31.39
CA TYR E 92 9.19 24.43 30.58
C TYR E 92 9.87 23.40 31.44
N LEU E 93 9.88 22.17 30.95
CA LEU E 93 10.51 21.09 31.66
C LEU E 93 11.84 20.91 30.95
N ILE E 94 12.93 21.00 31.70
CA ILE E 94 14.22 20.82 31.08
C ILE E 94 15.01 19.71 31.73
N GLN E 95 15.77 18.99 30.93
CA GLN E 95 16.61 17.92 31.41
C GLN E 95 17.99 18.13 30.83
N PRO E 96 18.85 18.85 31.57
CA PRO E 96 20.22 19.19 31.20
C PRO E 96 21.11 17.96 31.04
N ASP E 97 20.76 16.91 31.76
CA ASP E 97 21.54 15.68 31.71
C ASP E 97 20.65 14.48 31.96
N SER E 98 20.81 13.45 31.15
CA SER E 98 20.00 12.24 31.31
C SER E 98 20.21 11.66 32.71
N SER E 99 21.35 11.96 33.32
CA SER E 99 21.64 11.47 34.67
C SER E 99 20.60 12.03 35.65
N VAL E 100 20.39 13.34 35.55
CA VAL E 100 19.44 14.05 36.41
C VAL E 100 17.98 13.91 35.95
N LYS E 101 17.07 14.20 36.86
CA LYS E 101 15.64 14.14 36.58
C LYS E 101 15.16 15.49 36.06
N PRO E 102 14.36 15.49 34.97
CA PRO E 102 13.81 16.71 34.35
C PRO E 102 13.16 17.62 35.37
N TYR E 103 13.42 18.91 35.26
CA TYR E 103 12.81 19.83 36.20
C TYR E 103 12.20 21.04 35.54
N ARG E 104 11.30 21.66 36.28
CA ARG E 104 10.59 22.83 35.81
C ARG E 104 11.46 24.06 35.90
N VAL E 105 11.30 24.94 34.94
CA VAL E 105 12.07 26.17 34.91
C VAL E 105 11.34 27.19 34.04
N TYR E 106 11.63 28.47 34.28
CA TYR E 106 10.99 29.51 33.51
C TYR E 106 11.93 29.99 32.41
N CYS E 107 11.44 29.95 31.18
CA CYS E 107 12.23 30.39 30.03
C CYS E 107 11.80 31.76 29.54
N ASP E 108 12.76 32.62 29.21
CA ASP E 108 12.45 33.95 28.66
C ASP E 108 12.81 33.91 27.17
N MET E 109 11.78 33.83 26.34
CA MET E 109 11.99 33.75 24.91
C MET E 109 11.78 35.06 24.17
N ASN E 110 11.76 36.18 24.90
CA ASN E 110 11.54 37.47 24.27
C ASN E 110 12.72 38.41 24.40
N THR E 111 13.31 38.45 25.59
CA THR E 111 14.44 39.33 25.86
C THR E 111 15.70 38.95 25.12
N GLU E 112 16.35 39.95 24.53
CA GLU E 112 17.59 39.78 23.79
C GLU E 112 17.67 38.46 23.04
N ASN E 113 16.82 38.30 22.03
CA ASN E 113 16.78 37.08 21.21
C ASN E 113 16.23 35.83 21.90
N GLY E 114 15.77 35.96 23.14
CA GLY E 114 15.21 34.83 23.86
C GLY E 114 16.16 33.68 24.11
N GLY E 115 15.64 32.62 24.75
CA GLY E 115 16.44 31.45 25.04
C GLY E 115 17.09 31.47 26.41
N TRP E 116 16.55 32.31 27.29
CA TRP E 116 17.07 32.46 28.63
C TRP E 116 16.44 31.56 29.66
N THR E 117 17.26 31.06 30.58
CA THR E 117 16.79 30.21 31.64
C THR E 117 16.87 31.06 32.90
N VAL E 118 15.72 31.40 33.47
CA VAL E 118 15.68 32.22 34.67
C VAL E 118 16.21 31.42 35.86
N ILE E 119 17.18 32.01 36.55
CA ILE E 119 17.85 31.42 37.70
C ILE E 119 17.35 31.99 39.03
N GLN E 120 17.04 33.28 39.00
CA GLN E 120 16.55 33.99 40.17
C GLN E 120 15.62 35.07 39.68
N ASN E 121 14.60 35.34 40.46
CA ASN E 121 13.62 36.32 40.09
C ASN E 121 12.98 36.94 41.33
N ARG E 122 12.96 38.26 41.34
CA ARG E 122 12.38 39.05 42.43
C ARG E 122 11.45 40.03 41.72
N GLN E 123 10.23 40.19 42.22
CA GLN E 123 9.29 41.09 41.55
C GLN E 123 8.12 41.58 42.37
N ASP E 124 7.87 40.95 43.51
CA ASP E 124 6.73 41.35 44.31
C ASP E 124 6.86 41.05 45.79
N GLY E 125 8.04 40.57 46.19
CA GLY E 125 8.28 40.23 47.59
C GLY E 125 7.43 39.09 48.13
N SER E 126 6.96 38.22 47.25
CA SER E 126 6.11 37.10 47.65
C SER E 126 6.87 35.87 48.15
N VAL E 127 8.20 35.91 48.10
CA VAL E 127 9.01 34.77 48.57
C VAL E 127 10.15 35.24 49.46
N ASP E 128 10.39 34.48 50.53
CA ASP E 128 11.46 34.77 51.49
C ASP E 128 12.79 34.28 50.96
N PHE E 129 13.70 35.20 50.72
CA PHE E 129 15.00 34.81 50.24
C PHE E 129 16.01 34.65 51.34
N GLY E 130 15.62 35.04 52.55
CA GLY E 130 16.51 34.88 53.69
C GLY E 130 16.37 33.45 54.14
N ARG E 131 17.12 32.56 53.49
CA ARG E 131 17.06 31.13 53.80
C ARG E 131 18.39 30.46 54.12
N LYS E 132 18.29 29.21 54.57
CA LYS E 132 19.46 28.43 54.94
C LYS E 132 20.17 27.78 53.76
N TRP E 133 21.26 27.08 54.07
CA TRP E 133 22.10 26.42 53.08
C TRP E 133 21.39 25.47 52.13
N ASP E 134 20.68 24.50 52.69
CA ASP E 134 19.98 23.49 51.90
C ASP E 134 18.95 24.04 50.92
N PRO E 135 18.05 24.93 51.39
CA PRO E 135 17.03 25.50 50.52
C PRO E 135 17.65 26.18 49.30
N TYR E 136 18.75 26.89 49.51
CA TYR E 136 19.47 27.57 48.44
C TYR E 136 20.16 26.58 47.50
N LYS E 137 20.47 25.41 48.04
CA LYS E 137 21.11 24.33 47.30
C LYS E 137 20.07 23.58 46.47
N GLN E 138 18.96 23.28 47.13
CA GLN E 138 17.84 22.56 46.52
C GLN E 138 17.03 23.44 45.58
N GLY E 139 16.97 24.72 45.89
CA GLY E 139 16.20 25.67 45.11
C GLY E 139 14.94 25.96 45.90
N PHE E 140 14.31 27.11 45.66
CA PHE E 140 13.09 27.46 46.37
C PHE E 140 12.24 28.51 45.67
N GLY E 141 11.01 28.70 46.17
CA GLY E 141 10.11 29.68 45.60
C GLY E 141 9.15 29.11 44.57
N ASN E 142 8.54 30.00 43.79
CA ASN E 142 7.59 29.60 42.76
C ASN E 142 8.12 29.89 41.38
N VAL E 143 8.42 28.83 40.63
CA VAL E 143 8.93 28.98 39.27
C VAL E 143 7.97 29.81 38.41
N ALA E 144 6.69 29.43 38.39
CA ALA E 144 5.69 30.15 37.58
C ALA E 144 4.27 30.06 38.12
N THR E 145 3.40 30.92 37.60
CA THR E 145 1.99 30.98 37.99
C THR E 145 1.05 31.18 36.79
N ASN E 146 -0.20 30.73 36.93
CA ASN E 146 -1.20 30.82 35.88
C ASN E 146 -1.56 32.26 35.52
N THR E 147 -1.86 32.48 34.24
CA THR E 147 -2.21 33.80 33.73
C THR E 147 -3.70 34.05 33.94
N ASP E 148 -4.09 35.33 33.93
CA ASP E 148 -5.48 35.79 34.11
C ASP E 148 -6.55 34.72 34.02
N GLY E 149 -6.76 34.22 32.81
CA GLY E 149 -7.74 33.18 32.58
C GLY E 149 -7.20 32.12 31.64
N LYS E 150 -5.94 31.73 31.88
CA LYS E 150 -5.29 30.73 31.05
C LYS E 150 -4.97 29.45 31.81
N ASN E 151 -4.82 28.37 31.05
CA ASN E 151 -4.52 27.05 31.60
C ASN E 151 -3.02 26.72 31.62
N TYR E 152 -2.19 27.75 31.53
CA TYR E 152 -0.75 27.54 31.58
C TYR E 152 -0.08 28.64 32.39
N CYS E 153 1.01 28.29 33.06
CA CYS E 153 1.73 29.23 33.87
C CYS E 153 2.72 30.03 33.01
N GLY E 154 2.25 31.14 32.49
CA GLY E 154 3.08 31.99 31.65
C GLY E 154 3.70 33.14 32.41
N LEU E 155 3.49 33.19 33.72
CA LEU E 155 4.04 34.25 34.54
C LEU E 155 5.10 33.72 35.50
N PRO E 156 6.27 34.34 35.51
CA PRO E 156 7.32 33.88 36.40
C PRO E 156 6.98 34.27 37.81
N GLY E 157 7.51 33.50 38.76
CA GLY E 157 7.27 33.79 40.16
C GLY E 157 8.61 34.12 40.77
N GLU E 158 8.62 34.52 42.03
CA GLU E 158 9.88 34.83 42.69
C GLU E 158 10.46 33.49 43.07
N TYR E 159 11.69 33.24 42.64
CA TYR E 159 12.33 31.98 42.96
C TYR E 159 13.82 31.99 42.79
N TRP E 160 14.40 30.90 43.25
CA TRP E 160 15.82 30.69 43.17
C TRP E 160 16.02 29.24 42.79
N LEU E 161 16.48 29.02 41.57
CA LEU E 161 16.75 27.67 41.09
C LEU E 161 17.87 27.13 41.98
N GLY E 162 17.79 25.87 42.37
CA GLY E 162 18.83 25.31 43.24
C GLY E 162 20.27 25.62 42.86
N ASN E 163 21.15 25.76 43.84
CA ASN E 163 22.56 26.01 43.56
C ASN E 163 23.22 24.87 42.76
N ASP E 164 22.85 23.62 43.10
CA ASP E 164 23.37 22.46 42.40
C ASP E 164 22.96 22.53 40.95
N LYS E 165 21.69 22.83 40.71
CA LYS E 165 21.17 22.96 39.36
C LYS E 165 21.91 24.05 38.61
N ILE E 166 22.02 25.21 39.24
CA ILE E 166 22.72 26.34 38.63
C ILE E 166 24.15 25.98 38.28
N SER E 167 24.86 25.39 39.24
CA SER E 167 26.24 24.99 39.04
C SER E 167 26.38 24.05 37.86
N GLN E 168 25.69 22.93 37.94
CA GLN E 168 25.74 21.92 36.88
C GLN E 168 25.51 22.52 35.50
N LEU E 169 24.68 23.55 35.42
CA LEU E 169 24.37 24.21 34.17
C LEU E 169 25.53 25.00 33.59
N THR E 170 26.17 25.81 34.44
CA THR E 170 27.30 26.64 34.01
C THR E 170 28.54 25.81 33.64
N ARG E 171 28.51 24.53 33.97
CA ARG E 171 29.64 23.65 33.69
C ARG E 171 29.46 22.75 32.46
N MET E 172 28.31 22.85 31.80
CA MET E 172 28.07 22.06 30.60
C MET E 172 28.97 22.60 29.53
N GLY E 173 29.09 23.92 29.51
CA GLY E 173 29.93 24.61 28.55
C GLY E 173 29.93 26.07 28.88
N PRO E 174 30.53 26.92 28.02
CA PRO E 174 30.56 28.35 28.26
C PRO E 174 29.14 28.87 28.47
N THR E 175 28.98 29.77 29.42
CA THR E 175 27.66 30.31 29.73
C THR E 175 27.72 31.80 30.03
N GLU E 176 26.73 32.54 29.53
CA GLU E 176 26.65 33.97 29.78
C GLU E 176 25.55 34.31 30.79
N LEU E 177 25.71 35.43 31.46
CA LEU E 177 24.76 35.84 32.49
C LEU E 177 24.14 37.19 32.22
N LEU E 178 22.83 37.25 32.40
CA LEU E 178 22.09 38.49 32.21
C LEU E 178 21.34 38.84 33.47
N ILE E 179 21.63 40.02 34.01
CA ILE E 179 20.99 40.49 35.21
C ILE E 179 20.23 41.78 34.93
N GLU E 180 18.92 41.75 35.16
CA GLU E 180 18.06 42.90 34.94
C GLU E 180 17.45 43.38 36.24
N MET E 181 17.32 44.68 36.37
CA MET E 181 16.74 45.28 37.56
C MET E 181 15.88 46.45 37.16
N GLU E 182 14.93 46.78 38.01
CA GLU E 182 13.99 47.86 37.73
C GLU E 182 13.67 48.57 39.04
N ASP E 183 13.81 49.89 39.03
CA ASP E 183 13.51 50.66 40.22
C ASP E 183 12.00 50.82 40.33
N TRP E 184 11.55 51.51 41.37
CA TRP E 184 10.12 51.72 41.56
C TRP E 184 9.55 52.87 40.72
N LYS E 185 10.42 53.58 40.02
CA LYS E 185 10.00 54.70 39.16
C LYS E 185 9.72 54.21 37.74
N GLY E 186 10.14 52.97 37.44
CA GLY E 186 9.94 52.41 36.12
C GLY E 186 11.22 52.28 35.32
N ASP E 187 12.27 52.95 35.75
CA ASP E 187 13.55 52.89 35.05
C ASP E 187 14.16 51.49 35.23
N LYS E 188 14.97 51.09 34.26
CA LYS E 188 15.61 49.79 34.31
C LYS E 188 16.97 49.76 33.62
N VAL E 189 17.89 48.97 34.20
CA VAL E 189 19.23 48.82 33.65
C VAL E 189 19.60 47.35 33.68
N LYS E 190 20.70 47.01 33.01
CA LYS E 190 21.16 45.65 32.95
C LYS E 190 22.68 45.54 33.09
N ALA E 191 23.11 44.32 33.37
CA ALA E 191 24.53 44.00 33.51
C ALA E 191 24.71 42.65 32.83
N HIS E 192 25.59 42.64 31.84
CA HIS E 192 25.85 41.42 31.10
C HIS E 192 27.27 40.90 31.25
N TYR E 193 27.40 39.69 31.76
CA TYR E 193 28.70 39.05 31.94
C TYR E 193 28.76 37.90 30.95
N GLY E 194 29.67 37.99 30.00
CA GLY E 194 29.83 36.95 28.98
C GLY E 194 30.40 35.66 29.50
N GLY E 195 30.91 35.69 30.71
CA GLY E 195 31.47 34.50 31.31
C GLY E 195 30.86 34.39 32.68
N PHE E 196 30.31 33.22 32.97
CA PHE E 196 29.70 32.98 34.26
C PHE E 196 29.83 31.52 34.61
N THR E 197 30.45 31.26 35.76
CA THR E 197 30.63 29.88 36.21
C THR E 197 30.54 29.75 37.71
N VAL E 198 29.76 28.77 38.14
CA VAL E 198 29.57 28.46 39.54
C VAL E 198 30.04 27.04 39.82
N GLN E 199 30.93 26.90 40.79
CA GLN E 199 31.47 25.60 41.17
C GLN E 199 30.47 24.75 41.93
N ASN E 200 30.91 23.56 42.32
CA ASN E 200 30.06 22.64 43.06
C ASN E 200 30.05 22.91 44.55
N GLU E 201 29.21 22.16 45.27
CA GLU E 201 29.07 22.31 46.72
C GLU E 201 30.42 22.24 47.41
N ALA E 202 31.25 21.30 46.97
CA ALA E 202 32.58 21.09 47.52
C ALA E 202 33.42 22.36 47.45
N ASN E 203 33.31 23.08 46.34
CA ASN E 203 34.05 24.32 46.17
C ASN E 203 33.25 25.52 46.66
N LYS E 204 32.29 25.24 47.53
CA LYS E 204 31.44 26.26 48.13
C LYS E 204 30.80 27.15 47.07
N TYR E 205 30.46 26.55 45.94
CA TYR E 205 29.83 27.25 44.82
C TYR E 205 30.55 28.53 44.43
N GLN E 206 31.89 28.47 44.37
CA GLN E 206 32.68 29.65 44.03
C GLN E 206 32.27 30.22 42.68
N ILE E 207 32.03 31.53 42.66
CA ILE E 207 31.59 32.20 41.46
C ILE E 207 32.72 32.83 40.67
N SER E 208 32.58 32.82 39.36
CA SER E 208 33.56 33.43 38.47
C SER E 208 32.80 34.06 37.34
N VAL E 209 33.02 35.36 37.13
CA VAL E 209 32.37 36.07 36.05
C VAL E 209 33.41 36.88 35.30
N ASN E 210 33.05 37.31 34.10
CA ASN E 210 33.94 38.10 33.28
C ASN E 210 33.23 38.58 32.02
N LYS E 211 33.87 39.51 31.32
CA LYS E 211 33.36 40.09 30.10
C LYS E 211 32.05 40.82 30.35
N TYR E 212 32.13 41.86 31.19
CA TYR E 212 30.97 42.66 31.53
C TYR E 212 30.67 43.69 30.45
N ARG E 213 29.42 44.13 30.42
CA ARG E 213 28.92 45.15 29.51
C ARG E 213 27.50 45.45 29.96
N GLY E 214 27.15 46.72 30.04
CA GLY E 214 25.80 47.03 30.47
C GLY E 214 25.60 48.47 30.87
N THR E 215 24.45 48.74 31.48
CA THR E 215 24.10 50.08 31.92
C THR E 215 24.11 50.21 33.42
N ALA E 216 24.18 49.09 34.11
CA ALA E 216 24.28 49.12 35.56
C ALA E 216 25.80 49.16 35.78
N GLY E 217 26.27 48.93 37.00
CA GLY E 217 27.71 48.94 37.20
C GLY E 217 28.25 47.52 37.29
N ASN E 218 29.54 47.34 37.05
CA ASN E 218 30.12 46.02 37.16
C ASN E 218 30.34 45.76 38.65
N ALA E 219 29.24 45.63 39.38
CA ALA E 219 29.31 45.40 40.81
C ALA E 219 30.00 44.10 41.15
N LEU E 220 29.77 43.08 40.32
CA LEU E 220 30.37 41.78 40.60
C LEU E 220 31.90 41.72 40.49
N MET E 221 32.46 42.42 39.53
CA MET E 221 33.89 42.39 39.33
C MET E 221 34.65 43.55 39.93
N ASP E 222 34.05 44.74 39.88
CA ASP E 222 34.69 45.95 40.39
C ASP E 222 34.26 46.42 41.76
N GLY E 223 33.23 45.80 42.34
CA GLY E 223 32.77 46.24 43.64
C GLY E 223 32.12 47.61 43.50
N ALA E 224 31.62 48.14 44.61
CA ALA E 224 30.95 49.45 44.61
C ALA E 224 31.80 50.64 44.12
N SER E 225 31.25 51.42 43.20
CA SER E 225 31.94 52.58 42.66
C SER E 225 32.03 53.75 43.64
N GLN E 226 31.16 53.75 44.65
CA GLN E 226 31.13 54.79 45.67
C GLN E 226 32.29 54.71 46.66
N LEU E 227 32.80 53.50 46.87
CA LEU E 227 33.90 53.29 47.80
C LEU E 227 35.26 53.38 47.13
N MET E 228 36.29 53.64 47.94
CA MET E 228 37.66 53.74 47.43
C MET E 228 38.62 52.83 48.19
N GLY E 229 39.80 52.64 47.61
CA GLY E 229 40.82 51.80 48.21
C GLY E 229 40.34 50.42 48.58
N GLU E 230 40.94 49.85 49.61
CA GLU E 230 40.57 48.52 50.08
C GLU E 230 39.07 48.44 50.39
N ASN E 231 38.47 49.60 50.70
CA ASN E 231 37.05 49.64 50.99
C ASN E 231 36.25 49.15 49.80
N ARG E 232 36.68 49.51 48.60
CA ARG E 232 36.00 49.07 47.39
C ARG E 232 36.24 47.59 47.11
N THR E 233 37.51 47.21 47.02
CA THR E 233 37.89 45.85 46.73
C THR E 233 37.19 44.80 47.59
N MET E 234 36.86 45.13 48.83
CA MET E 234 36.21 44.15 49.69
C MET E 234 34.74 43.95 49.37
N THR E 235 34.29 44.57 48.29
CA THR E 235 32.91 44.41 47.87
C THR E 235 32.83 43.73 46.51
N ILE E 236 33.95 43.20 46.04
CA ILE E 236 33.96 42.49 44.77
C ILE E 236 33.44 41.08 45.04
N HIS E 237 32.51 40.63 44.22
CA HIS E 237 31.89 39.33 44.38
C HIS E 237 32.57 38.26 43.56
N ASN E 238 33.26 38.68 42.51
CA ASN E 238 33.95 37.75 41.64
C ASN E 238 34.92 36.92 42.45
N GLY E 239 34.82 35.61 42.29
CA GLY E 239 35.71 34.69 43.00
C GLY E 239 35.26 34.33 44.41
N MET E 240 34.17 34.91 44.88
CA MET E 240 33.68 34.62 46.23
C MET E 240 32.96 33.28 46.39
N PHE E 241 32.73 32.92 47.64
CA PHE E 241 32.04 31.69 47.99
C PHE E 241 30.64 32.03 48.46
N PHE E 242 29.72 31.11 48.21
CA PHE E 242 28.35 31.32 48.62
C PHE E 242 28.26 31.12 50.11
N SER E 243 27.51 31.99 50.78
CA SER E 243 27.36 31.90 52.22
C SER E 243 25.92 32.21 52.66
N THR E 244 25.35 31.33 53.49
CA THR E 244 24.00 31.50 54.03
C THR E 244 24.15 31.84 55.51
N TYR E 245 23.07 32.15 56.21
CA TYR E 245 23.21 32.51 57.62
C TYR E 245 23.58 31.35 58.54
N ASP E 246 23.65 30.15 57.98
CA ASP E 246 24.01 28.97 58.72
C ASP E 246 25.23 28.33 58.06
N ARG E 247 26.00 29.15 57.34
CA ARG E 247 27.19 28.69 56.65
C ARG E 247 28.06 29.85 56.21
N ASP E 248 28.95 30.30 57.11
CA ASP E 248 29.85 31.42 56.87
C ASP E 248 31.01 31.07 55.93
N ASN E 249 31.03 31.73 54.78
CA ASN E 249 32.08 31.54 53.79
C ASN E 249 32.43 32.88 53.18
N ASP E 250 32.17 33.96 53.91
CA ASP E 250 32.45 35.29 53.41
C ASP E 250 33.88 35.76 53.64
N GLY E 251 34.26 36.82 52.94
CA GLY E 251 35.59 37.37 53.05
C GLY E 251 35.72 38.27 54.26
N TRP E 252 34.95 37.95 55.29
CA TRP E 252 34.97 38.73 56.51
C TRP E 252 35.55 37.88 57.62
N LEU E 253 36.88 37.76 57.62
CA LEU E 253 37.60 36.98 58.62
C LEU E 253 37.48 37.65 59.98
N THR E 254 36.72 37.01 60.87
CA THR E 254 36.50 37.53 62.22
C THR E 254 36.12 36.39 63.19
N SER E 255 35.70 36.77 64.39
CA SER E 255 35.31 35.80 65.42
C SER E 255 33.91 36.03 65.99
N ASP E 256 33.44 37.27 65.94
CA ASP E 256 32.10 37.62 66.44
C ASP E 256 31.03 36.90 65.61
N PRO E 257 30.24 36.02 66.26
CA PRO E 257 29.17 35.25 65.61
C PRO E 257 28.03 36.06 65.00
N ARG E 258 27.54 37.06 65.73
CA ARG E 258 26.45 37.90 65.26
C ARG E 258 26.87 38.81 64.10
N LYS E 259 28.18 39.02 63.96
CA LYS E 259 28.72 39.87 62.89
C LYS E 259 29.15 39.11 61.63
N GLN E 260 28.17 38.75 60.81
CA GLN E 260 28.41 38.04 59.55
C GLN E 260 27.63 38.75 58.43
N CYS E 261 28.08 38.55 57.18
CA CYS E 261 27.44 39.17 56.02
C CYS E 261 26.00 38.75 55.73
N SER E 262 25.73 37.45 55.73
CA SER E 262 24.40 36.93 55.43
C SER E 262 23.31 37.24 56.44
N LYS E 263 23.52 36.85 57.69
CA LYS E 263 22.53 37.08 58.73
C LYS E 263 22.13 38.54 58.86
N GLU E 264 22.98 39.43 58.35
CA GLU E 264 22.70 40.86 58.41
C GLU E 264 22.14 41.43 57.09
N ASP E 265 22.55 40.86 55.96
CA ASP E 265 22.10 41.35 54.66
C ASP E 265 21.06 40.57 53.87
N GLY E 266 20.16 39.90 54.58
CA GLY E 266 19.10 39.19 53.89
C GLY E 266 19.29 37.72 53.66
N GLY E 267 19.50 37.34 52.41
CA GLY E 267 19.65 35.94 52.08
C GLY E 267 21.03 35.45 51.70
N GLY E 268 21.06 34.35 50.96
CA GLY E 268 22.30 33.75 50.50
C GLY E 268 22.87 34.48 49.31
N TRP E 269 24.20 34.61 49.29
CA TRP E 269 24.86 35.30 48.21
C TRP E 269 26.35 35.08 48.29
N TRP E 270 27.06 35.43 47.23
CA TRP E 270 28.51 35.29 47.20
C TRP E 270 29.06 36.54 47.84
N TYR E 271 28.98 36.58 49.16
CA TYR E 271 29.45 37.71 49.93
C TYR E 271 30.96 37.68 50.09
N ASN E 272 31.56 38.87 50.01
CA ASN E 272 33.00 39.08 50.18
C ASN E 272 33.05 39.65 51.61
N ARG E 273 33.63 40.83 51.79
CA ARG E 273 33.60 41.47 53.11
C ARG E 273 32.28 42.23 53.04
N CYS E 274 31.30 41.43 52.60
CA CYS E 274 29.90 41.72 52.38
C CYS E 274 29.44 41.98 50.95
N HIS E 275 28.98 43.18 50.58
CA HIS E 275 28.51 43.29 49.20
C HIS E 275 28.46 44.62 48.48
N ALA E 276 28.32 44.51 47.16
CA ALA E 276 28.19 45.63 46.24
C ALA E 276 26.85 45.39 45.51
N ALA E 277 26.42 44.12 45.52
CA ALA E 277 25.18 43.67 44.89
C ALA E 277 24.53 42.64 45.80
N ASN E 278 23.24 42.78 46.05
CA ASN E 278 22.53 41.86 46.93
C ASN E 278 21.12 41.57 46.40
N PRO E 279 21.04 40.80 45.30
CA PRO E 279 19.81 40.40 44.62
C PRO E 279 18.88 39.56 45.48
N ASN E 280 19.44 38.80 46.41
CA ASN E 280 18.63 37.95 47.27
C ASN E 280 18.46 38.61 48.60
N GLY E 281 18.40 39.94 48.58
CA GLY E 281 18.23 40.68 49.81
C GLY E 281 16.82 40.57 50.34
N ARG E 282 16.38 41.63 50.99
CA ARG E 282 15.03 41.69 51.55
C ARG E 282 14.23 42.67 50.71
N TYR E 283 13.01 42.26 50.33
CA TYR E 283 12.16 43.10 49.49
C TYR E 283 11.50 44.26 50.22
N TYR E 284 12.19 45.39 50.24
CA TYR E 284 11.67 46.60 50.86
C TYR E 284 10.69 47.23 49.88
N TRP E 285 9.46 47.43 50.36
CA TRP E 285 8.45 48.04 49.53
C TRP E 285 8.75 49.52 49.41
N GLY E 286 8.53 50.08 48.22
CA GLY E 286 8.80 51.50 48.03
C GLY E 286 10.21 51.76 47.51
N GLY E 287 11.13 50.84 47.78
CA GLY E 287 12.49 51.00 47.31
C GLY E 287 13.41 51.73 48.28
N GLN E 288 13.13 53.01 48.51
CA GLN E 288 13.94 53.82 49.42
C GLN E 288 13.73 53.32 50.85
N TYR E 289 14.82 52.98 51.53
CA TYR E 289 14.74 52.52 52.92
C TYR E 289 15.92 53.03 53.74
N THR E 290 15.83 52.90 55.05
CA THR E 290 16.88 53.39 55.94
C THR E 290 17.35 52.40 56.99
N TRP E 291 18.52 52.69 57.54
CA TRP E 291 19.15 51.87 58.57
C TRP E 291 18.26 51.56 59.76
N ASP E 292 17.35 52.48 60.08
CA ASP E 292 16.44 52.29 61.20
C ASP E 292 15.26 51.40 60.82
N MET E 293 15.29 50.87 59.61
CA MET E 293 14.27 49.97 59.12
C MET E 293 14.86 48.56 59.00
N ALA E 294 16.13 48.50 58.60
CA ALA E 294 16.85 47.23 58.43
C ALA E 294 16.95 46.50 59.75
N LYS E 295 16.61 45.21 59.73
CA LYS E 295 16.62 44.37 60.93
C LYS E 295 17.93 44.38 61.73
N HIS E 296 19.05 44.69 61.07
CA HIS E 296 20.36 44.73 61.73
C HIS E 296 21.09 46.06 61.49
N GLY E 297 20.38 47.02 60.89
CA GLY E 297 20.96 48.31 60.60
C GLY E 297 21.95 48.31 59.45
N THR E 298 21.76 47.37 58.51
CA THR E 298 22.62 47.22 57.35
C THR E 298 21.79 47.22 56.08
N ASP E 299 22.38 47.65 54.97
CA ASP E 299 21.65 47.66 53.70
C ASP E 299 21.45 46.23 53.23
N ASP E 300 20.37 45.61 53.72
CA ASP E 300 20.04 44.23 53.39
C ASP E 300 18.99 44.04 52.29
N GLY E 301 18.67 45.12 51.56
CA GLY E 301 17.67 45.01 50.51
C GLY E 301 18.18 44.43 49.22
N VAL E 302 17.30 44.40 48.22
CA VAL E 302 17.62 43.90 46.90
C VAL E 302 18.37 45.06 46.26
N VAL E 303 19.64 45.15 46.63
CA VAL E 303 20.54 46.22 46.22
C VAL E 303 21.57 45.95 45.13
N TRP E 304 21.88 47.01 44.38
CA TRP E 304 22.90 47.03 43.33
C TRP E 304 23.49 48.42 43.47
N MET E 305 24.40 48.54 44.43
CA MET E 305 25.04 49.79 44.75
C MET E 305 25.51 50.64 43.58
N ASN E 306 26.24 50.04 42.66
CA ASN E 306 26.77 50.76 41.51
C ASN E 306 25.78 51.60 40.73
N TRP E 307 24.48 51.35 40.91
CA TRP E 307 23.46 52.11 40.20
C TRP E 307 22.70 53.13 41.05
N LYS E 308 22.08 52.67 42.12
CA LYS E 308 21.32 53.58 42.96
C LYS E 308 21.69 53.58 44.45
N GLY E 309 22.96 53.27 44.75
CA GLY E 309 23.41 53.27 46.14
C GLY E 309 22.97 52.05 46.93
N SER E 310 23.16 52.10 48.25
CA SER E 310 22.81 50.97 49.10
C SER E 310 21.51 51.09 49.89
N TRP E 311 20.86 52.25 49.81
CA TRP E 311 19.61 52.41 50.53
C TRP E 311 18.40 52.45 49.61
N TYR E 312 18.49 51.67 48.53
CA TYR E 312 17.44 51.55 47.55
C TYR E 312 17.35 50.10 47.12
N SER E 313 16.18 49.51 47.35
CA SER E 313 15.89 48.11 47.02
C SER E 313 15.10 48.11 45.71
N MET E 314 15.58 47.41 44.69
CA MET E 314 14.88 47.36 43.41
C MET E 314 13.48 46.76 43.52
N ARG E 315 12.63 47.10 42.56
CA ARG E 315 11.28 46.56 42.54
C ARG E 315 11.31 45.19 41.85
N LYS E 316 12.16 45.07 40.84
CA LYS E 316 12.33 43.83 40.08
C LYS E 316 13.82 43.55 39.90
N MET E 317 14.19 42.29 40.07
CA MET E 317 15.57 41.84 39.95
C MET E 317 15.56 40.40 39.45
N SER E 318 16.43 40.09 38.50
CA SER E 318 16.48 38.75 37.94
C SER E 318 17.83 38.37 37.38
N MET E 319 18.05 37.08 37.29
CA MET E 319 19.30 36.52 36.74
C MET E 319 18.95 35.39 35.78
N LYS E 320 19.32 35.56 34.53
CA LYS E 320 19.01 34.59 33.51
C LYS E 320 20.31 34.16 32.84
N ILE E 321 20.40 32.90 32.47
CA ILE E 321 21.60 32.39 31.82
C ILE E 321 21.32 31.80 30.45
N ARG E 322 22.40 31.59 29.69
CA ARG E 322 22.32 31.05 28.33
C ARG E 322 23.72 30.62 27.84
N PRO E 323 23.78 29.57 26.99
CA PRO E 323 25.01 28.99 26.42
C PRO E 323 25.82 29.86 25.42
N PHE E 324 26.77 29.22 24.76
CA PHE E 324 27.65 29.88 23.79
C PHE E 324 28.09 29.05 22.57
N PHE E 325 29.40 28.81 22.46
CA PHE E 325 29.97 28.06 21.34
C PHE E 325 31.41 27.56 21.61
N PRO E 326 32.35 28.47 21.96
CA PRO E 326 33.75 28.08 22.23
C PRO E 326 34.00 27.13 23.41
N TYR F 22 -0.84 55.83 82.83
CA TYR F 22 -0.24 56.93 83.62
C TYR F 22 1.22 57.19 83.23
N LEU F 23 2.07 57.31 84.25
CA LEU F 23 3.49 57.57 84.09
C LEU F 23 4.22 56.55 83.21
N GLN F 24 4.77 55.53 83.85
CA GLN F 24 5.52 54.47 83.18
C GLN F 24 4.63 53.28 82.86
N GLU F 25 3.32 53.46 82.98
CA GLU F 25 2.38 52.37 82.75
C GLU F 25 2.13 51.96 81.31
N ILE F 26 1.44 52.81 80.56
CA ILE F 26 1.11 52.55 79.16
C ILE F 26 2.35 52.24 78.31
N TYR F 27 3.48 52.83 78.69
CA TYR F 27 4.75 52.59 77.99
C TYR F 27 5.02 51.09 78.00
N ASN F 28 5.07 50.51 79.20
CA ASN F 28 5.32 49.08 79.34
C ASN F 28 4.14 48.23 78.88
N SER F 29 2.97 48.85 78.78
CA SER F 29 1.76 48.15 78.33
C SER F 29 2.02 47.56 76.95
N ASN F 30 2.12 48.43 75.97
CA ASN F 30 2.39 48.03 74.59
C ASN F 30 3.77 47.39 74.44
N ASN F 31 4.69 47.81 75.29
CA ASN F 31 6.05 47.28 75.26
C ASN F 31 6.07 45.80 75.58
N GLN F 32 5.21 45.38 76.49
CA GLN F 32 5.15 43.97 76.85
C GLN F 32 4.44 43.20 75.73
N LYS F 33 3.57 43.91 75.02
CA LYS F 33 2.80 43.35 73.91
C LYS F 33 3.70 43.03 72.72
N ILE F 34 4.75 43.83 72.56
CA ILE F 34 5.70 43.68 71.47
C ILE F 34 6.43 42.34 71.41
N VAL F 35 7.13 42.00 72.49
CA VAL F 35 7.87 40.76 72.56
C VAL F 35 7.05 39.56 72.13
N ASN F 36 5.81 39.49 72.61
CA ASN F 36 4.92 38.39 72.25
C ASN F 36 4.51 38.46 70.78
N LEU F 37 4.41 39.69 70.28
CA LEU F 37 4.03 39.90 68.89
C LEU F 37 5.16 39.39 67.99
N LYS F 38 6.40 39.68 68.37
CA LYS F 38 7.55 39.24 67.60
C LYS F 38 7.56 37.72 67.56
N GLU F 39 6.87 37.11 68.52
CA GLU F 39 6.77 35.66 68.59
C GLU F 39 5.73 35.16 67.61
N LYS F 40 4.65 35.91 67.47
CA LYS F 40 3.58 35.54 66.55
C LYS F 40 4.16 35.58 65.14
N VAL F 41 4.96 36.61 64.89
CA VAL F 41 5.60 36.81 63.59
C VAL F 41 6.40 35.59 63.20
N ALA F 42 7.26 35.17 64.11
CA ALA F 42 8.08 33.99 63.89
C ALA F 42 7.19 32.83 63.47
N GLN F 43 6.15 32.58 64.26
CA GLN F 43 5.20 31.50 63.97
C GLN F 43 4.58 31.69 62.59
N LEU F 44 4.33 32.95 62.22
CA LEU F 44 3.75 33.25 60.93
C LEU F 44 4.76 32.92 59.86
N GLU F 45 5.98 33.39 60.05
CA GLU F 45 7.07 33.18 59.12
C GLU F 45 7.19 31.71 58.74
N ALA F 46 7.01 30.85 59.73
CA ALA F 46 7.07 29.41 59.51
C ALA F 46 5.97 28.95 58.59
N GLN F 47 4.78 29.54 58.72
CA GLN F 47 3.65 29.17 57.87
C GLN F 47 3.81 29.61 56.44
N CYS F 48 4.77 30.49 56.19
CA CYS F 48 4.97 31.00 54.84
C CYS F 48 6.34 30.69 54.28
N GLN F 49 6.57 29.41 53.99
CA GLN F 49 7.85 28.98 53.45
C GLN F 49 7.66 28.10 52.22
N GLU F 50 6.59 27.29 52.26
CA GLU F 50 6.26 26.39 51.17
C GLU F 50 5.57 27.12 50.03
N PRO F 51 5.92 26.77 48.78
CA PRO F 51 5.33 27.38 47.59
C PRO F 51 3.90 26.87 47.36
N CYS F 52 3.21 27.46 46.38
CA CYS F 52 1.85 27.05 46.07
C CYS F 52 1.85 25.61 45.58
N LYS F 53 0.81 24.86 45.93
CA LYS F 53 0.72 23.49 45.47
C LYS F 53 0.31 23.42 44.00
N ASP F 54 1.10 22.69 43.22
CA ASP F 54 0.82 22.52 41.81
C ASP F 54 -0.01 21.24 41.69
N THR F 55 -1.19 21.37 41.11
CA THR F 55 -2.08 20.25 40.92
C THR F 55 -1.49 19.23 39.95
N VAL F 56 -0.69 19.70 38.98
CA VAL F 56 -0.10 18.76 38.03
C VAL F 56 1.02 17.94 38.66
N GLN F 57 0.93 16.63 38.49
CA GLN F 57 1.93 15.71 39.03
C GLN F 57 2.28 14.63 38.01
N ILE F 58 3.53 14.20 38.07
CA ILE F 58 4.04 13.17 37.19
C ILE F 58 4.30 11.91 38.02
N HIS F 59 3.69 10.81 37.62
CA HIS F 59 3.84 9.53 38.32
C HIS F 59 5.26 8.98 38.25
N ASP F 60 5.58 8.09 39.20
CA ASP F 60 6.92 7.51 39.28
C ASP F 60 7.29 6.43 38.27
N ILE F 61 6.29 5.73 37.74
CA ILE F 61 6.53 4.65 36.78
C ILE F 61 7.00 5.11 35.39
N THR F 62 7.86 4.30 34.77
CA THR F 62 8.39 4.56 33.43
C THR F 62 8.16 3.32 32.57
N GLY F 63 8.54 3.38 31.29
CA GLY F 63 8.36 2.24 30.40
C GLY F 63 8.67 2.47 28.93
N LYS F 64 8.54 1.42 28.14
CA LYS F 64 8.80 1.50 26.70
C LYS F 64 7.68 2.34 26.10
N ASP F 65 6.48 2.18 26.65
CA ASP F 65 5.30 2.90 26.23
C ASP F 65 4.25 2.85 27.32
N CYS F 66 3.08 3.42 27.06
CA CYS F 66 2.01 3.42 28.06
C CYS F 66 1.54 2.03 28.45
N GLN F 67 1.45 1.12 27.48
CA GLN F 67 1.00 -0.24 27.78
C GLN F 67 1.95 -0.89 28.76
N ASP F 68 3.24 -0.78 28.47
CA ASP F 68 4.29 -1.33 29.31
C ASP F 68 4.11 -0.89 30.76
N ILE F 69 3.74 0.37 30.93
CA ILE F 69 3.51 0.94 32.25
C ILE F 69 2.33 0.29 32.96
N ALA F 70 1.23 0.11 32.24
CA ALA F 70 0.04 -0.52 32.80
C ALA F 70 0.39 -1.93 33.29
N ASN F 71 1.30 -2.58 32.56
CA ASN F 71 1.76 -3.92 32.91
C ASN F 71 2.48 -3.87 34.24
N LYS F 72 3.11 -2.74 34.53
CA LYS F 72 3.83 -2.58 35.79
C LYS F 72 2.91 -2.15 36.92
N GLY F 73 1.61 -2.13 36.66
CA GLY F 73 0.66 -1.78 37.71
C GLY F 73 0.12 -0.37 37.77
N ALA F 74 0.26 0.39 36.69
CA ALA F 74 -0.25 1.77 36.66
C ALA F 74 -1.77 1.72 36.58
N LYS F 75 -2.44 2.39 37.50
CA LYS F 75 -3.90 2.36 37.50
C LYS F 75 -4.61 3.71 37.34
N GLN F 76 -4.04 4.61 36.57
CA GLN F 76 -4.66 5.92 36.36
C GLN F 76 -4.11 6.68 35.15
N SER F 77 -5.02 7.26 34.37
CA SER F 77 -4.65 8.04 33.19
C SER F 77 -3.97 9.33 33.61
N GLY F 78 -2.71 9.51 33.18
CA GLY F 78 -1.98 10.71 33.55
C GLY F 78 -0.66 10.88 32.82
N LEU F 79 0.18 11.76 33.35
CA LEU F 79 1.48 12.04 32.75
C LEU F 79 2.56 11.10 33.23
N TYR F 80 3.33 10.58 32.29
CA TYR F 80 4.42 9.67 32.61
C TYR F 80 5.56 9.89 31.63
N PHE F 81 6.76 9.55 32.07
CA PHE F 81 7.93 9.66 31.23
C PHE F 81 8.14 8.32 30.57
N ILE F 82 8.59 8.33 29.33
CA ILE F 82 8.89 7.08 28.63
C ILE F 82 10.17 7.25 27.84
N LYS F 83 10.74 6.13 27.43
CA LYS F 83 11.96 6.11 26.66
C LYS F 83 12.00 4.85 25.80
N PRO F 84 11.48 4.92 24.57
CA PRO F 84 11.45 3.78 23.66
C PRO F 84 12.84 3.16 23.52
N LEU F 85 12.89 1.87 23.18
CA LEU F 85 14.17 1.19 23.01
C LEU F 85 15.09 2.01 22.12
N LYS F 86 14.48 2.75 21.18
CA LYS F 86 15.22 3.58 20.25
C LYS F 86 15.68 4.93 20.81
N ALA F 87 14.90 5.48 21.74
CA ALA F 87 15.22 6.77 22.36
C ALA F 87 16.41 6.67 23.29
N ASN F 88 17.18 7.74 23.31
CA ASN F 88 18.36 7.83 24.15
C ASN F 88 18.13 8.95 25.16
N GLN F 89 16.88 9.38 25.26
CA GLN F 89 16.46 10.43 26.19
C GLN F 89 14.97 10.23 26.43
N GLN F 90 14.58 10.18 27.70
CA GLN F 90 13.18 9.99 28.05
C GLN F 90 12.38 11.25 27.77
N PHE F 91 11.07 11.09 27.71
CA PHE F 91 10.21 12.24 27.47
C PHE F 91 8.85 12.00 28.07
N LEU F 92 8.16 13.10 28.34
CA LEU F 92 6.84 13.02 28.96
C LEU F 92 5.73 12.78 27.95
N VAL F 93 4.77 11.96 28.36
CA VAL F 93 3.59 11.64 27.53
C VAL F 93 2.36 11.50 28.42
N TYR F 94 1.20 11.48 27.78
CA TYR F 94 -0.06 11.30 28.49
C TYR F 94 -0.56 9.88 28.20
N CYS F 95 -0.74 9.09 29.25
CA CYS F 95 -1.23 7.73 29.09
C CYS F 95 -2.66 7.57 29.52
N GLU F 96 -3.48 7.04 28.63
CA GLU F 96 -4.88 6.79 28.91
C GLU F 96 -4.98 5.35 29.35
N ILE F 97 -5.38 5.15 30.60
CA ILE F 97 -5.51 3.81 31.16
C ILE F 97 -6.95 3.45 31.54
N ASP F 98 -7.50 2.43 30.88
CA ASP F 98 -8.86 1.98 31.15
C ASP F 98 -8.89 0.90 32.26
N GLY F 99 -10.09 0.53 32.67
CA GLY F 99 -10.26 -0.48 33.71
C GLY F 99 -9.85 -1.87 33.28
N SER F 100 -9.91 -2.13 31.97
CA SER F 100 -9.53 -3.43 31.44
C SER F 100 -8.04 -3.67 31.65
N GLY F 101 -7.28 -2.58 31.67
CA GLY F 101 -5.84 -2.68 31.86
C GLY F 101 -5.03 -2.38 30.60
N ASN F 102 -5.58 -1.54 29.72
CA ASN F 102 -4.91 -1.18 28.49
C ASN F 102 -4.27 0.21 28.60
N GLY F 103 -3.00 0.29 28.21
CA GLY F 103 -2.27 1.55 28.26
C GLY F 103 -2.09 2.21 26.91
N TRP F 104 -2.97 3.17 26.63
CA TRP F 104 -2.93 3.91 25.38
C TRP F 104 -1.95 5.07 25.46
N THR F 105 -1.17 5.23 24.40
CA THR F 105 -0.21 6.33 24.35
C THR F 105 -0.81 7.33 23.37
N VAL F 106 -1.32 8.42 23.91
CA VAL F 106 -1.96 9.47 23.12
C VAL F 106 -0.94 10.42 22.53
N PHE F 107 -1.02 10.65 21.22
CA PHE F 107 -0.06 11.54 20.60
C PHE F 107 -0.70 12.78 19.99
N GLN F 108 -2.01 12.80 19.98
CA GLN F 108 -2.71 13.94 19.44
C GLN F 108 -4.05 14.06 20.14
N LYS F 109 -4.49 15.29 20.39
CA LYS F 109 -5.74 15.55 21.09
C LYS F 109 -6.25 16.96 20.82
N ARG F 110 -7.54 17.07 20.54
CA ARG F 110 -8.19 18.35 20.27
C ARG F 110 -9.46 18.45 21.15
N LEU F 111 -9.77 19.66 21.61
CA LEU F 111 -10.94 19.89 22.48
C LEU F 111 -11.63 21.22 22.18
N ASP F 112 -10.84 22.28 22.11
CA ASP F 112 -11.31 23.64 21.85
C ASP F 112 -10.32 24.26 20.85
N GLY F 113 -10.49 25.53 20.52
CA GLY F 113 -9.54 26.11 19.59
C GLY F 113 -8.33 26.70 20.28
N SER F 114 -7.93 26.15 21.43
CA SER F 114 -6.81 26.69 22.19
C SER F 114 -5.44 26.72 21.51
N VAL F 115 -5.04 25.63 20.88
CA VAL F 115 -3.74 25.58 20.22
C VAL F 115 -3.87 25.79 18.72
N ASP F 116 -2.92 26.55 18.16
CA ASP F 116 -2.92 26.80 16.73
C ASP F 116 -2.07 25.71 16.09
N PHE F 117 -2.73 24.80 15.38
CA PHE F 117 -2.00 23.73 14.74
C PHE F 117 -1.29 24.16 13.47
N LYS F 118 -1.27 25.47 13.20
CA LYS F 118 -0.57 25.99 12.04
C LYS F 118 0.88 26.21 12.48
N LYS F 119 1.59 25.12 12.71
CA LYS F 119 2.98 25.14 13.14
C LYS F 119 3.89 24.67 12.01
N ASN F 120 5.18 24.96 12.14
CA ASN F 120 6.15 24.58 11.12
C ASN F 120 6.68 23.17 11.35
N TRP F 121 7.52 22.73 10.43
CA TRP F 121 8.14 21.42 10.46
C TRP F 121 8.73 21.04 11.82
N ILE F 122 9.64 21.87 12.32
CA ILE F 122 10.34 21.67 13.59
C ILE F 122 9.36 21.44 14.74
N GLN F 123 8.37 22.31 14.83
CA GLN F 123 7.38 22.22 15.89
C GLN F 123 6.60 20.91 15.78
N TYR F 124 6.30 20.48 14.57
CA TYR F 124 5.59 19.24 14.40
C TYR F 124 6.50 18.05 14.71
N LYS F 125 7.81 18.27 14.55
CA LYS F 125 8.80 17.24 14.81
C LYS F 125 8.99 17.02 16.30
N GLU F 126 9.23 18.11 17.02
CA GLU F 126 9.45 18.05 18.45
C GLU F 126 8.14 18.07 19.25
N GLY F 127 7.06 18.47 18.58
CA GLY F 127 5.76 18.51 19.21
C GLY F 127 5.46 19.87 19.80
N PHE F 128 4.17 20.13 20.04
CA PHE F 128 3.72 21.39 20.60
C PHE F 128 2.40 21.18 21.32
N GLY F 129 2.08 22.11 22.22
CA GLY F 129 0.87 22.01 23.00
C GLY F 129 1.24 21.78 24.45
N HIS F 130 0.28 21.33 25.25
CA HIS F 130 0.54 21.05 26.66
C HIS F 130 -0.01 19.70 27.06
N LEU F 131 0.65 19.09 28.03
CA LEU F 131 0.25 17.79 28.55
C LEU F 131 -0.44 18.04 29.88
N SER F 132 -1.55 17.33 30.12
CA SER F 132 -2.29 17.50 31.36
C SER F 132 -2.70 16.14 31.90
N PRO F 133 -2.65 15.97 33.24
CA PRO F 133 -3.01 14.72 33.92
C PRO F 133 -4.50 14.41 33.76
N THR F 134 -5.28 15.46 33.56
CA THR F 134 -6.72 15.33 33.38
C THR F 134 -7.06 15.06 31.92
N GLY F 135 -6.05 15.14 31.05
CA GLY F 135 -6.27 14.90 29.64
C GLY F 135 -7.20 15.94 29.05
N THR F 136 -7.27 17.10 29.68
CA THR F 136 -8.14 18.15 29.21
C THR F 136 -7.38 19.27 28.52
N THR F 137 -6.41 18.90 27.70
CA THR F 137 -5.58 19.88 26.99
C THR F 137 -5.22 19.39 25.58
N GLU F 138 -5.02 20.31 24.65
CA GLU F 138 -4.68 19.97 23.26
C GLU F 138 -3.17 19.86 23.05
N PHE F 139 -2.78 19.00 22.11
CA PHE F 139 -1.37 18.83 21.84
C PHE F 139 -1.06 17.95 20.66
N TRP F 140 0.21 17.95 20.32
CA TRP F 140 0.74 17.16 19.25
C TRP F 140 2.09 16.71 19.79
N LEU F 141 2.17 15.47 20.23
CA LEU F 141 3.44 14.96 20.74
C LEU F 141 4.32 15.07 19.51
N GLY F 142 5.61 15.26 19.67
CA GLY F 142 6.41 15.35 18.47
C GLY F 142 6.33 14.15 17.52
N ASN F 143 6.51 14.41 16.23
CA ASN F 143 6.51 13.34 15.21
C ASN F 143 7.65 12.38 15.49
N GLU F 144 8.80 12.95 15.88
CA GLU F 144 9.98 12.18 16.19
C GLU F 144 9.71 11.20 17.34
N LYS F 145 8.86 11.63 18.28
CA LYS F 145 8.50 10.81 19.43
C LYS F 145 7.56 9.70 18.96
N ILE F 146 6.59 10.07 18.15
CA ILE F 146 5.65 9.11 17.62
C ILE F 146 6.44 8.04 16.87
N HIS F 147 7.45 8.49 16.14
CA HIS F 147 8.30 7.59 15.37
C HIS F 147 8.97 6.58 16.31
N LEU F 148 9.77 7.10 17.24
CA LEU F 148 10.52 6.28 18.19
C LEU F 148 9.70 5.25 18.91
N ILE F 149 8.44 5.60 19.16
CA ILE F 149 7.54 4.68 19.83
C ILE F 149 7.04 3.58 18.90
N SER F 150 6.27 3.98 17.88
CA SER F 150 5.69 3.06 16.92
C SER F 150 6.66 2.07 16.30
N THR F 151 7.90 2.49 16.15
CA THR F 151 8.89 1.61 15.54
C THR F 151 9.92 1.07 16.49
N GLN F 152 9.80 1.40 17.77
CA GLN F 152 10.79 0.94 18.74
C GLN F 152 11.04 -0.56 18.77
N SER F 153 10.04 -1.33 18.40
CA SER F 153 10.20 -2.77 18.42
C SER F 153 9.41 -3.48 17.33
N ALA F 154 9.62 -4.79 17.25
CA ALA F 154 8.96 -5.64 16.28
C ALA F 154 7.48 -5.75 16.55
N ILE F 155 7.08 -5.59 17.80
CA ILE F 155 5.68 -5.67 18.17
C ILE F 155 4.89 -4.60 17.43
N PRO F 156 3.86 -5.02 16.68
CA PRO F 156 3.04 -4.09 15.91
C PRO F 156 2.11 -3.24 16.78
N TYR F 157 1.91 -2.00 16.38
CA TYR F 157 1.03 -1.09 17.08
C TYR F 157 -0.24 -0.86 16.30
N ALA F 158 -1.27 -0.43 17.01
CA ALA F 158 -2.54 -0.14 16.40
C ALA F 158 -2.82 1.31 16.74
N LEU F 159 -3.32 2.03 15.74
CA LEU F 159 -3.65 3.41 15.92
C LEU F 159 -5.15 3.51 16.02
N ARG F 160 -5.64 4.13 17.09
CA ARG F 160 -7.07 4.35 17.21
C ARG F 160 -7.33 5.84 17.11
N VAL F 161 -8.35 6.18 16.34
CA VAL F 161 -8.75 7.56 16.14
C VAL F 161 -10.14 7.75 16.74
N GLU F 162 -10.23 8.53 17.81
CA GLU F 162 -11.52 8.80 18.44
C GLU F 162 -12.04 10.15 18.01
N LEU F 163 -13.28 10.15 17.52
CA LEU F 163 -13.93 11.37 17.05
C LEU F 163 -15.23 11.65 17.79
N GLU F 164 -15.50 12.92 18.07
CA GLU F 164 -16.72 13.31 18.75
C GLU F 164 -17.29 14.55 18.10
N ASP F 165 -18.54 14.46 17.67
CA ASP F 165 -19.22 15.60 17.03
C ASP F 165 -19.71 16.61 18.05
N TRP F 166 -20.46 17.59 17.55
CA TRP F 166 -20.98 18.65 18.39
C TRP F 166 -22.32 18.28 19.02
N ASN F 167 -22.67 17.00 18.95
CA ASN F 167 -23.91 16.50 19.53
C ASN F 167 -23.63 15.39 20.51
N GLY F 168 -22.38 15.31 20.96
CA GLY F 168 -21.99 14.30 21.93
C GLY F 168 -21.75 12.90 21.36
N ARG F 169 -22.13 12.67 20.11
CA ARG F 169 -21.93 11.36 19.49
C ARG F 169 -20.47 11.11 19.17
N THR F 170 -20.02 9.87 19.36
CA THR F 170 -18.63 9.51 19.11
C THR F 170 -18.49 8.25 18.25
N SER F 171 -17.34 8.13 17.59
CA SER F 171 -17.03 6.98 16.74
C SER F 171 -15.55 6.74 16.81
N THR F 172 -15.12 5.62 16.24
CA THR F 172 -13.70 5.32 16.24
C THR F 172 -13.29 4.71 14.91
N ALA F 173 -12.00 4.45 14.78
CA ALA F 173 -11.40 3.86 13.58
C ALA F 173 -10.02 3.31 13.96
N ASP F 174 -9.83 2.01 13.79
CA ASP F 174 -8.56 1.39 14.12
C ASP F 174 -7.79 1.00 12.87
N TYR F 175 -6.47 1.13 12.95
CA TYR F 175 -5.59 0.80 11.84
C TYR F 175 -4.46 -0.07 12.33
N ALA F 176 -4.40 -1.29 11.82
CA ALA F 176 -3.38 -2.25 12.19
C ALA F 176 -2.00 -1.91 11.62
N MET F 177 -0.95 -2.33 12.33
CA MET F 177 0.43 -2.07 11.94
C MET F 177 0.71 -0.61 11.64
N PHE F 178 0.24 0.26 12.53
CA PHE F 178 0.45 1.69 12.39
C PHE F 178 1.89 2.01 12.71
N LYS F 179 2.55 2.68 11.77
CA LYS F 179 3.94 3.06 11.94
C LYS F 179 4.21 4.40 11.27
N VAL F 180 5.09 5.17 11.90
CA VAL F 180 5.49 6.47 11.38
C VAL F 180 6.98 6.38 11.07
N GLY F 181 7.33 6.67 9.83
CA GLY F 181 8.72 6.58 9.42
C GLY F 181 9.65 7.62 10.03
N PRO F 182 10.96 7.44 9.84
CA PRO F 182 11.98 8.35 10.36
C PRO F 182 11.96 9.65 9.58
N GLU F 183 12.64 10.67 10.13
CA GLU F 183 12.68 11.97 9.49
C GLU F 183 13.30 11.86 8.11
N ALA F 184 14.24 10.93 7.96
CA ALA F 184 14.90 10.70 6.68
C ALA F 184 13.86 10.38 5.60
N ASP F 185 12.75 9.76 6.01
CA ASP F 185 11.69 9.41 5.08
C ASP F 185 10.50 10.33 5.33
N LYS F 186 10.78 11.49 5.93
CA LYS F 186 9.76 12.48 6.23
C LYS F 186 8.56 11.95 7.01
N TYR F 187 8.83 11.13 8.01
CA TYR F 187 7.80 10.57 8.89
C TYR F 187 6.56 10.08 8.15
N ARG F 188 6.79 9.19 7.20
CA ARG F 188 5.71 8.65 6.40
C ARG F 188 4.75 7.81 7.22
N LEU F 189 3.47 8.01 6.98
CA LEU F 189 2.45 7.26 7.67
C LEU F 189 2.23 5.92 6.98
N THR F 190 2.34 4.82 7.73
CA THR F 190 2.12 3.49 7.15
C THR F 190 1.25 2.71 8.11
N TYR F 191 0.51 1.77 7.55
CA TYR F 191 -0.35 0.89 8.32
C TYR F 191 -0.76 -0.23 7.38
N ALA F 192 -0.82 -1.45 7.90
CA ALA F 192 -1.19 -2.61 7.10
C ALA F 192 -2.62 -2.54 6.61
N TYR F 193 -3.56 -2.36 7.52
CA TYR F 193 -4.97 -2.29 7.16
C TYR F 193 -5.90 -1.63 8.19
N PHE F 194 -7.06 -1.23 7.69
CA PHE F 194 -8.08 -0.59 8.49
C PHE F 194 -8.70 -1.66 9.38
N ALA F 195 -8.39 -1.61 10.67
CA ALA F 195 -8.91 -2.61 11.59
C ALA F 195 -10.39 -2.48 11.95
N GLY F 196 -11.10 -1.55 11.32
CA GLY F 196 -12.53 -1.39 11.61
C GLY F 196 -12.92 -0.24 12.51
N GLY F 197 -14.20 0.13 12.47
CA GLY F 197 -14.70 1.23 13.28
C GLY F 197 -15.87 1.93 12.62
N ASP F 198 -16.80 2.43 13.42
CA ASP F 198 -17.98 3.09 12.92
C ASP F 198 -17.78 4.45 12.26
N ALA F 199 -16.57 5.00 12.39
CA ALA F 199 -16.24 6.30 11.80
C ALA F 199 -15.91 6.21 10.31
N GLY F 200 -15.58 5.01 9.85
CA GLY F 200 -15.25 4.83 8.45
C GLY F 200 -13.77 5.05 8.18
N ASP F 201 -13.26 4.42 7.12
CA ASP F 201 -11.85 4.52 6.77
C ASP F 201 -11.52 5.71 5.86
N ALA F 202 -11.27 6.87 6.48
CA ALA F 202 -10.94 8.05 5.70
C ALA F 202 -9.50 7.99 5.19
N PHE F 203 -8.65 7.23 5.88
CA PHE F 203 -7.26 7.10 5.47
C PHE F 203 -7.10 6.38 4.15
N ASP F 204 -8.23 5.96 3.58
CA ASP F 204 -8.18 5.25 2.33
C ASP F 204 -8.63 6.15 1.18
N GLY F 205 -8.96 7.38 1.49
CA GLY F 205 -9.41 8.30 0.46
C GLY F 205 -10.93 8.30 0.42
N PHE F 206 -11.50 9.27 -0.28
CA PHE F 206 -12.94 9.37 -0.39
C PHE F 206 -13.36 9.76 -1.80
N ASP F 207 -14.44 9.15 -2.26
CA ASP F 207 -14.99 9.42 -3.59
C ASP F 207 -15.85 10.68 -3.48
N PHE F 208 -15.22 11.84 -3.68
CA PHE F 208 -15.91 13.13 -3.58
C PHE F 208 -16.72 13.49 -4.84
N GLY F 209 -17.00 12.48 -5.63
CA GLY F 209 -17.79 12.66 -6.86
C GLY F 209 -16.89 13.15 -8.00
N ASP F 210 -17.54 13.61 -9.05
CA ASP F 210 -16.87 14.10 -10.26
C ASP F 210 -15.66 13.19 -10.58
N ASP F 211 -14.54 13.85 -10.83
CA ASP F 211 -13.25 13.21 -11.20
C ASP F 211 -13.02 11.85 -10.50
N PRO F 212 -12.68 10.79 -11.28
CA PRO F 212 -12.42 9.44 -10.74
C PRO F 212 -11.18 9.34 -9.81
N SER F 213 -10.19 10.19 -10.03
CA SER F 213 -8.89 10.18 -9.25
C SER F 213 -9.09 10.56 -7.79
N ASP F 214 -10.26 11.13 -7.49
CA ASP F 214 -10.65 11.59 -6.16
C ASP F 214 -10.21 10.71 -5.01
N LYS F 215 -10.83 9.54 -4.90
CA LYS F 215 -10.51 8.60 -3.83
C LYS F 215 -9.03 8.32 -3.74
N PHE F 216 -8.41 8.16 -4.89
CA PHE F 216 -6.99 7.89 -4.93
C PHE F 216 -6.20 9.05 -4.34
N PHE F 217 -6.49 10.25 -4.83
CA PHE F 217 -5.80 11.45 -4.37
C PHE F 217 -6.21 12.01 -3.02
N THR F 218 -6.92 11.24 -2.21
CA THR F 218 -7.33 11.70 -0.89
C THR F 218 -7.04 10.63 0.16
N SER F 219 -6.35 9.58 -0.27
CA SER F 219 -5.97 8.49 0.62
C SER F 219 -4.68 8.92 1.33
N HIS F 220 -4.48 8.43 2.55
CA HIS F 220 -3.30 8.83 3.33
C HIS F 220 -2.23 7.77 3.58
N ASN F 221 -2.54 6.50 3.33
CA ASN F 221 -1.56 5.46 3.56
C ASN F 221 -0.31 5.66 2.72
N GLY F 222 0.84 5.58 3.38
CA GLY F 222 2.10 5.74 2.68
C GLY F 222 2.46 7.18 2.33
N MET F 223 1.74 8.12 2.92
CA MET F 223 2.01 9.52 2.67
C MET F 223 3.04 10.07 3.64
N GLN F 224 3.85 11.00 3.16
CA GLN F 224 4.85 11.67 3.97
C GLN F 224 4.18 12.89 4.62
N PHE F 225 4.74 13.35 5.73
CA PHE F 225 4.19 14.51 6.43
C PHE F 225 4.55 15.79 5.70
N SER F 226 3.69 16.79 5.79
CA SER F 226 3.94 18.08 5.14
C SER F 226 3.56 19.28 6.02
N THR F 227 4.36 20.34 5.94
CA THR F 227 4.12 21.58 6.67
C THR F 227 4.22 22.69 5.63
N TRP F 228 3.80 23.90 5.99
CA TRP F 228 3.87 25.00 5.04
C TRP F 228 5.30 25.18 4.55
N ASP F 229 6.25 25.03 5.48
CA ASP F 229 7.66 25.19 5.18
C ASP F 229 8.36 23.92 4.67
N ASN F 230 7.60 22.85 4.50
CA ASN F 230 8.16 21.58 4.01
C ASN F 230 7.12 20.76 3.23
N ASP F 231 6.92 21.15 1.97
CA ASP F 231 5.96 20.54 1.04
C ASP F 231 6.40 19.17 0.52
N ASN F 232 5.68 18.14 0.94
CA ASN F 232 5.95 16.77 0.52
C ASN F 232 4.70 16.07 0.01
N ASP F 233 3.68 16.86 -0.35
CA ASP F 233 2.45 16.28 -0.86
C ASP F 233 2.59 15.92 -2.33
N LYS F 234 1.55 15.29 -2.87
CA LYS F 234 1.52 14.88 -4.27
C LYS F 234 0.69 15.90 -5.03
N PHE F 235 0.86 17.17 -4.68
CA PHE F 235 0.11 18.25 -5.27
C PHE F 235 1.09 19.30 -5.77
N GLU F 236 0.90 19.77 -6.99
CA GLU F 236 1.78 20.81 -7.55
C GLU F 236 1.82 22.02 -6.64
N GLY F 237 0.77 22.21 -5.84
CA GLY F 237 0.72 23.32 -4.91
C GLY F 237 1.12 22.85 -3.54
N ASN F 238 0.76 23.62 -2.53
CA ASN F 238 1.09 23.30 -1.15
C ASN F 238 -0.17 23.11 -0.31
N CYS F 239 -0.59 21.84 -0.17
CA CYS F 239 -1.76 21.48 0.61
C CYS F 239 -1.69 22.08 2.03
N ALA F 240 -0.56 21.90 2.69
CA ALA F 240 -0.35 22.41 4.03
C ALA F 240 -0.48 23.91 4.14
N GLU F 241 0.16 24.64 3.25
CA GLU F 241 0.04 26.09 3.34
C GLU F 241 -1.39 26.50 3.05
N GLN F 242 -2.02 25.82 2.12
CA GLN F 242 -3.39 26.13 1.75
C GLN F 242 -4.46 25.77 2.77
N ASP F 243 -4.19 24.78 3.60
CA ASP F 243 -5.17 24.38 4.61
C ASP F 243 -4.71 24.69 6.03
N GLY F 244 -3.55 25.34 6.13
CA GLY F 244 -2.98 25.74 7.40
C GLY F 244 -2.85 24.64 8.45
N SER F 245 -2.09 23.60 8.14
CA SER F 245 -1.89 22.50 9.09
C SER F 245 -0.63 21.71 8.83
N GLY F 246 -0.48 20.63 9.59
CA GLY F 246 0.66 19.73 9.45
C GLY F 246 -0.01 18.38 9.46
N TRP F 247 0.02 17.70 8.32
CA TRP F 247 -0.64 16.40 8.20
C TRP F 247 -0.02 15.63 7.05
N TRP F 248 -0.34 14.33 6.95
CA TRP F 248 0.17 13.48 5.88
C TRP F 248 -0.70 13.73 4.63
N MET F 249 -0.37 14.78 3.89
CA MET F 249 -1.11 15.19 2.70
C MET F 249 -0.74 14.45 1.41
N ASN F 250 -1.74 14.30 0.53
CA ASN F 250 -1.62 13.63 -0.76
C ASN F 250 -2.63 14.33 -1.66
N LYS F 251 -2.19 15.32 -2.44
CA LYS F 251 -3.12 16.10 -3.28
C LYS F 251 -4.33 16.37 -2.40
N CYS F 252 -3.90 16.61 -1.17
CA CYS F 252 -4.63 16.95 0.02
C CYS F 252 -5.23 15.88 0.93
N HIS F 253 -6.53 15.84 1.16
CA HIS F 253 -7.00 14.88 2.16
C HIS F 253 -8.47 14.49 2.24
N ALA F 254 -8.71 13.45 3.04
CA ALA F 254 -10.04 12.93 3.32
C ALA F 254 -10.16 12.86 4.86
N GLY F 255 -9.01 12.76 5.51
CA GLY F 255 -8.94 12.73 6.96
C GLY F 255 -7.99 13.86 7.29
N HIS F 256 -8.43 14.81 8.10
CA HIS F 256 -7.59 15.95 8.42
C HIS F 256 -7.75 16.40 9.86
N LEU F 257 -7.20 15.63 10.79
CA LEU F 257 -7.31 15.93 12.22
C LEU F 257 -6.56 17.13 12.80
N ASN F 258 -5.48 17.57 12.17
CA ASN F 258 -4.75 18.72 12.68
C ASN F 258 -5.25 19.99 12.01
N GLY F 259 -6.49 19.93 11.53
CA GLY F 259 -7.11 21.05 10.84
C GLY F 259 -7.56 22.21 11.71
N VAL F 260 -8.11 23.23 11.04
CA VAL F 260 -8.59 24.44 11.70
C VAL F 260 -9.83 24.16 12.52
N TYR F 261 -9.80 24.58 13.78
CA TYR F 261 -10.92 24.37 14.68
C TYR F 261 -12.04 25.36 14.44
N TYR F 262 -13.13 24.87 13.87
CA TYR F 262 -14.32 25.67 13.60
C TYR F 262 -15.32 25.42 14.72
N GLN F 263 -15.79 26.50 15.34
CA GLN F 263 -16.76 26.41 16.42
C GLN F 263 -18.12 26.01 15.81
N GLY F 264 -18.82 25.11 16.49
CA GLY F 264 -20.13 24.67 16.00
C GLY F 264 -20.08 23.48 15.06
N GLY F 265 -18.93 23.25 14.45
CA GLY F 265 -18.82 22.12 13.54
C GLY F 265 -19.02 22.50 12.09
N THR F 266 -20.24 22.91 11.75
CA THR F 266 -20.51 23.28 10.38
C THR F 266 -19.84 24.57 9.96
N TYR F 267 -19.44 24.61 8.69
CA TYR F 267 -18.80 25.80 8.10
C TYR F 267 -18.89 25.73 6.59
N SER F 268 -18.80 26.89 5.94
CA SER F 268 -18.86 26.98 4.49
C SER F 268 -17.50 27.39 3.97
N LYS F 269 -17.29 27.27 2.66
CA LYS F 269 -16.01 27.64 2.06
C LYS F 269 -15.77 29.13 2.22
N ALA F 270 -16.83 29.88 2.50
CA ALA F 270 -16.72 31.32 2.70
C ALA F 270 -15.86 31.55 3.93
N SER F 271 -16.16 30.80 4.99
CA SER F 271 -15.44 30.88 6.25
C SER F 271 -13.96 30.60 5.98
N THR F 272 -13.72 29.59 5.15
CA THR F 272 -12.34 29.20 4.81
C THR F 272 -11.61 30.28 4.06
N PRO F 273 -10.29 30.37 4.26
CA PRO F 273 -9.40 31.34 3.63
C PRO F 273 -9.18 31.09 2.15
N ASN F 274 -8.49 29.99 1.86
CA ASN F 274 -8.17 29.62 0.50
C ASN F 274 -9.35 28.99 -0.25
N GLY F 275 -10.51 28.93 0.40
CA GLY F 275 -11.69 28.38 -0.25
C GLY F 275 -11.83 26.87 -0.28
N TYR F 276 -11.08 26.18 0.57
CA TYR F 276 -11.11 24.71 0.64
C TYR F 276 -11.42 24.29 2.06
N ASP F 277 -11.87 23.05 2.20
CA ASP F 277 -12.17 22.50 3.51
C ASP F 277 -10.85 22.28 4.22
N ASN F 278 -10.69 22.91 5.38
CA ASN F 278 -9.45 22.79 6.15
C ASN F 278 -9.72 22.55 7.63
N GLY F 279 -10.96 22.19 7.94
CA GLY F 279 -11.30 21.92 9.31
C GLY F 279 -10.90 20.50 9.67
N ILE F 280 -11.21 20.11 10.90
CA ILE F 280 -10.92 18.77 11.39
C ILE F 280 -11.96 17.85 10.74
N ILE F 281 -11.60 17.25 9.60
CA ILE F 281 -12.56 16.40 8.89
C ILE F 281 -12.22 14.92 8.78
N TRP F 282 -13.26 14.11 8.59
CA TRP F 282 -13.18 12.66 8.42
C TRP F 282 -14.36 12.31 7.50
N ALA F 283 -14.15 12.52 6.20
CA ALA F 283 -15.14 12.31 5.14
C ALA F 283 -16.04 11.08 5.23
N THR F 284 -15.52 9.99 5.77
CA THR F 284 -16.31 8.77 5.91
C THR F 284 -17.32 8.83 7.04
N TRP F 285 -17.16 9.80 7.94
CA TRP F 285 -18.09 9.93 9.05
C TRP F 285 -18.98 11.15 8.92
N LYS F 286 -18.44 12.23 8.37
CA LYS F 286 -19.18 13.47 8.19
C LYS F 286 -18.75 14.16 6.91
N THR F 287 -19.53 15.14 6.48
CA THR F 287 -19.22 15.92 5.29
C THR F 287 -17.99 16.75 5.62
N ARG F 288 -17.22 17.10 4.59
CA ARG F 288 -16.02 17.90 4.78
C ARG F 288 -16.32 19.31 5.30
N TRP F 289 -17.59 19.69 5.26
CA TRP F 289 -18.00 21.00 5.75
C TRP F 289 -18.50 20.93 7.18
N TYR F 290 -18.03 19.90 7.87
CA TYR F 290 -18.35 19.66 9.26
C TYR F 290 -17.05 19.35 9.99
N SER F 291 -16.72 20.16 10.98
CA SER F 291 -15.51 20.00 11.76
C SER F 291 -15.86 19.44 13.13
N MET F 292 -15.12 18.40 13.55
CA MET F 292 -15.34 17.75 14.83
C MET F 292 -15.22 18.67 16.04
N LYS F 293 -15.70 18.20 17.18
CA LYS F 293 -15.64 18.93 18.44
C LYS F 293 -14.41 18.47 19.21
N LYS F 294 -14.22 17.15 19.32
CA LYS F 294 -13.07 16.58 20.01
C LYS F 294 -12.35 15.57 19.10
N THR F 295 -11.07 15.34 19.38
CA THR F 295 -10.27 14.43 18.58
C THR F 295 -9.19 13.77 19.40
N THR F 296 -8.85 12.53 19.05
CA THR F 296 -7.81 11.80 19.78
C THR F 296 -7.12 10.75 18.94
N MET F 297 -5.79 10.86 18.86
CA MET F 297 -5.00 9.88 18.13
C MET F 297 -4.11 9.26 19.20
N LYS F 298 -4.22 7.95 19.33
CA LYS F 298 -3.47 7.22 20.33
C LYS F 298 -3.17 5.84 19.84
N ILE F 299 -2.09 5.28 20.37
CA ILE F 299 -1.68 3.95 19.97
C ILE F 299 -1.50 3.00 21.11
N ILE F 300 -1.51 1.72 20.77
CA ILE F 300 -1.34 0.68 21.74
C ILE F 300 -0.89 -0.54 20.95
N PRO F 301 -0.10 -1.43 21.58
CA PRO F 301 0.38 -2.65 20.92
C PRO F 301 -0.82 -3.47 20.45
N PHE F 302 -0.78 -3.91 19.21
CA PHE F 302 -1.86 -4.68 18.59
C PHE F 302 -2.51 -5.77 19.46
N ASN F 303 -1.69 -6.61 20.09
CA ASN F 303 -2.14 -7.72 20.93
C ASN F 303 -3.26 -7.45 21.92
N ARG F 304 -3.34 -6.23 22.44
CA ARG F 304 -4.39 -5.87 23.39
C ARG F 304 -5.76 -5.97 22.72
N LEU F 305 -5.80 -5.73 21.41
CA LEU F 305 -7.04 -5.80 20.64
C LEU F 305 -7.37 -7.25 20.32
N THR F 306 -8.36 -7.79 21.04
CA THR F 306 -8.81 -9.16 20.87
C THR F 306 -7.75 -10.17 21.36
N GLY G 1 13.55 4.65 -18.88
CA GLY G 1 14.56 5.56 -18.30
C GLY G 1 14.03 6.98 -18.25
N HIS G 2 14.94 7.93 -18.05
CA HIS G 2 14.58 9.33 -17.99
C HIS G 2 14.52 9.94 -19.37
N ARG G 3 13.61 10.89 -19.52
CA ARG G 3 13.41 11.58 -20.76
C ARG G 3 13.62 13.06 -20.47
N PRO G 4 14.59 13.69 -21.15
CA PRO G 4 14.89 15.12 -20.94
C PRO G 4 13.79 16.04 -21.50
N GLY H 1 -9.78 17.92 1.32
CA GLY H 1 -10.49 17.36 0.13
C GLY H 1 -9.57 17.10 -1.03
N HIS H 2 -10.09 17.24 -2.25
CA HIS H 2 -9.32 17.05 -3.46
C HIS H 2 -8.90 18.39 -4.09
N ARG H 3 -8.03 18.32 -5.09
CA ARG H 3 -7.52 19.51 -5.78
C ARG H 3 -7.54 19.39 -7.31
N PRO H 4 -8.70 19.60 -7.94
CA PRO H 4 -8.85 19.51 -9.40
C PRO H 4 -8.31 20.75 -10.14
N GLY I 1 -24.61 -39.24 -54.41
CA GLY I 1 -25.53 -38.46 -55.30
C GLY I 1 -27.00 -38.76 -55.04
N HIS I 2 -27.71 -39.15 -56.11
CA HIS I 2 -29.14 -39.46 -56.03
C HIS I 2 -29.38 -40.97 -56.07
N ARG I 3 -30.58 -41.39 -55.68
CA ARG I 3 -30.95 -42.80 -55.69
C ARG I 3 -32.36 -43.02 -56.30
N PRO I 4 -32.41 -43.56 -57.54
CA PRO I 4 -33.67 -43.82 -58.23
C PRO I 4 -34.57 -44.81 -57.49
N GLY J 1 27.11 46.93 51.26
CA GLY J 1 28.30 47.70 51.69
C GLY J 1 29.44 46.83 52.17
N HIS J 2 30.52 47.48 52.62
CA HIS J 2 31.71 46.79 53.14
C HIS J 2 31.72 46.82 54.66
N ARG J 3 32.85 46.44 55.25
CA ARG J 3 32.98 46.45 56.69
C ARG J 3 33.98 47.49 57.18
N PRO J 4 33.48 48.56 57.83
CA PRO J 4 34.29 49.66 58.36
C PRO J 4 35.36 49.18 59.33
C1 NAG K . -33.31 -39.75 -64.67
C2 NAG K . -32.79 -41.18 -64.79
C3 NAG K . -33.47 -41.90 -65.95
C4 NAG K . -34.96 -42.02 -65.64
C5 NAG K . -35.41 -40.92 -64.65
C6 NAG K . -35.15 -41.26 -63.19
C7 NAG K . -30.54 -41.37 -63.93
C8 NAG K . -29.04 -41.35 -64.19
N2 NAG K . -31.34 -41.17 -64.97
O3 NAG K . -32.91 -43.18 -66.15
O4 NAG K . -35.71 -41.94 -66.84
O5 NAG K . -34.72 -39.69 -64.94
O6 NAG K . -36.25 -41.95 -62.62
O7 NAG K . -30.96 -41.59 -62.79
CA CA L . -34.32 -43.86 -45.18
CA CA M . 2.42 12.25 -23.72
CA CA N . 19.28 13.16 -10.61
C1 NAG O . 37.83 53.58 55.61
C2 NAG O . 38.13 54.54 54.46
C3 NAG O . 38.42 55.97 54.95
C4 NAG O . 37.42 56.43 56.02
C5 NAG O . 37.28 55.35 57.09
C6 NAG O . 36.28 55.72 58.18
C7 NAG O . 39.55 54.47 52.51
C8 NAG O . 40.82 53.92 51.86
N2 NAG O . 39.30 54.06 53.75
O3 NAG O . 38.39 56.88 53.85
O4 NAG O . 37.87 57.64 56.60
O5 NAG O . 36.83 54.13 56.48
O6 NAG O . 36.92 56.29 59.31
O7 NAG O . 38.82 55.23 51.88
CA CA P . 33.77 35.18 58.06
CA CA Q . 13.76 34.14 57.03
CA CA R . 3.64 20.08 -3.59
#